data_3S5U
#
_entry.id   3S5U
#
_cell.length_a   104.112
_cell.length_b   140.091
_cell.length_c   148.434
_cell.angle_alpha   90.00
_cell.angle_beta   90.00
_cell.angle_gamma   90.00
#
_symmetry.space_group_name_H-M   'P 21 21 21'
#
loop_
_entity.id
_entity.type
_entity.pdbx_description
1 polymer 'Putative uncharacterized protein'
2 non-polymer 'CALCIUM ION'
3 water water
#
_entity_poly.entity_id   1
_entity_poly.type   'polypeptide(L)'
_entity_poly.pdbx_seq_one_letter_code
;SMRVNFSLLEEPIEIEKATFLTIKDVQSFAHLVKLIYQYDGENELKLFDAQQKGLKPTELFVVTDILGYDVNSAATLKLI
YGDLEAQLNDKPEVKSMIEKLTGTISQLIGYELLEHEMDLEEDGIIVQELFKALGIKIETTSDTIFEKVMEITQVHRYLS
KKKLLIFINACTYLTEDEVQQVVEYISLNNVDVLFLEQRVVQNRFQYILDENFYLSYEKA
;
_entity_poly.pdbx_strand_id   A,B,C,D,E,F,G,H
#
# COMPACT_ATOMS: atom_id res chain seq x y z
N ARG A 3 -21.22 -40.27 7.18
CA ARG A 3 -20.35 -40.22 8.43
C ARG A 3 -20.54 -41.45 9.31
N VAL A 4 -19.40 -42.04 9.70
CA VAL A 4 -19.34 -43.39 10.30
C VAL A 4 -18.47 -43.39 11.57
N ASN A 5 -18.93 -44.05 12.63
CA ASN A 5 -18.10 -44.25 13.82
C ASN A 5 -18.20 -45.63 14.42
N PHE A 6 -17.11 -46.07 15.03
CA PHE A 6 -17.12 -47.31 15.74
C PHE A 6 -16.27 -47.23 16.97
N SER A 7 -16.74 -47.82 18.06
CA SER A 7 -15.89 -47.97 19.23
C SER A 7 -15.94 -49.37 19.84
N LEU A 8 -16.84 -49.55 20.79
CA LEU A 8 -17.07 -50.83 21.45
C LEU A 8 -18.09 -51.68 20.76
N LEU A 9 -18.86 -51.07 19.90
CA LEU A 9 -19.93 -51.76 19.23
C LEU A 9 -19.44 -52.88 18.34
N GLU A 10 -18.32 -52.69 17.67
CA GLU A 10 -17.82 -53.75 16.83
C GLU A 10 -18.71 -53.82 15.62
N GLU A 11 -19.60 -52.85 15.52
CA GLU A 11 -20.44 -52.65 14.38
C GLU A 11 -20.40 -51.16 14.10
N PRO A 12 -20.22 -50.75 12.86
CA PRO A 12 -20.23 -49.29 12.63
C PRO A 12 -21.63 -48.62 12.61
N ILE A 13 -21.77 -47.52 13.35
CA ILE A 13 -23.00 -46.73 13.31
C ILE A 13 -22.88 -45.74 12.17
N GLU A 14 -24.00 -45.44 11.54
CA GLU A 14 -23.95 -44.57 10.38
C GLU A 14 -24.70 -43.29 10.70
N ILE A 15 -24.02 -42.16 10.60
CA ILE A 15 -24.70 -40.90 10.89
C ILE A 15 -25.12 -40.21 9.62
N GLU A 16 -26.38 -40.34 9.30
CA GLU A 16 -26.88 -39.65 8.14
C GLU A 16 -27.98 -38.68 8.62
N LYS A 17 -27.78 -37.39 8.40
CA LYS A 17 -28.75 -36.39 8.87
C LYS A 17 -28.89 -36.50 10.39
N ALA A 18 -30.11 -36.58 10.92
CA ALA A 18 -30.27 -36.60 12.37
C ALA A 18 -30.36 -38.02 12.89
N THR A 19 -29.29 -38.53 13.50
CA THR A 19 -29.29 -39.92 13.99
C THR A 19 -29.10 -40.03 15.50
N PHE A 20 -29.92 -40.86 16.13
CA PHE A 20 -29.97 -40.94 17.57
C PHE A 20 -29.28 -42.16 18.13
N LEU A 21 -28.36 -41.96 19.07
CA LEU A 21 -27.73 -43.10 19.70
C LEU A 21 -27.90 -43.07 21.22
N THR A 22 -28.70 -43.99 21.74
CA THR A 22 -28.97 -44.10 23.16
C THR A 22 -28.13 -45.17 23.82
N ILE A 23 -27.45 -44.87 24.92
CA ILE A 23 -26.62 -45.89 25.57
C ILE A 23 -27.06 -46.07 26.99
N LYS A 24 -27.75 -47.19 27.24
CA LYS A 24 -28.42 -47.46 28.54
C LYS A 24 -27.52 -47.52 29.75
N ASP A 25 -26.39 -48.22 29.66
CA ASP A 25 -25.49 -48.45 30.79
C ASP A 25 -24.72 -47.17 31.11
N VAL A 26 -24.86 -46.58 32.30
CA VAL A 26 -24.19 -45.26 32.54
C VAL A 26 -22.71 -45.27 32.35
N GLN A 27 -22.02 -46.33 32.75
CA GLN A 27 -20.59 -46.33 32.55
C GLN A 27 -20.19 -46.25 31.10
N SER A 28 -20.83 -47.04 30.25
CA SER A 28 -20.51 -47.01 28.84
C SER A 28 -20.87 -45.67 28.23
N PHE A 29 -21.92 -45.04 28.75
CA PHE A 29 -22.25 -43.68 28.31
C PHE A 29 -21.21 -42.65 28.78
N ALA A 30 -20.75 -42.77 30.03
CA ALA A 30 -19.72 -41.89 30.56
C ALA A 30 -18.48 -42.11 29.73
N HIS A 31 -18.23 -43.33 29.33
CA HIS A 31 -17.03 -43.61 28.56
C HIS A 31 -17.10 -43.07 27.14
N LEU A 32 -18.21 -43.28 26.44
CA LEU A 32 -18.27 -42.74 25.08
C LEU A 32 -18.17 -41.24 25.09
N VAL A 33 -18.86 -40.61 26.04
CA VAL A 33 -18.68 -39.18 26.26
C VAL A 33 -17.22 -38.82 26.47
N LYS A 34 -16.53 -39.45 27.43
CA LYS A 34 -15.12 -39.11 27.61
C LYS A 34 -14.39 -39.20 26.28
N LEU A 35 -14.62 -40.27 25.50
CA LEU A 35 -13.95 -40.45 24.19
C LEU A 35 -14.20 -39.27 23.27
N ILE A 36 -15.44 -38.86 23.16
CA ILE A 36 -15.78 -37.73 22.31
C ILE A 36 -15.02 -36.44 22.62
N TYR A 37 -14.73 -36.18 23.90
CA TYR A 37 -13.98 -34.97 24.29
C TYR A 37 -12.47 -35.16 24.15
N GLN A 38 -12.02 -36.38 24.30
CA GLN A 38 -10.61 -36.68 24.04
C GLN A 38 -10.32 -36.89 22.56
N TYR A 39 -11.36 -36.84 21.72
CA TYR A 39 -11.28 -37.27 20.34
C TYR A 39 -10.00 -36.90 19.62
N ASP A 40 -9.57 -37.81 18.75
CA ASP A 40 -8.26 -37.70 18.12
C ASP A 40 -8.23 -38.07 16.64
N ASN A 43 -9.61 -47.08 20.75
CA ASN A 43 -10.18 -45.74 20.81
C ASN A 43 -11.40 -45.46 19.88
N GLU A 44 -11.50 -44.22 19.44
CA GLU A 44 -12.74 -43.74 18.86
C GLU A 44 -12.47 -43.15 17.50
N LEU A 45 -13.12 -43.70 16.49
CA LEU A 45 -12.70 -43.46 15.13
C LEU A 45 -13.86 -42.91 14.32
N LYS A 46 -13.55 -41.95 13.46
CA LYS A 46 -14.60 -41.20 12.77
C LYS A 46 -14.30 -40.97 11.29
N LEU A 47 -15.20 -41.46 10.44
CA LEU A 47 -14.93 -41.48 9.00
C LEU A 47 -16.02 -40.78 8.19
N GLN A 52 -12.74 -45.06 4.21
CA GLN A 52 -12.88 -43.63 3.88
C GLN A 52 -11.93 -42.75 4.74
N LYS A 53 -12.06 -41.43 4.66
CA LYS A 53 -11.16 -40.50 5.35
C LYS A 53 -11.57 -40.31 6.84
N GLY A 54 -10.59 -40.43 7.75
CA GLY A 54 -10.80 -40.23 9.17
C GLY A 54 -11.00 -38.74 9.44
N LEU A 55 -11.91 -38.43 10.36
CA LEU A 55 -12.24 -37.04 10.68
C LEU A 55 -11.09 -36.40 11.39
N LYS A 56 -10.81 -35.13 11.09
CA LYS A 56 -9.82 -34.36 11.85
C LYS A 56 -10.48 -33.86 13.15
N PRO A 57 -9.73 -33.85 14.30
CA PRO A 57 -10.21 -33.27 15.57
C PRO A 57 -10.92 -31.94 15.38
N THR A 58 -10.34 -31.07 14.56
CA THR A 58 -10.90 -29.78 14.24
C THR A 58 -12.26 -29.83 13.47
N GLU A 59 -12.66 -30.98 12.93
CA GLU A 59 -13.90 -31.05 12.13
C GLU A 59 -15.08 -31.57 12.96
N LEU A 60 -14.81 -31.74 14.26
CA LEU A 60 -15.78 -32.22 15.21
C LEU A 60 -16.29 -31.07 16.07
N PHE A 61 -17.59 -31.07 16.35
CA PHE A 61 -18.20 -29.98 17.07
C PHE A 61 -19.15 -30.62 18.09
N VAL A 62 -18.82 -30.38 19.36
CA VAL A 62 -19.52 -31.06 20.41
C VAL A 62 -20.16 -30.05 21.32
N VAL A 63 -21.43 -30.20 21.62
CA VAL A 63 -22.01 -29.42 22.68
C VAL A 63 -22.80 -30.25 23.65
N THR A 64 -22.50 -30.01 24.94
CA THR A 64 -23.27 -30.49 26.07
C THR A 64 -24.07 -29.38 26.74
N ASP A 65 -23.47 -28.22 26.92
CA ASP A 65 -24.13 -27.11 27.60
C ASP A 65 -24.67 -26.18 26.54
N ILE A 66 -25.94 -26.34 26.26
CA ILE A 66 -26.61 -25.61 25.22
C ILE A 66 -26.67 -24.10 25.50
N LEU A 67 -27.04 -23.72 26.71
CA LEU A 67 -27.19 -22.31 27.00
C LEU A 67 -25.88 -21.53 27.20
N GLY A 68 -24.86 -22.22 27.66
CA GLY A 68 -23.58 -21.58 27.86
C GLY A 68 -22.78 -21.44 26.59
N TYR A 69 -23.20 -22.12 25.53
CA TYR A 69 -22.45 -22.17 24.27
C TYR A 69 -22.46 -20.82 23.61
N ASP A 70 -21.27 -20.29 23.33
CA ASP A 70 -21.16 -18.97 22.72
C ASP A 70 -21.27 -19.02 21.20
N VAL A 71 -22.39 -18.55 20.71
CA VAL A 71 -22.71 -18.63 19.32
C VAL A 71 -22.29 -17.33 18.64
N ASN A 72 -21.99 -16.31 19.44
CA ASN A 72 -21.46 -15.03 18.96
C ASN A 72 -19.94 -14.91 19.15
N SER A 73 -19.21 -15.99 18.90
CA SER A 73 -17.75 -15.95 18.88
C SER A 73 -17.26 -15.12 17.71
N ALA A 74 -16.01 -14.66 17.80
CA ALA A 74 -15.44 -13.83 16.74
C ALA A 74 -15.53 -14.46 15.33
N ALA A 75 -15.28 -15.77 15.23
CA ALA A 75 -15.18 -16.47 13.92
C ALA A 75 -16.54 -16.66 13.25
N THR A 76 -17.56 -16.92 14.07
CA THR A 76 -18.91 -17.16 13.61
C THR A 76 -19.57 -15.87 13.10
N LEU A 77 -19.42 -14.81 13.87
CA LEU A 77 -19.85 -13.52 13.39
C LEU A 77 -19.19 -13.17 12.04
N LYS A 78 -17.92 -13.52 11.86
CA LYS A 78 -17.23 -13.23 10.60
C LYS A 78 -17.98 -13.75 9.38
N LEU A 79 -18.39 -15.01 9.43
CA LEU A 79 -19.19 -15.64 8.37
C LEU A 79 -20.57 -15.05 8.21
N ILE A 80 -21.23 -14.80 9.33
CA ILE A 80 -22.56 -14.20 9.33
C ILE A 80 -22.50 -12.84 8.66
N TYR A 81 -21.48 -12.04 8.99
CA TYR A 81 -21.30 -10.70 8.43
C TYR A 81 -20.93 -10.77 6.97
N GLY A 82 -20.15 -11.80 6.64
CA GLY A 82 -19.78 -12.07 5.26
C GLY A 82 -21.02 -12.36 4.44
N ASP A 83 -21.96 -13.11 5.02
CA ASP A 83 -23.15 -13.49 4.28
C ASP A 83 -24.15 -12.34 4.19
N LEU A 84 -24.22 -11.55 5.24
CA LEU A 84 -25.07 -10.38 5.28
C LEU A 84 -24.65 -9.35 4.24
N GLU A 85 -23.35 -9.17 4.07
CA GLU A 85 -22.85 -8.27 3.04
C GLU A 85 -23.18 -8.81 1.68
N ALA A 86 -23.00 -10.12 1.50
CA ALA A 86 -23.33 -10.80 0.24
C ALA A 86 -24.79 -10.60 -0.16
N GLN A 87 -25.66 -10.74 0.83
CA GLN A 87 -27.11 -10.65 0.69
C GLN A 87 -27.49 -9.25 0.27
N LEU A 88 -26.68 -8.31 0.73
CA LEU A 88 -26.96 -6.94 0.53
C LEU A 88 -26.29 -6.55 -0.79
N ASN A 89 -25.26 -7.29 -1.20
CA ASN A 89 -24.69 -7.16 -2.56
C ASN A 89 -25.70 -7.50 -3.65
N ASP A 90 -26.54 -8.48 -3.36
CA ASP A 90 -27.54 -8.94 -4.31
C ASP A 90 -28.80 -8.09 -4.29
N LYS A 91 -28.80 -7.01 -3.52
CA LYS A 91 -29.97 -6.13 -3.55
C LYS A 91 -29.51 -4.74 -3.86
N PRO A 92 -29.08 -4.52 -5.13
CA PRO A 92 -28.36 -3.29 -5.46
C PRO A 92 -29.17 -2.05 -5.15
N GLU A 93 -30.50 -2.10 -5.23
CA GLU A 93 -31.33 -0.93 -4.92
C GLU A 93 -31.24 -0.53 -3.45
N VAL A 94 -31.19 -1.53 -2.57
CA VAL A 94 -30.90 -1.30 -1.14
C VAL A 94 -29.43 -0.88 -0.89
N LYS A 95 -28.47 -1.58 -1.51
CA LYS A 95 -27.06 -1.27 -1.26
C LYS A 95 -26.80 0.13 -1.74
N SER A 96 -27.43 0.46 -2.84
CA SER A 96 -27.41 1.77 -3.39
C SER A 96 -27.87 2.81 -2.39
N MET A 97 -29.10 2.70 -1.86
CA MET A 97 -29.62 3.58 -0.77
C MET A 97 -28.58 3.70 0.34
N ILE A 98 -28.02 2.58 0.77
CA ILE A 98 -27.13 2.60 1.90
C ILE A 98 -25.92 3.46 1.60
N GLU A 99 -25.40 3.24 0.40
CA GLU A 99 -24.23 3.98 -0.03
C GLU A 99 -24.45 5.50 -0.07
N LYS A 100 -25.63 5.93 -0.53
CA LYS A 100 -25.98 7.33 -0.58
C LYS A 100 -26.20 7.91 0.82
N LEU A 101 -26.90 7.19 1.70
CA LEU A 101 -26.99 7.59 3.11
C LEU A 101 -25.60 7.74 3.80
N THR A 102 -24.69 6.79 3.58
CA THR A 102 -23.38 6.88 4.23
C THR A 102 -22.53 7.97 3.57
N GLY A 103 -22.69 8.12 2.28
CA GLY A 103 -22.06 9.19 1.57
C GLY A 103 -22.47 10.54 2.09
N THR A 104 -23.74 10.70 2.44
CA THR A 104 -24.23 11.97 2.87
C THR A 104 -23.71 12.28 4.24
N ILE A 105 -23.73 11.28 5.11
CA ILE A 105 -23.19 11.43 6.44
C ILE A 105 -21.73 11.86 6.33
N SER A 106 -21.01 11.33 5.35
CA SER A 106 -19.60 11.70 5.19
C SER A 106 -19.33 13.11 4.67
N GLN A 107 -20.08 13.55 3.67
CA GLN A 107 -20.05 14.95 3.28
C GLN A 107 -20.33 15.89 4.45
N LEU A 108 -21.52 15.74 5.04
CA LEU A 108 -21.90 16.43 6.28
C LEU A 108 -20.78 16.60 7.26
N ILE A 109 -20.17 15.50 7.68
CA ILE A 109 -19.24 15.51 8.79
C ILE A 109 -17.95 16.04 8.27
N GLY A 110 -17.62 15.64 7.04
CA GLY A 110 -16.53 16.28 6.30
C GLY A 110 -16.47 17.79 6.51
N TYR A 111 -17.58 18.52 6.27
CA TYR A 111 -17.65 19.97 6.49
C TYR A 111 -17.21 20.39 7.86
N GLU A 112 -17.60 19.61 8.86
CA GLU A 112 -17.34 19.92 10.26
C GLU A 112 -15.86 19.84 10.53
N LEU A 113 -15.20 18.91 9.87
CA LEU A 113 -13.78 18.75 10.12
C LEU A 113 -13.09 19.99 9.60
N LEU A 114 -13.56 20.47 8.47
CA LEU A 114 -12.98 21.64 7.86
C LEU A 114 -13.16 22.84 8.78
N GLU A 115 -14.36 23.02 9.32
CA GLU A 115 -14.62 24.16 10.17
C GLU A 115 -13.90 23.91 11.47
N HIS A 116 -13.49 22.68 11.73
CA HIS A 116 -12.74 22.42 12.96
C HIS A 116 -11.36 22.98 12.76
N GLU A 117 -10.81 23.48 13.89
CA GLU A 117 -9.59 24.27 13.91
C GLU A 117 -8.31 23.44 13.81
N MET A 118 -8.39 22.13 14.03
CA MET A 118 -7.24 21.25 13.81
C MET A 118 -7.29 20.66 12.41
N ASP A 119 -6.19 19.99 12.01
CA ASP A 119 -6.06 19.44 10.64
C ASP A 119 -6.69 18.04 10.50
N LEU A 120 -8.01 17.98 10.40
CA LEU A 120 -8.68 16.69 10.55
C LEU A 120 -8.82 15.99 9.24
N GLU A 121 -8.95 14.68 9.30
CA GLU A 121 -8.98 13.87 8.11
C GLU A 121 -9.94 12.68 8.34
N GLU A 122 -10.57 12.19 7.27
CA GLU A 122 -11.42 10.99 7.40
C GLU A 122 -11.21 10.06 6.22
N ASP A 123 -11.43 8.77 6.41
CA ASP A 123 -11.56 7.88 5.26
C ASP A 123 -13.01 7.80 4.83
N GLY A 124 -13.66 6.66 4.99
CA GLY A 124 -15.07 6.51 4.66
C GLY A 124 -15.71 5.33 5.37
N ILE A 125 -16.94 5.04 4.98
CA ILE A 125 -17.71 4.03 5.69
C ILE A 125 -18.07 2.94 4.71
N ILE A 126 -17.60 1.73 5.01
CA ILE A 126 -17.95 0.58 4.23
C ILE A 126 -18.95 -0.22 5.03
N VAL A 127 -19.64 -1.17 4.42
CA VAL A 127 -20.70 -1.86 5.12
C VAL A 127 -20.25 -2.61 6.38
N GLN A 128 -19.05 -3.21 6.36
CA GLN A 128 -18.62 -3.99 7.51
C GLN A 128 -18.52 -3.09 8.69
N GLU A 129 -18.09 -1.85 8.46
CA GLU A 129 -18.05 -0.85 9.50
C GLU A 129 -19.44 -0.64 10.09
N LEU A 130 -20.47 -0.65 9.24
CA LEU A 130 -21.83 -0.53 9.67
C LEU A 130 -22.26 -1.74 10.46
N PHE A 131 -21.83 -2.92 10.10
CA PHE A 131 -22.29 -4.08 10.86
C PHE A 131 -21.76 -3.99 12.29
N LYS A 132 -20.49 -3.64 12.39
CA LYS A 132 -19.84 -3.49 13.64
C LYS A 132 -20.43 -2.35 14.48
N ALA A 133 -20.91 -1.30 13.85
CA ALA A 133 -21.43 -0.16 14.57
C ALA A 133 -22.79 -0.48 15.13
N LEU A 134 -23.67 -1.00 14.25
CA LEU A 134 -24.86 -1.72 14.69
C LEU A 134 -24.26 -2.85 15.53
N GLY A 135 -24.94 -3.42 16.49
CA GLY A 135 -24.17 -4.41 17.25
C GLY A 135 -24.61 -5.79 16.87
N ILE A 136 -24.39 -6.14 15.60
CA ILE A 136 -25.09 -7.25 14.97
C ILE A 136 -24.60 -8.59 15.48
N LYS A 137 -25.52 -9.34 16.05
CA LYS A 137 -25.26 -10.60 16.68
C LYS A 137 -26.51 -11.46 16.62
N ILE A 138 -26.35 -12.71 17.04
CA ILE A 138 -27.47 -13.59 17.18
C ILE A 138 -28.13 -13.31 18.52
N GLU A 139 -29.45 -13.28 18.55
CA GLU A 139 -30.11 -12.95 19.78
C GLU A 139 -30.10 -14.20 20.63
N THR A 140 -29.69 -14.07 21.89
CA THR A 140 -29.64 -15.22 22.79
C THR A 140 -30.25 -14.98 24.20
N THR A 141 -30.23 -13.75 24.67
CA THR A 141 -30.72 -13.44 26.02
C THR A 141 -32.11 -14.01 26.38
N SER A 142 -33.05 -14.04 25.43
CA SER A 142 -34.39 -14.57 25.71
C SER A 142 -34.62 -16.01 25.19
N ASP A 143 -33.52 -16.73 24.98
CA ASP A 143 -33.56 -18.07 24.41
C ASP A 143 -34.08 -19.13 25.36
N THR A 144 -34.97 -19.99 24.87
CA THR A 144 -35.26 -21.25 25.53
C THR A 144 -34.26 -22.26 25.00
N ILE A 145 -34.22 -23.43 25.61
CA ILE A 145 -33.23 -24.42 25.21
C ILE A 145 -33.54 -24.84 23.79
N PHE A 146 -34.82 -24.82 23.46
CA PHE A 146 -35.22 -25.18 22.12
C PHE A 146 -34.72 -24.16 21.10
N GLU A 147 -34.97 -22.89 21.38
CA GLU A 147 -34.56 -21.83 20.50
C GLU A 147 -33.06 -21.89 20.31
N LYS A 148 -32.33 -22.14 21.39
CA LYS A 148 -30.89 -22.20 21.31
C LYS A 148 -30.38 -23.42 20.52
N VAL A 149 -31.03 -24.57 20.70
CA VAL A 149 -30.58 -25.78 20.02
C VAL A 149 -30.63 -25.45 18.57
N MET A 150 -31.70 -24.83 18.14
CA MET A 150 -31.89 -24.49 16.75
C MET A 150 -30.74 -23.61 16.28
N GLU A 151 -30.49 -22.51 17.00
CA GLU A 151 -29.37 -21.61 16.73
C GLU A 151 -28.02 -22.34 16.64
N ILE A 152 -27.80 -23.36 17.46
CA ILE A 152 -26.56 -24.12 17.37
C ILE A 152 -26.50 -24.96 16.11
N THR A 153 -27.64 -25.48 15.69
CA THR A 153 -27.71 -26.31 14.49
C THR A 153 -27.44 -25.48 13.24
N GLN A 154 -27.99 -24.29 13.19
CA GLN A 154 -27.79 -23.37 12.08
C GLN A 154 -26.32 -22.88 11.92
N VAL A 155 -25.68 -22.59 13.04
CA VAL A 155 -24.25 -22.26 13.04
C VAL A 155 -23.48 -23.41 12.43
N HIS A 156 -23.94 -24.61 12.68
CA HIS A 156 -23.36 -25.79 12.10
C HIS A 156 -23.64 -25.82 10.61
N ARG A 157 -24.83 -25.42 10.20
CA ARG A 157 -25.13 -25.32 8.79
C ARG A 157 -24.09 -24.44 8.10
N TYR A 158 -23.67 -23.37 8.78
CA TYR A 158 -22.72 -22.42 8.24
C TYR A 158 -21.29 -22.91 8.32
N LEU A 159 -20.90 -23.34 9.52
CA LEU A 159 -19.54 -23.82 9.73
C LEU A 159 -19.30 -25.10 8.93
N SER A 160 -19.00 -24.89 7.64
CA SER A 160 -18.80 -25.95 6.66
C SER A 160 -17.53 -26.73 6.94
N LYS A 161 -16.57 -26.11 7.63
CA LYS A 161 -15.44 -26.89 8.16
C LYS A 161 -15.85 -27.91 9.24
N LYS A 162 -16.96 -27.66 9.96
CA LYS A 162 -17.43 -28.61 10.99
C LYS A 162 -18.30 -29.69 10.41
N LYS A 163 -17.76 -30.91 10.39
CA LYS A 163 -18.37 -32.00 9.66
C LYS A 163 -19.44 -32.72 10.44
N LEU A 164 -19.27 -32.72 11.76
CA LEU A 164 -20.19 -33.38 12.67
C LEU A 164 -20.41 -32.63 13.96
N LEU A 165 -21.68 -32.41 14.25
CA LEU A 165 -22.11 -31.87 15.50
C LEU A 165 -22.62 -33.05 16.33
N ILE A 166 -22.08 -33.21 17.53
CA ILE A 166 -22.64 -34.14 18.48
C ILE A 166 -23.33 -33.38 19.59
N PHE A 167 -24.63 -33.53 19.72
CA PHE A 167 -25.32 -33.14 20.93
C PHE A 167 -25.26 -34.24 21.98
N ILE A 168 -25.04 -33.84 23.22
CA ILE A 168 -25.05 -34.79 24.29
C ILE A 168 -26.12 -34.45 25.30
N ASN A 169 -27.01 -35.40 25.59
CA ASN A 169 -28.10 -35.23 26.54
C ASN A 169 -29.02 -34.11 26.14
N ALA A 170 -28.98 -33.67 24.89
CA ALA A 170 -29.80 -32.51 24.51
C ALA A 170 -31.25 -32.82 24.58
N CYS A 171 -31.61 -34.09 24.41
CA CYS A 171 -33.00 -34.47 24.32
C CYS A 171 -33.70 -34.52 25.68
N THR A 172 -32.92 -34.69 26.74
CA THR A 172 -33.51 -34.64 28.07
C THR A 172 -34.21 -33.31 28.31
N TYR A 173 -34.00 -32.32 27.44
CA TYR A 173 -34.59 -30.97 27.60
C TYR A 173 -35.79 -30.65 26.70
N LEU A 174 -36.01 -31.47 25.68
CA LEU A 174 -36.97 -31.13 24.61
C LEU A 174 -38.24 -31.99 24.61
N THR A 175 -39.38 -31.37 24.29
CA THR A 175 -40.66 -32.08 24.08
C THR A 175 -40.62 -32.81 22.72
N GLU A 176 -41.42 -33.85 22.56
CA GLU A 176 -41.24 -34.71 21.40
C GLU A 176 -41.41 -34.03 20.04
N ASP A 177 -42.39 -33.13 19.92
CA ASP A 177 -42.53 -32.33 18.70
C ASP A 177 -41.38 -31.31 18.52
N GLU A 178 -40.70 -31.01 19.61
CA GLU A 178 -39.56 -30.14 19.51
C GLU A 178 -38.39 -30.87 18.86
N VAL A 179 -38.24 -32.14 19.17
CA VAL A 179 -37.19 -32.97 18.58
C VAL A 179 -37.46 -33.16 17.10
N GLN A 180 -38.73 -33.10 16.73
CA GLN A 180 -39.12 -33.38 15.36
C GLN A 180 -38.84 -32.19 14.47
N GLN A 181 -38.93 -30.98 15.02
CA GLN A 181 -38.66 -29.77 14.25
C GLN A 181 -37.17 -29.56 14.05
N VAL A 182 -36.37 -30.02 15.02
CA VAL A 182 -34.92 -30.02 14.88
C VAL A 182 -34.52 -31.01 13.78
N VAL A 183 -35.08 -32.22 13.83
CA VAL A 183 -34.83 -33.24 12.81
C VAL A 183 -35.24 -32.79 11.42
N GLU A 184 -36.45 -32.26 11.32
CA GLU A 184 -36.92 -31.65 10.07
C GLU A 184 -35.97 -30.58 9.50
N TYR A 185 -35.42 -29.72 10.37
CA TYR A 185 -34.42 -28.74 9.93
C TYR A 185 -33.14 -29.42 9.41
N ILE A 186 -32.63 -30.42 10.16
CA ILE A 186 -31.39 -31.13 9.82
C ILE A 186 -31.54 -31.93 8.52
N SER A 187 -32.71 -32.56 8.38
CA SER A 187 -33.07 -33.26 7.15
C SER A 187 -32.99 -32.27 6.01
N LEU A 188 -33.73 -31.17 6.13
CA LEU A 188 -33.88 -30.19 5.05
C LEU A 188 -32.59 -29.48 4.63
N ASN A 189 -31.60 -29.35 5.51
CA ASN A 189 -30.40 -28.60 5.20
C ASN A 189 -29.17 -29.44 5.05
N ASN A 190 -29.34 -30.73 4.82
CA ASN A 190 -28.20 -31.59 4.53
C ASN A 190 -26.96 -31.46 5.45
N VAL A 191 -27.21 -31.40 6.76
CA VAL A 191 -26.15 -31.49 7.78
C VAL A 191 -26.24 -32.80 8.61
N ASP A 192 -25.14 -33.17 9.26
CA ASP A 192 -25.16 -34.41 10.00
C ASP A 192 -24.88 -34.26 11.48
N VAL A 193 -25.78 -34.81 12.28
CA VAL A 193 -25.69 -34.65 13.72
C VAL A 193 -26.12 -35.89 14.47
N LEU A 194 -25.41 -36.15 15.55
CA LEU A 194 -25.59 -37.29 16.39
C LEU A 194 -26.17 -36.77 17.68
N PHE A 195 -27.23 -37.38 18.17
CA PHE A 195 -27.69 -37.07 19.51
C PHE A 195 -27.31 -38.22 20.37
N LEU A 196 -26.49 -37.94 21.38
CA LEU A 196 -26.06 -38.96 22.28
C LEU A 196 -26.82 -38.83 23.59
N GLU A 197 -27.59 -39.87 23.92
CA GLU A 197 -28.52 -39.89 25.04
C GLU A 197 -28.20 -41.08 25.87
N GLN A 198 -28.58 -41.04 27.15
CA GLN A 198 -28.40 -42.16 28.06
C GLN A 198 -29.77 -42.73 28.38
N ARG A 199 -30.82 -41.93 28.16
CA ARG A 199 -32.20 -42.37 28.34
C ARG A 199 -32.89 -42.27 26.98
N VAL A 200 -33.69 -43.28 26.65
CA VAL A 200 -34.32 -43.46 25.33
C VAL A 200 -35.20 -42.28 24.92
N VAL A 201 -35.12 -41.86 23.66
CA VAL A 201 -35.93 -40.72 23.18
C VAL A 201 -37.21 -41.31 22.68
N GLN A 202 -38.35 -40.79 23.13
CA GLN A 202 -39.62 -41.47 22.83
C GLN A 202 -40.10 -41.28 21.38
N ASN A 203 -40.89 -42.25 20.92
CA ASN A 203 -41.55 -42.28 19.59
C ASN A 203 -40.71 -42.05 18.33
N ARG A 204 -39.48 -42.57 18.34
CA ARG A 204 -38.69 -42.54 17.12
C ARG A 204 -37.64 -43.64 16.99
N PHE A 205 -37.09 -43.77 15.79
CA PHE A 205 -36.10 -44.78 15.52
C PHE A 205 -34.72 -44.30 15.98
N GLN A 206 -33.97 -45.20 16.63
CA GLN A 206 -32.70 -44.88 17.20
C GLN A 206 -31.85 -46.12 17.40
N TYR A 207 -30.55 -45.96 17.40
CA TYR A 207 -29.70 -47.01 17.91
C TYR A 207 -29.89 -47.04 19.40
N ILE A 208 -29.93 -48.25 19.94
CA ILE A 208 -29.93 -48.47 21.37
C ILE A 208 -28.95 -49.57 21.70
N LEU A 209 -27.93 -49.24 22.47
CA LEU A 209 -27.18 -50.25 23.18
C LEU A 209 -27.81 -50.39 24.58
N ASP A 210 -28.32 -51.57 24.91
CA ASP A 210 -29.10 -51.71 26.15
C ASP A 210 -28.33 -52.07 27.45
N GLU A 211 -29.05 -52.37 28.54
CA GLU A 211 -28.42 -52.65 29.82
C GLU A 211 -27.39 -53.79 29.68
N ASN A 212 -27.73 -54.81 28.91
CA ASN A 212 -26.75 -55.77 28.35
C ASN A 212 -26.14 -55.13 27.09
N PHE A 213 -25.26 -55.82 26.37
CA PHE A 213 -24.64 -55.09 25.25
C PHE A 213 -25.20 -55.40 23.87
N TYR A 214 -26.52 -55.46 23.85
CA TYR A 214 -27.29 -55.69 22.64
C TYR A 214 -27.63 -54.38 21.85
N LEU A 215 -26.97 -54.24 20.71
CA LEU A 215 -27.15 -53.13 19.81
C LEU A 215 -28.31 -53.40 18.86
N SER A 216 -29.28 -52.51 18.83
CA SER A 216 -30.41 -52.68 17.94
C SER A 216 -30.92 -51.36 17.36
N TYR A 217 -31.53 -51.40 16.18
CA TYR A 217 -32.09 -50.19 15.63
C TYR A 217 -33.60 -50.19 15.82
N GLU A 218 -34.02 -50.29 17.07
CA GLU A 218 -35.46 -50.35 17.37
C GLU A 218 -36.17 -49.00 17.27
N LYS A 219 -37.27 -48.92 17.98
CA LYS A 219 -38.05 -47.70 18.13
C LYS A 219 -38.57 -47.71 19.58
N ALA A 220 -39.25 -46.64 20.02
CA ALA A 220 -39.89 -46.56 21.36
C ALA A 220 -41.44 -46.56 21.31
N ARG B 3 12.79 33.80 -53.39
CA ARG B 3 12.91 35.28 -53.38
C ARG B 3 11.77 35.80 -52.52
N VAL B 4 12.13 36.54 -51.46
CA VAL B 4 11.17 36.99 -50.42
C VAL B 4 11.42 38.49 -50.10
N ASN B 5 10.59 39.07 -49.24
CA ASN B 5 10.58 40.52 -48.93
C ASN B 5 10.19 40.81 -47.47
N PHE B 6 11.13 41.31 -46.67
CA PHE B 6 10.86 41.65 -45.27
C PHE B 6 10.35 43.11 -45.16
N SER B 7 9.85 43.49 -43.99
CA SER B 7 9.09 44.72 -43.84
C SER B 7 9.50 45.56 -42.62
N PRO B 12 11.41 48.37 -46.30
CA PRO B 12 10.88 47.78 -47.54
C PRO B 12 11.94 46.94 -48.27
N ILE B 13 12.60 46.04 -47.54
CA ILE B 13 13.80 45.32 -48.01
C ILE B 13 13.59 43.82 -48.38
N GLU B 14 14.16 43.39 -49.51
CA GLU B 14 13.95 42.04 -50.01
C GLU B 14 15.17 41.16 -49.83
N ILE B 15 14.94 39.84 -49.89
CA ILE B 15 15.95 38.81 -49.61
C ILE B 15 16.18 37.88 -50.80
N GLU B 16 17.11 38.20 -51.67
CA GLU B 16 17.35 37.28 -52.74
C GLU B 16 18.66 36.57 -52.44
N LYS B 17 18.56 35.26 -52.25
CA LYS B 17 19.68 34.40 -51.87
C LYS B 17 20.26 34.75 -50.51
N ALA B 18 21.55 34.96 -50.47
CA ALA B 18 22.18 35.35 -49.23
C ALA B 18 22.20 36.84 -49.18
N THR B 19 21.49 37.39 -48.21
CA THR B 19 21.43 38.81 -48.04
C THR B 19 21.70 39.10 -46.61
N PHE B 20 22.29 40.24 -46.37
CA PHE B 20 22.70 40.62 -45.06
C PHE B 20 21.98 41.87 -44.61
N LEU B 21 21.67 41.92 -43.32
CA LEU B 21 21.11 43.09 -42.71
C LEU B 21 21.87 43.35 -41.42
N THR B 22 22.51 44.52 -41.35
CA THR B 22 23.23 44.97 -40.18
C THR B 22 22.45 46.10 -39.54
N ILE B 23 21.96 45.91 -38.33
CA ILE B 23 21.20 46.93 -37.65
C ILE B 23 22.17 47.47 -36.63
N LYS B 24 22.45 48.77 -36.72
CA LYS B 24 23.56 49.35 -36.02
C LYS B 24 23.29 49.74 -34.58
N ASP B 25 22.04 50.11 -34.31
CA ASP B 25 21.60 50.58 -33.01
C ASP B 25 21.40 49.35 -32.12
N VAL B 26 22.18 49.21 -31.05
CA VAL B 26 22.09 47.99 -30.24
C VAL B 26 20.68 47.77 -29.76
N GLN B 27 20.01 48.86 -29.37
CA GLN B 27 18.62 48.74 -28.95
C GLN B 27 17.73 48.36 -30.09
N SER B 28 17.98 48.90 -31.28
CA SER B 28 17.18 48.50 -32.44
C SER B 28 17.40 47.04 -32.79
N PHE B 29 18.60 46.52 -32.49
CA PHE B 29 18.95 45.14 -32.80
C PHE B 29 18.21 44.15 -31.91
N ALA B 30 18.36 44.37 -30.61
CA ALA B 30 17.66 43.64 -29.56
C ALA B 30 16.17 43.63 -29.77
N HIS B 31 15.63 44.71 -30.33
CA HIS B 31 14.21 44.81 -30.52
C HIS B 31 13.81 44.00 -31.70
N LEU B 32 14.58 44.05 -32.79
CA LEU B 32 14.18 43.31 -34.01
C LEU B 32 14.27 41.81 -33.81
N VAL B 33 15.19 41.40 -32.95
CA VAL B 33 15.34 39.99 -32.68
C VAL B 33 14.08 39.53 -31.95
N LYS B 34 13.68 40.29 -30.93
CA LYS B 34 12.41 40.08 -30.22
C LYS B 34 11.21 39.98 -31.16
N LEU B 35 11.22 40.74 -32.27
CA LEU B 35 10.11 40.69 -33.21
C LEU B 35 10.08 39.41 -34.00
N ILE B 36 11.26 38.81 -34.24
CA ILE B 36 11.38 37.64 -35.12
C ILE B 36 11.03 36.37 -34.35
N TYR B 37 11.48 36.32 -33.09
CA TYR B 37 11.12 35.23 -32.18
C TYR B 37 9.67 35.31 -31.70
N GLN B 38 9.08 36.51 -31.72
CA GLN B 38 7.63 36.69 -31.53
C GLN B 38 6.83 36.58 -32.82
N TYR B 39 7.50 36.31 -33.95
CA TYR B 39 6.84 36.47 -35.28
C TYR B 39 5.36 36.03 -35.38
N ASP B 40 4.49 36.99 -35.73
CA ASP B 40 3.00 36.82 -35.81
C ASP B 40 2.49 36.59 -37.23
N LYS B 56 3.61 33.03 -43.01
CA LYS B 56 3.11 31.98 -42.12
C LYS B 56 4.22 31.36 -41.21
N PRO B 57 4.02 31.41 -39.87
CA PRO B 57 5.06 31.05 -38.87
C PRO B 57 5.50 29.57 -38.87
N THR B 58 5.13 28.83 -39.90
CA THR B 58 5.60 27.46 -40.07
C THR B 58 6.54 27.42 -41.29
N GLU B 59 6.60 28.55 -42.00
CA GLU B 59 7.49 28.75 -43.15
C GLU B 59 8.73 29.58 -42.73
N LEU B 60 8.80 29.89 -41.44
CA LEU B 60 9.88 30.69 -40.86
C LEU B 60 10.74 29.86 -39.89
N PHE B 61 12.05 30.07 -40.02
CA PHE B 61 13.08 29.14 -39.61
C PHE B 61 14.21 30.04 -39.14
N VAL B 62 14.36 30.15 -37.83
CA VAL B 62 15.25 31.08 -37.17
C VAL B 62 16.24 30.32 -36.32
N VAL B 63 17.52 30.62 -36.52
CA VAL B 63 18.58 30.04 -35.69
C VAL B 63 19.64 31.02 -35.25
N THR B 64 19.88 30.97 -33.95
CA THR B 64 20.88 31.73 -33.25
C THR B 64 21.91 30.76 -32.66
N ASP B 65 21.42 29.64 -32.17
CA ASP B 65 22.22 28.64 -31.52
C ASP B 65 22.56 27.66 -32.62
N ILE B 66 23.70 27.85 -33.27
CA ILE B 66 24.03 27.04 -34.42
C ILE B 66 24.40 25.62 -34.02
N LEU B 67 25.34 25.44 -33.10
CA LEU B 67 25.75 24.10 -32.79
C LEU B 67 24.57 23.34 -32.21
N GLY B 68 23.77 24.05 -31.42
CA GLY B 68 22.63 23.47 -30.72
C GLY B 68 21.53 23.01 -31.63
N TYR B 69 21.47 23.55 -32.83
CA TYR B 69 20.31 23.30 -33.67
C TYR B 69 20.20 21.86 -34.12
N ASP B 70 19.10 21.22 -33.75
CA ASP B 70 18.97 19.79 -33.95
C ASP B 70 18.63 19.53 -35.41
N VAL B 71 19.66 19.14 -36.15
CA VAL B 71 19.58 18.93 -37.57
C VAL B 71 19.12 17.49 -37.87
N ASN B 72 19.23 16.59 -36.91
CA ASN B 72 18.71 15.23 -37.06
C ASN B 72 17.39 14.95 -36.32
N SER B 73 16.54 15.95 -36.29
CA SER B 73 15.19 15.81 -35.77
C SER B 73 14.51 14.78 -36.65
N ALA B 74 13.46 14.13 -36.11
CA ALA B 74 12.77 13.06 -36.82
C ALA B 74 12.04 13.55 -38.03
N ALA B 75 11.52 14.76 -37.95
CA ALA B 75 10.84 15.36 -39.09
C ALA B 75 11.86 15.57 -40.19
N THR B 76 13.08 15.95 -39.79
CA THR B 76 14.10 16.29 -40.76
C THR B 76 14.58 15.01 -41.46
N LEU B 77 14.94 14.02 -40.66
CA LEU B 77 15.36 12.71 -41.12
C LEU B 77 14.32 12.02 -41.95
N LYS B 78 13.06 12.18 -41.57
CA LYS B 78 11.98 11.67 -42.41
C LYS B 78 12.16 12.23 -43.82
N LEU B 79 12.45 13.51 -43.97
CA LEU B 79 12.52 14.09 -45.33
C LEU B 79 13.76 13.69 -46.13
N ILE B 80 14.87 13.46 -45.43
CA ILE B 80 16.13 13.05 -46.08
C ILE B 80 16.08 11.60 -46.49
N TYR B 81 15.33 10.82 -45.72
CA TYR B 81 15.17 9.39 -46.00
C TYR B 81 14.37 9.16 -47.26
N GLY B 82 13.28 9.92 -47.41
CA GLY B 82 12.42 9.83 -48.58
C GLY B 82 13.25 10.18 -49.78
N ASP B 83 14.15 11.14 -49.61
CA ASP B 83 15.04 11.56 -50.67
C ASP B 83 16.10 10.50 -50.97
N LEU B 84 16.69 9.90 -49.93
CA LEU B 84 17.62 8.82 -50.17
C LEU B 84 16.93 7.72 -50.96
N GLU B 85 15.68 7.43 -50.63
CA GLU B 85 14.91 6.38 -51.30
C GLU B 85 14.60 6.71 -52.78
N ALA B 86 14.05 7.89 -53.02
CA ALA B 86 13.80 8.32 -54.38
C ALA B 86 15.10 8.21 -55.17
N GLN B 87 16.21 8.39 -54.47
CA GLN B 87 17.49 8.36 -55.13
C GLN B 87 17.79 6.91 -55.48
N LEU B 88 17.66 6.04 -54.47
CA LEU B 88 17.94 4.62 -54.65
C LEU B 88 17.07 4.00 -55.74
N ASN B 89 15.84 4.47 -55.89
CA ASN B 89 14.94 4.01 -56.95
C ASN B 89 15.46 4.41 -58.34
N ASP B 90 16.37 5.37 -58.41
CA ASP B 90 17.02 5.70 -59.67
C ASP B 90 18.38 5.04 -59.74
N LYS B 91 18.54 3.95 -58.99
CA LYS B 91 19.76 3.18 -59.07
C LYS B 91 19.41 1.71 -58.93
N PRO B 92 18.80 1.15 -60.01
CA PRO B 92 18.21 -0.19 -60.02
C PRO B 92 19.18 -1.35 -59.74
N GLU B 93 20.35 -1.35 -60.31
CA GLU B 93 21.22 -2.50 -60.06
C GLU B 93 21.57 -2.51 -58.57
N VAL B 94 21.65 -1.32 -57.99
CA VAL B 94 21.87 -1.16 -56.56
C VAL B 94 20.59 -1.52 -55.80
N LYS B 95 19.47 -0.94 -56.23
CA LYS B 95 18.19 -1.22 -55.59
C LYS B 95 18.00 -2.71 -55.52
N SER B 96 18.11 -3.38 -56.66
CA SER B 96 17.87 -4.81 -56.67
C SER B 96 18.99 -5.62 -55.95
N MET B 97 20.24 -5.18 -55.98
CA MET B 97 21.25 -5.89 -55.15
C MET B 97 20.82 -5.87 -53.67
N ILE B 98 20.27 -4.75 -53.24
CA ILE B 98 19.84 -4.62 -51.85
C ILE B 98 18.76 -5.66 -51.56
N GLU B 99 17.77 -5.71 -52.46
CA GLU B 99 16.55 -6.57 -52.29
C GLU B 99 16.96 -7.99 -52.13
N LYS B 100 17.85 -8.40 -53.05
CA LYS B 100 18.39 -9.75 -53.10
C LYS B 100 19.02 -10.06 -51.75
N LEU B 101 19.78 -9.11 -51.21
CA LEU B 101 20.40 -9.29 -49.90
C LEU B 101 19.41 -9.47 -48.73
N THR B 102 18.43 -8.57 -48.62
CA THR B 102 17.44 -8.62 -47.56
C THR B 102 16.75 -9.98 -47.64
N GLY B 103 16.51 -10.43 -48.86
CA GLY B 103 15.92 -11.73 -49.10
C GLY B 103 16.68 -12.84 -48.40
N THR B 104 17.97 -12.92 -48.70
CA THR B 104 18.82 -13.98 -48.18
C THR B 104 18.77 -13.93 -46.68
N ILE B 105 18.71 -12.73 -46.12
CA ILE B 105 18.69 -12.58 -44.68
C ILE B 105 17.42 -13.18 -44.05
N SER B 106 16.26 -12.75 -44.54
CA SER B 106 14.99 -13.27 -44.07
C SER B 106 15.00 -14.76 -44.14
N GLN B 107 15.59 -15.31 -45.19
CA GLN B 107 15.55 -16.74 -45.40
C GLN B 107 16.31 -17.34 -44.27
N LEU B 108 17.50 -16.80 -44.03
CA LEU B 108 18.38 -17.33 -43.01
C LEU B 108 17.78 -17.23 -41.61
N ILE B 109 17.40 -16.03 -41.23
CA ILE B 109 16.68 -15.82 -39.98
C ILE B 109 15.44 -16.73 -39.89
N GLY B 110 14.72 -16.86 -41.01
CA GLY B 110 13.46 -17.59 -41.05
C GLY B 110 13.48 -19.06 -40.68
N TYR B 111 14.64 -19.71 -40.86
CA TYR B 111 14.75 -21.10 -40.42
C TYR B 111 14.78 -21.18 -38.91
N GLU B 112 15.51 -20.26 -38.28
CA GLU B 112 15.75 -20.34 -36.85
C GLU B 112 14.52 -19.88 -36.07
N LEU B 113 13.55 -19.32 -36.79
CA LEU B 113 12.23 -19.02 -36.24
C LEU B 113 11.42 -20.29 -36.14
N LEU B 114 11.45 -21.08 -37.21
CA LEU B 114 10.72 -22.34 -37.20
C LEU B 114 11.26 -23.31 -36.17
N GLU B 115 12.59 -23.34 -36.03
CA GLU B 115 13.27 -24.27 -35.12
C GLU B 115 13.10 -23.83 -33.68
N HIS B 116 11.97 -23.16 -33.44
CA HIS B 116 11.70 -22.50 -32.19
C HIS B 116 10.29 -22.84 -31.80
N GLU B 117 10.20 -23.23 -30.55
CA GLU B 117 9.03 -23.79 -29.89
C GLU B 117 7.76 -22.97 -30.15
N MET B 118 7.91 -21.66 -30.26
CA MET B 118 6.75 -20.81 -30.42
C MET B 118 6.43 -20.60 -31.87
N ASP B 119 5.30 -19.96 -32.09
CA ASP B 119 4.69 -19.80 -33.40
C ASP B 119 5.17 -18.42 -33.87
N LEU B 120 6.43 -18.39 -34.30
CA LEU B 120 7.08 -17.15 -34.71
C LEU B 120 6.91 -16.79 -36.20
N GLU B 121 6.96 -15.49 -36.47
CA GLU B 121 6.48 -14.94 -37.70
C GLU B 121 7.34 -13.75 -38.07
N GLU B 122 7.57 -13.54 -39.35
CA GLU B 122 8.35 -12.39 -39.81
C GLU B 122 7.80 -11.81 -41.08
N ASP B 123 7.98 -10.51 -41.27
CA ASP B 123 7.69 -9.88 -42.55
C ASP B 123 8.97 -9.50 -43.36
N GLY B 124 8.82 -8.69 -44.39
CA GLY B 124 10.00 -8.22 -45.15
C GLY B 124 10.80 -7.14 -44.43
N ILE B 125 12.00 -6.85 -44.95
CA ILE B 125 12.75 -5.64 -44.58
C ILE B 125 12.65 -4.69 -45.74
N ILE B 126 12.04 -3.54 -45.52
CA ILE B 126 11.85 -2.58 -46.60
C ILE B 126 12.92 -1.51 -46.46
N VAL B 127 13.16 -0.71 -47.50
CA VAL B 127 14.41 0.07 -47.50
C VAL B 127 14.51 1.06 -46.33
N GLN B 128 13.40 1.70 -46.00
CA GLN B 128 13.44 2.69 -44.94
C GLN B 128 13.70 2.08 -43.57
N GLU B 129 13.34 0.83 -43.40
CA GLU B 129 13.72 0.11 -42.21
C GLU B 129 15.23 -0.13 -42.17
N LEU B 130 15.88 -0.22 -43.34
CA LEU B 130 17.34 -0.36 -43.38
C LEU B 130 18.03 0.90 -42.94
N PHE B 131 17.53 2.02 -43.44
CA PHE B 131 18.06 3.34 -43.12
C PHE B 131 18.03 3.60 -41.62
N LYS B 132 16.93 3.25 -40.98
CA LYS B 132 16.80 3.35 -39.54
C LYS B 132 17.80 2.48 -38.76
N ALA B 133 18.01 1.25 -39.22
CA ALA B 133 18.94 0.32 -38.59
C ALA B 133 20.41 0.66 -38.85
N LEU B 134 20.74 1.15 -40.04
CA LEU B 134 22.01 1.84 -40.24
C LEU B 134 21.72 3.09 -39.47
N GLY B 135 22.61 4.03 -39.33
CA GLY B 135 22.23 5.03 -38.35
C GLY B 135 22.03 6.34 -39.00
N ILE B 136 21.57 6.29 -40.24
CA ILE B 136 21.82 7.34 -41.21
C ILE B 136 21.37 8.66 -40.65
N LYS B 137 22.34 9.57 -40.56
CA LYS B 137 22.14 10.90 -40.04
C LYS B 137 23.26 11.79 -40.54
N ILE B 138 23.12 13.09 -40.34
CA ILE B 138 24.13 14.07 -40.70
C ILE B 138 25.10 14.09 -39.58
N GLU B 139 26.40 13.99 -39.89
CA GLU B 139 27.42 13.95 -38.86
C GLU B 139 27.62 15.32 -38.20
N THR B 140 27.41 15.38 -36.90
CA THR B 140 27.48 16.65 -36.20
C THR B 140 28.61 16.71 -35.19
N THR B 141 28.97 15.58 -34.58
CA THR B 141 29.86 15.56 -33.40
C THR B 141 31.22 16.31 -33.51
N SER B 142 31.75 16.31 -34.73
CA SER B 142 33.03 16.90 -35.00
C SER B 142 32.89 18.37 -35.44
N ASP B 143 31.68 18.76 -35.86
CA ASP B 143 31.40 20.09 -36.46
C ASP B 143 32.07 21.30 -35.83
N THR B 144 32.67 22.12 -36.69
CA THR B 144 32.98 23.52 -36.37
C THR B 144 31.71 24.32 -36.63
N ILE B 145 31.63 25.56 -36.18
CA ILE B 145 30.44 26.34 -36.43
C ILE B 145 30.19 26.46 -37.93
N PHE B 146 31.27 26.74 -38.66
CA PHE B 146 31.26 26.86 -40.11
C PHE B 146 30.61 25.65 -40.78
N GLU B 147 31.21 24.48 -40.62
CA GLU B 147 30.60 23.26 -41.14
C GLU B 147 29.11 23.20 -40.80
N LYS B 148 28.70 23.51 -39.58
CA LYS B 148 27.30 23.41 -39.25
C LYS B 148 26.42 24.39 -40.02
N VAL B 149 26.90 25.60 -40.27
CA VAL B 149 26.13 26.53 -41.07
C VAL B 149 25.84 25.92 -42.42
N MET B 150 26.82 25.22 -42.98
CA MET B 150 26.65 24.57 -44.26
C MET B 150 25.51 23.54 -44.18
N GLU B 151 25.61 22.59 -43.26
CA GLU B 151 24.58 21.56 -43.09
C GLU B 151 23.21 22.20 -42.86
N ILE B 152 23.12 23.13 -41.91
CA ILE B 152 21.89 23.89 -41.68
C ILE B 152 21.39 24.47 -43.00
N THR B 153 22.30 24.78 -43.92
CA THR B 153 21.86 25.26 -45.24
C THR B 153 21.22 24.19 -46.10
N GLN B 154 21.88 23.04 -46.29
CA GLN B 154 21.29 21.89 -46.99
C GLN B 154 19.88 21.54 -46.42
N VAL B 155 19.79 21.37 -45.11
CA VAL B 155 18.51 21.17 -44.44
C VAL B 155 17.42 22.15 -44.89
N HIS B 156 17.75 23.42 -45.05
CA HIS B 156 16.74 24.39 -45.48
C HIS B 156 16.32 24.14 -46.92
N ARG B 157 17.19 23.50 -47.69
CA ARG B 157 16.89 23.15 -49.07
C ARG B 157 15.97 21.92 -49.11
N TYR B 158 16.10 21.05 -48.12
CA TYR B 158 15.23 19.87 -48.06
C TYR B 158 13.84 20.21 -47.62
N LEU B 159 13.73 21.00 -46.55
CA LEU B 159 12.46 21.52 -46.09
C LEU B 159 11.95 22.59 -47.06
N SER B 160 11.21 22.16 -48.08
CA SER B 160 10.54 23.07 -49.02
C SER B 160 9.62 24.07 -48.30
N LYS B 161 8.81 23.59 -47.36
CA LYS B 161 7.84 24.46 -46.64
C LYS B 161 8.49 25.60 -45.87
N LYS B 162 9.75 25.43 -45.50
CA LYS B 162 10.53 26.52 -44.91
C LYS B 162 11.08 27.39 -46.05
N LYS B 163 10.61 28.64 -46.09
CA LYS B 163 10.99 29.48 -47.23
C LYS B 163 12.06 30.54 -46.94
N LEU B 164 11.92 31.19 -45.79
CA LEU B 164 13.01 32.00 -45.26
C LEU B 164 13.75 31.40 -44.04
N LEU B 165 15.07 31.33 -44.16
CA LEU B 165 15.91 31.03 -42.99
C LEU B 165 16.60 32.31 -42.48
N ILE B 166 16.58 32.50 -41.17
CA ILE B 166 17.23 33.64 -40.61
C ILE B 166 18.27 33.24 -39.58
N PHE B 167 19.51 33.65 -39.87
CA PHE B 167 20.65 33.48 -39.01
C PHE B 167 20.94 34.78 -38.29
N ILE B 168 21.03 34.70 -36.97
CA ILE B 168 21.33 35.88 -36.15
C ILE B 168 22.71 35.74 -35.51
N ASN B 169 23.62 36.65 -35.84
CA ASN B 169 24.98 36.63 -35.31
C ASN B 169 25.91 35.56 -35.88
N ALA B 170 25.56 34.92 -37.00
CA ALA B 170 26.38 33.87 -37.57
C ALA B 170 27.78 34.39 -37.89
N CYS B 171 27.84 35.62 -38.37
CA CYS B 171 29.09 36.17 -38.81
C CYS B 171 30.08 36.47 -37.71
N THR B 172 29.68 36.45 -36.45
CA THR B 172 30.65 36.61 -35.40
C THR B 172 31.54 35.38 -35.23
N TYR B 173 31.15 34.25 -35.83
CA TYR B 173 31.89 32.98 -35.69
C TYR B 173 32.73 32.67 -36.90
N LEU B 174 32.50 33.38 -38.01
CA LEU B 174 33.05 33.03 -39.31
C LEU B 174 34.10 33.99 -39.76
N THR B 175 35.19 33.49 -40.31
CA THR B 175 36.14 34.34 -41.02
C THR B 175 35.57 34.87 -42.35
N GLU B 176 36.20 35.89 -42.92
CA GLU B 176 35.77 36.48 -44.19
C GLU B 176 35.66 35.49 -45.37
N ASP B 177 36.63 34.58 -45.48
CA ASP B 177 36.51 33.60 -46.55
C ASP B 177 35.42 32.58 -46.24
N GLU B 178 35.35 32.10 -45.00
CA GLU B 178 34.26 31.25 -44.55
C GLU B 178 32.91 31.83 -44.92
N VAL B 179 32.69 33.09 -44.59
CA VAL B 179 31.48 33.80 -44.98
C VAL B 179 31.19 33.67 -46.47
N GLN B 180 32.18 33.93 -47.33
CA GLN B 180 32.03 33.83 -48.80
C GLN B 180 31.61 32.43 -49.28
N GLN B 181 32.30 31.40 -48.77
CA GLN B 181 31.92 30.02 -49.05
C GLN B 181 30.47 29.75 -48.67
N VAL B 182 30.07 30.14 -47.46
CA VAL B 182 28.67 30.03 -47.04
C VAL B 182 27.68 30.74 -48.00
N VAL B 183 28.17 31.78 -48.66
CA VAL B 183 27.38 32.54 -49.59
C VAL B 183 27.30 31.80 -50.93
N GLU B 184 28.47 31.38 -51.44
CA GLU B 184 28.58 30.61 -52.69
C GLU B 184 27.64 29.43 -52.62
N TYR B 185 27.61 28.80 -51.46
CA TYR B 185 26.84 27.60 -51.20
C TYR B 185 25.34 27.86 -51.21
N ILE B 186 24.93 28.96 -50.58
CA ILE B 186 23.53 29.40 -50.60
C ILE B 186 22.98 29.56 -52.01
N SER B 187 23.80 30.05 -52.94
CA SER B 187 23.37 30.28 -54.31
C SER B 187 23.58 29.08 -55.23
N LEU B 188 24.05 27.96 -54.69
CA LEU B 188 24.11 26.76 -55.47
C LEU B 188 22.87 26.00 -55.13
N ASN B 189 22.51 25.96 -53.86
CA ASN B 189 21.27 25.34 -53.43
C ASN B 189 20.05 26.18 -53.80
N ASN B 190 20.24 27.45 -54.07
CA ASN B 190 19.10 28.28 -54.34
C ASN B 190 18.05 28.37 -53.21
N VAL B 191 18.43 29.06 -52.14
CA VAL B 191 17.60 29.26 -50.98
C VAL B 191 17.62 30.70 -50.55
N ASP B 192 16.66 31.12 -49.74
CA ASP B 192 16.72 32.48 -49.22
C ASP B 192 17.11 32.49 -47.75
N VAL B 193 18.16 33.23 -47.43
CA VAL B 193 18.58 33.31 -46.05
C VAL B 193 19.06 34.72 -45.75
N LEU B 194 18.55 35.24 -44.66
CA LEU B 194 18.90 36.54 -44.18
C LEU B 194 19.89 36.37 -43.02
N PHE B 195 20.99 37.13 -43.07
CA PHE B 195 21.90 37.26 -41.96
C PHE B 195 21.67 38.57 -41.19
N LEU B 196 21.20 38.44 -39.96
CA LEU B 196 20.99 39.58 -39.12
C LEU B 196 22.29 39.77 -38.39
N GLU B 197 22.78 41.00 -38.31
CA GLU B 197 24.00 41.27 -37.57
C GLU B 197 23.95 42.63 -36.88
N GLN B 198 24.80 42.82 -35.89
CA GLN B 198 24.94 44.10 -35.20
C GLN B 198 26.18 44.87 -35.65
N ARG B 199 27.18 44.16 -36.12
CA ARG B 199 28.34 44.82 -36.71
C ARG B 199 28.39 44.57 -38.20
N VAL B 200 28.79 45.60 -38.94
CA VAL B 200 28.97 45.50 -40.37
C VAL B 200 29.82 44.29 -40.75
N VAL B 201 29.43 43.59 -41.79
CA VAL B 201 30.17 42.43 -42.28
C VAL B 201 31.17 42.89 -43.32
N GLN B 202 32.42 42.76 -42.99
CA GLN B 202 33.48 43.34 -43.77
C GLN B 202 33.48 42.91 -45.22
N ASN B 203 33.89 43.86 -46.06
CA ASN B 203 34.17 43.72 -47.51
C ASN B 203 33.06 43.17 -48.38
N ARG B 204 31.79 43.39 -47.98
CA ARG B 204 30.65 42.99 -48.80
C ARG B 204 29.38 43.85 -48.68
N PHE B 205 28.50 43.69 -49.68
CA PHE B 205 27.21 44.39 -49.71
C PHE B 205 26.23 43.90 -48.66
N GLN B 206 25.44 44.83 -48.14
CA GLN B 206 24.57 44.59 -46.99
C GLN B 206 23.53 45.69 -46.86
N TYR B 207 22.39 45.40 -46.22
CA TYR B 207 21.47 46.48 -45.85
C TYR B 207 21.91 46.97 -44.48
N ILE B 208 21.97 48.29 -44.34
CA ILE B 208 22.35 48.90 -43.08
C ILE B 208 21.24 49.79 -42.62
N LEU B 209 20.92 49.69 -41.35
CA LEU B 209 20.04 50.64 -40.71
C LEU B 209 20.77 51.37 -39.59
N ASP B 210 21.08 52.64 -39.88
CA ASP B 210 21.88 53.48 -38.99
C ASP B 210 21.07 53.98 -37.81
N GLU B 211 21.71 54.74 -36.97
CA GLU B 211 21.12 55.22 -35.76
C GLU B 211 19.94 56.12 -36.02
N ASN B 212 20.07 56.91 -37.07
CA ASN B 212 19.06 57.79 -37.63
C ASN B 212 17.90 57.07 -38.22
N PHE B 213 18.18 55.95 -38.87
CA PHE B 213 17.16 55.18 -39.57
C PHE B 213 17.12 55.21 -41.07
N TYR B 214 18.13 55.75 -41.72
CA TYR B 214 18.19 55.65 -43.16
C TYR B 214 18.54 54.20 -43.43
N LEU B 215 18.30 53.72 -44.62
CA LEU B 215 18.62 52.36 -44.95
C LEU B 215 19.45 52.36 -46.21
N SER B 216 20.58 51.71 -46.18
CA SER B 216 21.51 51.72 -47.32
C SER B 216 21.82 50.32 -47.83
N TYR B 217 22.24 50.24 -49.08
CA TYR B 217 22.85 49.04 -49.62
C TYR B 217 24.29 49.38 -50.02
N GLU B 218 25.16 49.44 -49.01
CA GLU B 218 26.54 49.85 -49.14
C GLU B 218 27.47 48.63 -49.15
N LYS B 219 28.65 48.76 -49.74
CA LYS B 219 29.73 47.81 -49.44
C LYS B 219 30.42 48.22 -48.15
N ALA B 220 31.15 47.32 -47.51
CA ALA B 220 31.83 47.61 -46.24
C ALA B 220 33.37 47.69 -46.33
N ARG C 3 34.23 26.51 -11.95
CA ARG C 3 34.49 27.90 -11.42
C ARG C 3 35.93 28.40 -11.60
N VAL C 4 36.83 27.52 -12.05
CA VAL C 4 38.10 27.93 -12.70
C VAL C 4 38.26 27.18 -14.02
N ASN C 5 38.79 27.85 -15.03
CA ASN C 5 39.09 27.15 -16.30
C ASN C 5 40.37 27.54 -17.02
N PHE C 6 40.68 26.76 -18.07
CA PHE C 6 41.97 26.75 -18.71
C PHE C 6 41.81 26.02 -20.06
N SER C 7 42.67 26.35 -21.01
CA SER C 7 42.95 25.45 -22.16
C SER C 7 44.07 25.97 -23.07
N GLU C 10 44.70 31.10 -22.72
CA GLU C 10 45.08 29.69 -22.55
C GLU C 10 45.49 29.31 -21.09
N GLU C 11 46.23 30.21 -20.43
CA GLU C 11 46.60 30.06 -18.99
C GLU C 11 45.33 30.14 -18.11
N PRO C 12 45.47 29.92 -16.78
CA PRO C 12 44.24 29.76 -15.96
C PRO C 12 43.48 31.08 -15.86
N ILE C 13 42.16 31.00 -15.75
CA ILE C 13 41.36 32.17 -15.40
C ILE C 13 40.24 31.76 -14.45
N GLU C 14 39.98 32.60 -13.44
CA GLU C 14 38.94 32.37 -12.42
C GLU C 14 37.60 33.06 -12.72
N ILE C 15 36.53 32.26 -12.82
CA ILE C 15 35.15 32.73 -13.01
C ILE C 15 34.56 32.90 -11.62
N GLU C 16 34.27 34.15 -11.25
CA GLU C 16 33.80 34.42 -9.88
C GLU C 16 32.77 35.54 -9.91
N LYS C 17 31.51 35.16 -9.69
CA LYS C 17 30.38 36.03 -10.06
C LYS C 17 30.51 36.38 -11.55
N ALA C 18 29.95 37.51 -11.99
CA ALA C 18 29.97 37.82 -13.42
C ALA C 18 31.41 38.03 -13.93
N THR C 19 31.84 37.23 -14.88
CA THR C 19 33.16 37.44 -15.44
C THR C 19 33.10 37.39 -16.95
N PHE C 20 33.94 38.19 -17.59
CA PHE C 20 33.88 38.33 -19.04
C PHE C 20 35.16 37.88 -19.72
N LEU C 21 35.04 37.16 -20.82
CA LEU C 21 36.23 36.78 -21.58
C LEU C 21 35.89 37.10 -23.02
N THR C 22 36.73 37.92 -23.63
CA THR C 22 36.56 38.29 -25.02
C THR C 22 37.69 37.66 -25.80
N ILE C 23 37.35 36.82 -26.75
CA ILE C 23 38.31 36.30 -27.68
C ILE C 23 38.21 37.14 -28.98
N LYS C 24 39.25 37.89 -29.33
CA LYS C 24 39.19 38.82 -30.47
C LYS C 24 39.28 38.12 -31.84
N ASP C 25 40.23 37.19 -31.99
CA ASP C 25 40.41 36.38 -33.21
C ASP C 25 39.22 35.43 -33.46
N VAL C 26 38.38 35.71 -34.46
CA VAL C 26 37.19 34.88 -34.65
C VAL C 26 37.46 33.37 -34.56
N GLN C 27 38.46 32.89 -35.27
CA GLN C 27 38.64 31.45 -35.31
C GLN C 27 38.87 30.87 -33.89
N SER C 28 39.57 31.61 -33.02
CA SER C 28 39.76 31.13 -31.66
C SER C 28 38.44 31.16 -30.90
N PHE C 29 37.70 32.24 -31.10
CA PHE C 29 36.37 32.36 -30.50
C PHE C 29 35.53 31.16 -30.91
N ALA C 30 35.43 30.89 -32.22
CA ALA C 30 34.63 29.79 -32.71
C ALA C 30 35.13 28.48 -32.13
N HIS C 31 36.44 28.32 -32.11
CA HIS C 31 37.02 27.11 -31.56
C HIS C 31 36.57 26.85 -30.13
N LEU C 32 36.66 27.87 -29.27
CA LEU C 32 36.35 27.67 -27.86
C LEU C 32 34.86 27.34 -27.68
N VAL C 33 34.00 27.96 -28.48
CA VAL C 33 32.56 27.69 -28.41
C VAL C 33 32.32 26.24 -28.76
N LYS C 34 32.95 25.77 -29.84
CA LYS C 34 32.87 24.37 -30.18
C LYS C 34 33.26 23.55 -28.99
N LEU C 35 34.34 23.95 -28.31
CA LEU C 35 34.82 23.19 -27.14
C LEU C 35 33.81 23.24 -26.03
N ILE C 36 33.27 24.44 -25.79
CA ILE C 36 32.23 24.61 -24.80
C ILE C 36 31.07 23.65 -25.07
N TYR C 37 30.69 23.51 -26.33
CA TYR C 37 29.60 22.60 -26.66
C TYR C 37 29.94 21.11 -26.60
N GLN C 38 31.21 20.79 -26.54
CA GLN C 38 31.67 19.42 -26.51
C GLN C 38 32.13 19.00 -25.17
N TYR C 39 31.74 19.66 -24.12
CA TYR C 39 32.49 19.52 -22.94
C TYR C 39 32.36 18.24 -22.17
N ASP C 40 33.35 17.38 -22.38
CA ASP C 40 33.59 16.14 -21.64
C ASP C 40 34.02 16.24 -20.19
N GLY C 41 34.91 17.19 -19.92
CA GLY C 41 35.71 17.19 -18.66
C GLY C 41 37.09 16.62 -19.01
N GLU C 42 37.41 16.56 -20.31
CA GLU C 42 38.62 15.93 -20.87
C GLU C 42 38.80 16.42 -22.32
N GLU C 44 40.58 19.28 -24.48
CA GLU C 44 41.46 20.35 -24.01
C GLU C 44 40.84 21.20 -22.89
N LEU C 45 39.54 21.53 -23.02
CA LEU C 45 38.84 22.37 -22.04
C LEU C 45 38.59 21.56 -20.78
N LYS C 46 39.00 22.15 -19.64
CA LYS C 46 38.79 21.58 -18.30
C LYS C 46 38.35 22.66 -17.27
N LEU C 47 37.51 22.24 -16.31
CA LEU C 47 36.96 23.13 -15.26
C LEU C 47 37.00 22.48 -13.85
N LYS C 53 39.64 20.62 -8.15
CA LYS C 53 38.35 19.90 -8.02
C LYS C 53 38.01 18.85 -9.14
N GLY C 54 37.48 19.32 -10.27
CA GLY C 54 36.94 18.46 -11.34
C GLY C 54 35.51 18.94 -11.50
N LEU C 55 34.97 18.87 -12.72
CA LEU C 55 33.59 19.39 -13.04
C LEU C 55 32.92 18.58 -14.16
N LYS C 56 31.60 18.45 -14.09
CA LYS C 56 30.92 17.44 -14.89
C LYS C 56 29.84 18.01 -15.84
N PRO C 57 29.70 17.41 -17.04
CA PRO C 57 28.82 17.87 -18.10
C PRO C 57 27.44 18.34 -17.63
N THR C 58 26.82 17.57 -16.73
CA THR C 58 25.48 17.90 -16.23
C THR C 58 25.51 19.22 -15.48
N GLU C 59 26.69 19.58 -14.98
CA GLU C 59 26.88 20.75 -14.12
C GLU C 59 27.12 22.03 -14.88
N LEU C 60 27.21 21.92 -16.21
CA LEU C 60 27.51 23.03 -17.10
C LEU C 60 26.27 23.44 -17.87
N PHE C 61 25.99 24.72 -17.80
CA PHE C 61 24.77 25.24 -18.30
C PHE C 61 25.19 26.33 -19.29
N VAL C 62 24.84 26.12 -20.56
CA VAL C 62 25.29 27.02 -21.62
C VAL C 62 24.12 27.55 -22.41
N VAL C 63 24.12 28.86 -22.66
CA VAL C 63 23.10 29.41 -23.54
C VAL C 63 23.67 30.38 -24.57
N THR C 64 23.13 30.29 -25.78
CA THR C 64 23.38 31.19 -26.89
C THR C 64 22.06 31.79 -27.37
N ASP C 65 21.06 30.93 -27.47
CA ASP C 65 19.73 31.33 -27.89
C ASP C 65 18.95 31.76 -26.66
N ILE C 66 19.08 33.05 -26.31
CA ILE C 66 18.41 33.63 -25.16
C ILE C 66 16.87 33.46 -25.23
N LEU C 67 16.28 33.79 -26.38
CA LEU C 67 14.86 33.81 -26.44
C LEU C 67 14.28 32.43 -26.44
N GLY C 68 14.83 31.56 -27.31
CA GLY C 68 14.34 30.22 -27.52
C GLY C 68 14.62 29.24 -26.40
N TYR C 69 15.42 29.61 -25.40
CA TYR C 69 15.65 28.71 -24.27
C TYR C 69 14.39 28.55 -23.42
N ASP C 70 13.86 27.34 -23.33
CA ASP C 70 12.70 27.05 -22.49
C ASP C 70 13.08 27.02 -21.01
N VAL C 71 12.66 28.05 -20.30
CA VAL C 71 12.94 28.16 -18.88
C VAL C 71 11.89 27.34 -18.11
N ASN C 72 10.80 27.04 -18.84
CA ASN C 72 9.68 26.21 -18.38
C ASN C 72 9.81 24.70 -18.67
N SER C 73 11.05 24.19 -18.68
CA SER C 73 11.26 22.73 -18.78
C SER C 73 10.78 22.11 -17.46
N ALA C 74 10.15 20.94 -17.56
CA ALA C 74 9.63 20.23 -16.37
C ALA C 74 10.60 20.19 -15.18
N ALA C 75 11.86 19.83 -15.43
CA ALA C 75 12.84 19.77 -14.32
C ALA C 75 12.92 21.09 -13.52
N THR C 76 12.57 22.19 -14.19
CA THR C 76 12.61 23.51 -13.59
C THR C 76 11.30 23.79 -12.87
N LEU C 77 10.17 23.58 -13.58
CA LEU C 77 8.84 23.77 -12.99
C LEU C 77 8.67 22.97 -11.70
N LYS C 78 9.05 21.69 -11.75
CA LYS C 78 9.13 20.84 -10.56
C LYS C 78 9.80 21.54 -9.38
N LEU C 79 10.95 22.18 -9.60
CA LEU C 79 11.61 22.91 -8.52
C LEU C 79 10.95 24.21 -8.09
N ILE C 80 10.26 24.87 -9.02
CA ILE C 80 9.56 26.10 -8.74
C ILE C 80 8.31 25.79 -7.92
N TYR C 81 7.54 24.80 -8.41
CA TYR C 81 6.35 24.31 -7.73
C TYR C 81 6.76 23.90 -6.34
N GLY C 82 7.76 23.03 -6.26
CA GLY C 82 8.41 22.68 -5.00
C GLY C 82 8.60 23.88 -4.10
N ASP C 83 9.15 24.96 -4.65
CA ASP C 83 9.44 26.16 -3.86
C ASP C 83 8.18 26.92 -3.47
N LEU C 84 7.20 26.99 -4.38
CA LEU C 84 5.88 27.57 -4.06
C LEU C 84 5.18 26.84 -2.91
N GLU C 85 5.10 25.52 -3.02
CA GLU C 85 4.54 24.69 -1.94
C GLU C 85 5.20 24.90 -0.55
N ALA C 86 6.51 25.10 -0.52
CA ALA C 86 7.21 25.32 0.74
C ALA C 86 6.85 26.68 1.36
N GLN C 87 6.74 27.69 0.48
CA GLN C 87 6.39 29.08 0.81
C GLN C 87 5.03 29.09 1.48
N LEU C 88 4.11 28.41 0.82
CA LEU C 88 2.73 28.21 1.29
C LEU C 88 2.67 27.44 2.59
N ASN C 89 3.47 26.37 2.68
CA ASN C 89 3.67 25.62 3.93
C ASN C 89 4.22 26.46 5.07
N ASP C 90 4.91 27.54 4.77
CA ASP C 90 5.33 28.42 5.85
C ASP C 90 4.35 29.55 6.20
N LYS C 91 3.21 29.59 5.48
CA LYS C 91 2.08 30.49 5.76
C LYS C 91 0.87 29.63 6.14
N PRO C 92 0.79 29.14 7.39
CA PRO C 92 -0.31 28.24 7.75
C PRO C 92 -1.71 28.83 7.60
N GLU C 93 -1.89 30.10 7.87
CA GLU C 93 -3.18 30.73 7.61
C GLU C 93 -3.60 30.69 6.11
N VAL C 94 -2.67 30.89 5.19
CA VAL C 94 -3.06 30.74 3.77
C VAL C 94 -3.29 29.25 3.46
N LYS C 95 -2.40 28.42 4.02
CA LYS C 95 -2.41 27.00 3.73
C LYS C 95 -3.79 26.50 4.07
N SER C 96 -4.23 26.76 5.30
CA SER C 96 -5.53 26.28 5.67
C SER C 96 -6.73 27.02 4.99
N MET C 97 -6.58 28.26 4.54
CA MET C 97 -7.65 28.86 3.69
C MET C 97 -7.81 28.07 2.38
N ILE C 98 -6.70 27.58 1.86
CA ILE C 98 -6.75 26.84 0.61
C ILE C 98 -7.36 25.47 0.89
N GLU C 99 -6.89 24.79 1.93
CA GLU C 99 -7.43 23.48 2.21
C GLU C 99 -8.94 23.52 2.51
N LYS C 100 -9.40 24.58 3.15
CA LYS C 100 -10.83 24.76 3.43
C LYS C 100 -11.62 24.96 2.12
N LEU C 101 -11.06 25.71 1.17
CA LEU C 101 -11.74 25.92 -0.09
C LEU C 101 -11.75 24.69 -1.02
N THR C 102 -10.68 23.89 -0.96
CA THR C 102 -10.60 22.73 -1.81
C THR C 102 -11.63 21.73 -1.32
N GLY C 103 -11.60 21.46 0.00
CA GLY C 103 -12.63 20.71 0.68
C GLY C 103 -14.03 21.07 0.22
N THR C 104 -14.43 22.33 0.40
CA THR C 104 -15.76 22.72 0.00
C THR C 104 -16.09 22.32 -1.45
N ILE C 105 -15.17 22.55 -2.38
CA ILE C 105 -15.35 22.07 -3.74
C ILE C 105 -15.50 20.57 -3.75
N SER C 106 -14.61 19.82 -3.09
CA SER C 106 -14.74 18.35 -3.03
C SER C 106 -16.09 17.91 -2.50
N GLN C 107 -16.59 18.61 -1.49
CA GLN C 107 -17.87 18.27 -0.92
C GLN C 107 -18.97 18.58 -1.91
N LEU C 108 -18.97 19.77 -2.47
CA LEU C 108 -20.00 20.10 -3.41
C LEU C 108 -20.05 19.08 -4.55
N ILE C 109 -18.90 18.78 -5.16
CA ILE C 109 -18.85 17.86 -6.29
C ILE C 109 -19.21 16.43 -5.82
N GLY C 110 -18.78 16.09 -4.61
CA GLY C 110 -19.14 14.81 -3.95
C GLY C 110 -20.61 14.49 -4.00
N TYR C 111 -21.46 15.45 -3.65
CA TYR C 111 -22.92 15.29 -3.67
C TYR C 111 -23.45 15.03 -5.03
N GLU C 112 -22.85 15.68 -6.00
CA GLU C 112 -23.24 15.50 -7.38
C GLU C 112 -22.85 14.10 -7.86
N LEU C 113 -21.79 13.49 -7.35
CA LEU C 113 -21.49 12.09 -7.71
C LEU C 113 -22.56 11.12 -7.18
N LEU C 114 -22.94 11.28 -5.92
CA LEU C 114 -24.01 10.50 -5.33
C LEU C 114 -25.29 10.62 -6.15
N GLU C 115 -25.57 11.84 -6.61
CA GLU C 115 -26.83 12.12 -7.27
C GLU C 115 -26.82 11.41 -8.61
N HIS C 116 -25.61 11.24 -9.16
CA HIS C 116 -25.43 10.72 -10.49
C HIS C 116 -25.73 9.23 -10.47
N GLU C 117 -26.45 8.78 -11.49
CA GLU C 117 -26.97 7.40 -11.52
C GLU C 117 -25.83 6.38 -11.47
N MET C 118 -24.58 6.85 -11.57
CA MET C 118 -23.47 5.91 -11.59
C MET C 118 -22.71 5.83 -10.26
N ASP C 119 -22.02 4.71 -10.04
CA ASP C 119 -21.26 4.47 -8.81
C ASP C 119 -19.95 5.24 -9.00
N LEU C 120 -20.04 6.56 -8.86
CA LEU C 120 -18.90 7.47 -9.09
C LEU C 120 -18.14 7.76 -7.81
N GLU C 121 -16.84 8.04 -7.94
CA GLU C 121 -15.97 8.28 -6.77
C GLU C 121 -14.87 9.29 -7.11
N GLU C 122 -14.30 9.94 -6.10
CA GLU C 122 -13.26 10.96 -6.29
C GLU C 122 -12.25 10.84 -5.16
N ASP C 123 -11.03 11.32 -5.37
CA ASP C 123 -10.02 11.34 -4.31
C ASP C 123 -9.92 12.75 -3.75
N GLY C 124 -8.78 13.43 -3.82
CA GLY C 124 -8.70 14.77 -3.25
C GLY C 124 -8.01 15.76 -4.17
N ILE C 125 -7.98 17.01 -3.76
CA ILE C 125 -7.14 18.01 -4.41
C ILE C 125 -6.02 18.36 -3.47
N ILE C 126 -4.78 18.05 -3.86
CA ILE C 126 -3.60 18.64 -3.18
C ILE C 126 -3.11 19.91 -3.91
N VAL C 127 -2.21 20.66 -3.27
CA VAL C 127 -1.74 21.93 -3.86
C VAL C 127 -1.04 21.80 -5.22
N GLN C 128 -0.19 20.77 -5.39
CA GLN C 128 0.47 20.47 -6.69
C GLN C 128 -0.53 20.34 -7.80
N GLU C 129 -1.73 19.88 -7.46
CA GLU C 129 -2.79 19.69 -8.42
C GLU C 129 -3.45 21.02 -8.76
N LEU C 130 -3.42 21.99 -7.83
CA LEU C 130 -3.95 23.31 -8.12
C LEU C 130 -3.00 23.99 -9.07
N PHE C 131 -1.71 23.99 -8.70
CA PHE C 131 -0.65 24.58 -9.53
C PHE C 131 -0.72 24.05 -10.95
N LYS C 132 -0.97 22.76 -11.12
CA LYS C 132 -1.04 22.22 -12.47
C LYS C 132 -2.33 22.69 -13.21
N ALA C 133 -3.39 23.05 -12.48
CA ALA C 133 -4.66 23.48 -13.10
C ALA C 133 -4.67 24.98 -13.40
N LEU C 134 -4.23 25.74 -12.40
CA LEU C 134 -3.63 27.03 -12.66
C LEU C 134 -2.48 26.72 -13.63
N GLY C 135 -2.17 27.59 -14.56
CA GLY C 135 -1.15 27.18 -15.52
C GLY C 135 0.21 27.69 -15.12
N ILE C 136 0.59 27.45 -13.88
CA ILE C 136 1.74 28.16 -13.33
C ILE C 136 3.05 27.90 -14.11
N LYS C 137 3.64 29.02 -14.57
CA LYS C 137 4.88 29.01 -15.35
C LYS C 137 5.62 30.34 -15.23
N ILE C 138 6.74 30.48 -15.93
CA ILE C 138 7.34 31.81 -16.06
C ILE C 138 6.64 32.54 -17.18
N GLU C 139 6.38 33.82 -16.96
CA GLU C 139 5.82 34.70 -17.97
C GLU C 139 6.88 34.92 -19.05
N THR C 140 6.62 34.56 -20.30
CA THR C 140 7.68 34.78 -21.29
C THR C 140 7.33 35.50 -22.58
N THR C 141 6.08 35.40 -23.01
CA THR C 141 5.68 35.89 -24.35
C THR C 141 6.12 37.35 -24.63
N SER C 142 6.05 38.17 -23.59
CA SER C 142 6.40 39.61 -23.65
C SER C 142 7.88 39.95 -23.47
N ASP C 143 8.68 38.98 -23.07
CA ASP C 143 10.01 39.22 -22.64
C ASP C 143 10.83 39.93 -23.71
N THR C 144 11.71 40.80 -23.23
CA THR C 144 12.69 41.47 -24.04
C THR C 144 13.93 40.74 -23.65
N ILE C 145 14.88 40.67 -24.55
CA ILE C 145 16.04 39.85 -24.41
C ILE C 145 16.77 40.10 -23.11
N PHE C 146 16.71 41.32 -22.63
CA PHE C 146 17.30 41.69 -21.35
C PHE C 146 16.67 41.05 -20.14
N GLU C 147 15.36 41.00 -20.16
CA GLU C 147 14.68 40.41 -19.04
C GLU C 147 14.94 38.94 -18.95
N LYS C 148 14.88 38.30 -20.10
CA LYS C 148 15.02 36.88 -20.18
C LYS C 148 16.37 36.48 -19.71
N VAL C 149 17.32 37.33 -19.91
CA VAL C 149 18.63 37.02 -19.43
C VAL C 149 18.58 36.90 -17.92
N MET C 150 17.83 37.77 -17.30
CA MET C 150 17.66 37.76 -15.87
C MET C 150 16.91 36.56 -15.37
N GLU C 151 15.91 36.18 -16.13
CA GLU C 151 15.13 35.00 -15.79
C GLU C 151 16.05 33.79 -15.75
N ILE C 152 16.73 33.53 -16.87
CA ILE C 152 17.73 32.50 -16.91
C ILE C 152 18.71 32.66 -15.75
N THR C 153 19.01 33.89 -15.37
CA THR C 153 19.97 34.09 -14.30
C THR C 153 19.41 33.68 -12.95
N GLN C 154 18.10 33.86 -12.77
CA GLN C 154 17.43 33.35 -11.57
C GLN C 154 17.40 31.81 -11.57
N VAL C 155 16.97 31.25 -12.69
CA VAL C 155 16.94 29.84 -12.84
C VAL C 155 18.28 29.23 -12.47
N HIS C 156 19.36 29.92 -12.82
CA HIS C 156 20.69 29.45 -12.45
C HIS C 156 20.99 29.32 -10.96
N ARG C 157 20.36 30.15 -10.12
CA ARG C 157 20.44 29.97 -8.65
C ARG C 157 19.61 28.77 -8.17
N TYR C 158 18.39 28.64 -8.67
CA TYR C 158 17.58 27.47 -8.40
C TYR C 158 18.30 26.15 -8.70
N LEU C 159 19.08 26.09 -9.78
CA LEU C 159 19.69 24.84 -10.17
C LEU C 159 21.09 24.77 -9.60
N SER C 160 21.17 24.20 -8.40
CA SER C 160 22.41 24.05 -7.62
C SER C 160 23.44 23.11 -8.24
N LYS C 161 22.95 22.10 -8.95
CA LYS C 161 23.82 21.16 -9.68
C LYS C 161 24.33 21.73 -11.01
N LYS C 162 23.85 22.93 -11.41
CA LYS C 162 24.48 23.76 -12.46
C LYS C 162 25.37 24.80 -11.78
N LYS C 163 26.66 24.47 -11.72
CA LYS C 163 27.65 25.27 -11.01
C LYS C 163 28.16 26.49 -11.81
N LEU C 164 27.95 26.47 -13.14
CA LEU C 164 28.40 27.57 -14.02
C LEU C 164 27.43 27.81 -15.16
N LEU C 165 27.13 29.07 -15.42
CA LEU C 165 26.35 29.44 -16.59
C LEU C 165 27.29 30.20 -17.53
N ILE C 166 27.38 29.81 -18.79
CA ILE C 166 28.15 30.52 -19.77
C ILE C 166 27.20 31.07 -20.79
N PHE C 167 27.16 32.39 -20.96
CA PHE C 167 26.42 32.99 -22.06
C PHE C 167 27.34 33.21 -23.24
N ILE C 168 26.80 33.14 -24.45
CA ILE C 168 27.56 33.43 -25.66
C ILE C 168 26.91 34.54 -26.45
N ASN C 169 27.69 35.60 -26.72
CA ASN C 169 27.25 36.76 -27.48
C ASN C 169 26.07 37.45 -26.85
N ALA C 170 25.88 37.24 -25.54
CA ALA C 170 24.85 37.94 -24.81
C ALA C 170 24.87 39.48 -25.09
N CYS C 171 26.07 40.04 -24.92
CA CYS C 171 26.24 41.49 -24.87
C CYS C 171 25.94 42.22 -26.16
N THR C 172 26.04 41.51 -27.28
CA THR C 172 25.69 42.10 -28.54
C THR C 172 24.24 42.47 -28.52
N TYR C 173 23.52 42.05 -27.47
CA TYR C 173 22.09 42.36 -27.41
C TYR C 173 21.73 43.44 -26.39
N LEU C 174 22.71 43.80 -25.59
CA LEU C 174 22.50 44.60 -24.42
C LEU C 174 23.33 45.85 -24.33
N THR C 175 22.72 46.92 -23.87
CA THR C 175 23.38 48.18 -23.63
C THR C 175 24.23 48.12 -22.38
N GLU C 176 25.23 48.98 -22.28
CA GLU C 176 26.17 48.88 -21.20
C GLU C 176 25.43 49.02 -19.90
N ASP C 177 24.35 49.75 -19.93
CA ASP C 177 23.56 49.95 -18.76
C ASP C 177 23.06 48.61 -18.29
N GLU C 178 22.46 47.85 -19.19
CA GLU C 178 21.82 46.58 -18.88
C GLU C 178 22.80 45.56 -18.39
N VAL C 179 23.92 45.52 -19.03
CA VAL C 179 25.00 44.66 -18.60
C VAL C 179 25.36 44.85 -17.10
N GLN C 180 25.48 46.11 -16.66
CA GLN C 180 25.70 46.38 -15.23
C GLN C 180 24.54 45.80 -14.40
N GLN C 181 23.29 46.15 -14.77
CA GLN C 181 22.12 45.57 -14.09
C GLN C 181 22.40 44.08 -13.86
N VAL C 182 22.57 43.39 -14.98
CA VAL C 182 22.75 41.96 -15.00
C VAL C 182 23.91 41.55 -14.10
N VAL C 183 25.02 42.30 -14.18
CA VAL C 183 26.22 42.03 -13.34
C VAL C 183 25.94 42.21 -11.85
N GLU C 184 25.29 43.32 -11.49
CA GLU C 184 24.81 43.56 -10.12
C GLU C 184 24.03 42.34 -9.66
N TYR C 185 23.01 41.99 -10.45
CA TYR C 185 22.13 40.88 -10.14
C TYR C 185 22.86 39.57 -9.89
N ILE C 186 23.81 39.27 -10.76
CA ILE C 186 24.65 38.10 -10.59
C ILE C 186 25.45 38.08 -9.28
N SER C 187 25.92 39.26 -8.81
CA SER C 187 26.64 39.31 -7.54
C SER C 187 25.72 39.19 -6.33
N LEU C 188 24.47 39.60 -6.51
CA LEU C 188 23.50 39.58 -5.44
C LEU C 188 22.95 38.17 -5.21
N ASN C 189 22.89 37.36 -6.26
CA ASN C 189 22.34 36.00 -6.16
C ASN C 189 23.44 34.93 -6.09
N ASN C 190 24.67 35.41 -5.90
CA ASN C 190 25.85 34.57 -5.77
C ASN C 190 25.94 33.37 -6.72
N VAL C 191 25.88 33.64 -8.03
CA VAL C 191 26.16 32.61 -9.05
C VAL C 191 27.32 32.99 -9.97
N ASP C 192 28.03 31.99 -10.46
CA ASP C 192 29.20 32.16 -11.31
C ASP C 192 28.77 32.08 -12.75
N VAL C 193 28.93 33.17 -13.50
CA VAL C 193 28.64 33.16 -14.94
C VAL C 193 29.76 33.80 -15.78
N LEU C 194 30.13 33.08 -16.84
CA LEU C 194 31.14 33.51 -17.78
C LEU C 194 30.45 34.07 -18.98
N PHE C 195 30.73 35.34 -19.29
CA PHE C 195 30.28 35.87 -20.58
C PHE C 195 31.39 35.73 -21.61
N LEU C 196 31.14 34.86 -22.59
CA LEU C 196 32.02 34.67 -23.74
C LEU C 196 31.58 35.55 -24.89
N GLU C 197 32.46 36.46 -25.30
CA GLU C 197 32.18 37.48 -26.35
C GLU C 197 33.25 37.53 -27.41
N GLN C 198 32.91 38.07 -28.58
CA GLN C 198 33.90 38.18 -29.64
C GLN C 198 34.36 39.61 -29.81
N ARG C 199 33.50 40.56 -29.47
CA ARG C 199 33.87 41.97 -29.44
C ARG C 199 34.12 42.40 -27.99
N VAL C 200 35.06 43.32 -27.78
CA VAL C 200 35.25 43.94 -26.46
C VAL C 200 33.94 44.52 -25.90
N VAL C 201 33.62 44.16 -24.66
CA VAL C 201 32.47 44.72 -23.96
C VAL C 201 32.90 46.04 -23.33
N GLN C 202 32.19 47.11 -23.70
CA GLN C 202 32.55 48.48 -23.27
C GLN C 202 32.46 48.69 -21.75
N ASN C 203 33.36 49.53 -21.24
CA ASN C 203 33.24 50.10 -19.88
C ASN C 203 33.42 49.16 -18.70
N ARG C 204 34.25 48.13 -18.84
CA ARG C 204 34.54 47.27 -17.71
C ARG C 204 35.75 46.37 -17.90
N PHE C 205 36.27 45.86 -16.79
CA PHE C 205 37.39 44.91 -16.82
C PHE C 205 36.91 43.53 -17.27
N GLN C 206 37.72 42.89 -18.11
CA GLN C 206 37.41 41.57 -18.66
C GLN C 206 38.69 40.84 -19.04
N TYR C 207 38.62 39.52 -19.06
CA TYR C 207 39.65 38.76 -19.73
C TYR C 207 39.65 39.03 -21.24
N ILE C 208 40.85 39.21 -21.81
CA ILE C 208 41.01 39.41 -23.25
C ILE C 208 42.14 38.56 -23.78
N LEU C 209 41.82 37.66 -24.70
CA LEU C 209 42.80 37.02 -25.56
C LEU C 209 42.77 37.89 -26.81
N ASP C 210 43.87 38.59 -27.05
CA ASP C 210 43.96 39.56 -28.17
C ASP C 210 44.44 38.84 -29.41
N GLU C 211 44.47 39.58 -30.53
CA GLU C 211 44.74 39.05 -31.86
C GLU C 211 46.05 38.22 -31.96
N ASN C 212 46.91 38.33 -30.95
CA ASN C 212 48.03 37.39 -30.75
C ASN C 212 47.66 36.38 -29.61
N PHE C 213 48.61 36.01 -28.74
CA PHE C 213 48.26 35.40 -27.46
C PHE C 213 47.85 36.57 -26.56
N TYR C 214 48.68 36.91 -25.58
CA TYR C 214 48.40 37.99 -24.65
C TYR C 214 46.98 37.83 -24.11
N LEU C 215 46.87 36.83 -23.22
CA LEU C 215 45.78 36.73 -22.26
C LEU C 215 46.02 37.79 -21.15
N SER C 216 45.16 38.80 -21.13
CA SER C 216 45.36 39.95 -20.25
C SER C 216 44.08 40.35 -19.55
N TYR C 217 44.21 40.80 -18.31
CA TYR C 217 43.08 41.35 -17.57
C TYR C 217 43.23 42.87 -17.55
N GLU C 218 42.37 43.58 -18.29
CA GLU C 218 42.48 45.05 -18.41
C GLU C 218 41.09 45.63 -18.68
N LYS C 219 40.99 46.95 -18.86
CA LYS C 219 39.69 47.62 -19.11
C LYS C 219 39.44 47.87 -20.61
N ALA C 220 38.24 48.37 -20.97
CA ALA C 220 37.79 48.58 -22.38
C ALA C 220 38.91 48.79 -23.40
N ARG D 3 3.33 -21.81 -5.74
CA ARG D 3 3.28 -23.30 -5.45
C ARG D 3 2.23 -23.76 -4.40
N VAL D 4 1.94 -22.91 -3.41
CA VAL D 4 0.95 -23.23 -2.37
C VAL D 4 -0.06 -22.08 -2.23
N ASN D 5 -1.34 -22.43 -2.11
CA ASN D 5 -2.38 -21.42 -1.86
C ASN D 5 -3.46 -21.86 -0.87
N PHE D 6 -4.02 -20.89 -0.17
CA PHE D 6 -5.09 -21.09 0.75
C PHE D 6 -6.04 -19.92 0.65
N SER D 7 -7.32 -20.20 0.80
CA SER D 7 -8.35 -19.19 0.85
C SER D 7 -9.16 -19.60 2.04
N LEU D 8 -10.15 -18.82 2.39
CA LEU D 8 -10.89 -19.00 3.62
C LEU D 8 -11.53 -20.37 3.74
N LEU D 9 -11.79 -21.02 2.62
CA LEU D 9 -12.57 -22.24 2.63
C LEU D 9 -11.83 -23.55 2.76
N GLU D 10 -10.59 -23.56 3.24
CA GLU D 10 -9.91 -24.84 3.26
C GLU D 10 -8.62 -24.90 4.05
N GLU D 11 -7.86 -25.97 3.83
CA GLU D 11 -6.48 -26.21 4.28
C GLU D 11 -5.57 -26.37 3.07
N PRO D 12 -4.41 -25.71 3.07
CA PRO D 12 -3.73 -25.23 1.86
C PRO D 12 -3.49 -26.30 0.81
N ILE D 13 -3.68 -25.94 -0.46
CA ILE D 13 -3.51 -26.89 -1.57
C ILE D 13 -2.21 -26.62 -2.37
N GLU D 14 -1.59 -27.70 -2.85
CA GLU D 14 -0.28 -27.67 -3.52
C GLU D 14 -0.42 -27.57 -5.05
N ILE D 15 0.17 -26.53 -5.62
CA ILE D 15 0.19 -26.29 -7.08
C ILE D 15 1.52 -26.76 -7.64
N GLU D 16 1.50 -27.83 -8.42
CA GLU D 16 2.70 -28.38 -9.03
C GLU D 16 2.44 -28.66 -10.52
N LYS D 17 3.20 -28.02 -11.40
CA LYS D 17 2.92 -28.09 -12.83
C LYS D 17 1.46 -27.70 -13.11
N ALA D 18 0.71 -28.54 -13.82
CA ALA D 18 -0.65 -28.20 -14.19
C ALA D 18 -1.58 -28.81 -13.21
N THR D 19 -2.17 -27.98 -12.36
CA THR D 19 -3.06 -28.49 -11.34
C THR D 19 -4.41 -27.80 -11.41
N PHE D 20 -5.48 -28.59 -11.24
CA PHE D 20 -6.82 -28.09 -11.48
C PHE D 20 -7.59 -27.97 -10.19
N LEU D 21 -8.30 -26.85 -10.05
CA LEU D 21 -9.25 -26.60 -8.96
C LEU D 21 -10.67 -26.32 -9.50
N THR D 22 -11.64 -27.12 -9.07
CA THR D 22 -13.05 -26.91 -9.39
C THR D 22 -13.90 -26.54 -8.16
N ILE D 23 -14.50 -25.35 -8.21
CA ILE D 23 -15.40 -24.83 -7.21
C ILE D 23 -16.80 -24.86 -7.82
N LYS D 24 -17.53 -25.92 -7.50
CA LYS D 24 -18.82 -26.17 -8.10
C LYS D 24 -19.83 -25.15 -7.63
N ASP D 25 -19.66 -24.62 -6.43
CA ASP D 25 -20.59 -23.64 -5.97
C ASP D 25 -20.28 -22.29 -6.58
N VAL D 26 -21.17 -21.77 -7.43
CA VAL D 26 -20.87 -20.57 -8.24
C VAL D 26 -20.59 -19.32 -7.44
N GLN D 27 -21.12 -19.25 -6.21
CA GLN D 27 -20.92 -18.09 -5.33
C GLN D 27 -19.50 -18.10 -4.80
N SER D 28 -19.03 -19.24 -4.32
CA SER D 28 -17.65 -19.37 -3.88
C SER D 28 -16.63 -19.24 -5.02
N PHE D 29 -17.06 -19.56 -6.23
CA PHE D 29 -16.20 -19.51 -7.39
C PHE D 29 -15.96 -18.03 -7.65
N ALA D 30 -17.06 -17.30 -7.79
CA ALA D 30 -17.08 -15.90 -8.09
C ALA D 30 -16.35 -15.15 -7.02
N HIS D 31 -16.46 -15.65 -5.79
CA HIS D 31 -15.73 -15.02 -4.70
C HIS D 31 -14.24 -15.33 -4.78
N LEU D 32 -13.86 -16.55 -5.07
CA LEU D 32 -12.47 -16.83 -5.27
C LEU D 32 -11.87 -15.97 -6.37
N VAL D 33 -12.63 -15.75 -7.47
CA VAL D 33 -12.10 -15.07 -8.64
C VAL D 33 -11.83 -13.65 -8.27
N LYS D 34 -12.80 -12.99 -7.62
CA LYS D 34 -12.60 -11.60 -7.06
C LYS D 34 -11.34 -11.45 -6.21
N LEU D 35 -11.08 -12.43 -5.35
CA LEU D 35 -9.91 -12.38 -4.50
C LEU D 35 -8.65 -12.43 -5.33
N ILE D 36 -8.68 -13.25 -6.36
CA ILE D 36 -7.54 -13.40 -7.26
C ILE D 36 -7.18 -12.08 -7.93
N TYR D 37 -8.22 -11.39 -8.41
CA TYR D 37 -8.04 -10.15 -9.16
C TYR D 37 -7.59 -8.98 -8.28
N GLN D 38 -7.84 -9.11 -6.97
CA GLN D 38 -7.45 -8.13 -5.96
C GLN D 38 -6.23 -8.54 -5.19
N TYR D 39 -5.70 -9.70 -5.51
CA TYR D 39 -4.56 -10.26 -4.79
C TYR D 39 -3.48 -9.27 -4.32
N ASP D 40 -3.12 -9.41 -3.03
CA ASP D 40 -2.40 -8.40 -2.25
C ASP D 40 -1.13 -8.94 -1.58
N GLY D 41 -1.28 -10.08 -0.89
CA GLY D 41 -0.59 -10.42 0.36
C GLY D 41 -1.52 -10.03 1.51
N GLU D 42 -2.49 -10.89 1.86
CA GLU D 42 -3.54 -10.71 2.95
C GLU D 42 -5.01 -10.93 2.53
N ASN D 43 -5.55 -12.09 2.96
CA ASN D 43 -6.95 -12.58 2.72
C ASN D 43 -7.00 -13.94 1.97
N GLU D 44 -6.13 -14.08 0.99
CA GLU D 44 -5.91 -15.32 0.27
C GLU D 44 -4.44 -15.33 -0.02
N LEU D 45 -3.77 -16.43 0.27
CA LEU D 45 -2.33 -16.35 0.37
C LEU D 45 -1.63 -17.27 -0.62
N LYS D 46 -0.65 -16.71 -1.32
CA LYS D 46 0.14 -17.44 -2.35
C LYS D 46 1.59 -17.59 -1.92
N LEU D 47 1.97 -18.75 -1.41
CA LEU D 47 3.30 -18.94 -0.83
C LEU D 47 4.12 -19.89 -1.70
N PHE D 48 5.43 -19.70 -1.67
CA PHE D 48 6.36 -20.59 -2.31
C PHE D 48 6.14 -21.99 -1.87
N GLY D 54 7.02 -15.70 0.40
CA GLY D 54 5.62 -15.61 -0.06
C GLY D 54 5.43 -14.65 -1.22
N LEU D 55 4.58 -15.03 -2.18
CA LEU D 55 4.45 -14.40 -3.52
C LEU D 55 4.10 -12.91 -3.54
N LYS D 56 5.02 -12.07 -4.03
CA LYS D 56 4.75 -10.64 -4.30
C LYS D 56 3.76 -10.62 -5.46
N PRO D 57 2.82 -9.66 -5.47
CA PRO D 57 1.78 -9.50 -6.50
C PRO D 57 2.28 -9.26 -7.92
N THR D 58 3.51 -8.79 -8.09
CA THR D 58 4.04 -8.56 -9.43
C THR D 58 4.45 -9.88 -10.04
N GLU D 59 4.51 -10.92 -9.23
CA GLU D 59 5.02 -12.20 -9.70
C GLU D 59 3.86 -13.13 -10.04
N LEU D 60 2.66 -12.55 -10.04
CA LEU D 60 1.44 -13.30 -10.35
C LEU D 60 0.85 -12.87 -11.70
N PHE D 61 0.26 -13.83 -12.40
CA PHE D 61 -0.09 -13.70 -13.80
C PHE D 61 -1.47 -14.36 -13.98
N VAL D 62 -2.45 -13.58 -14.41
CA VAL D 62 -3.86 -14.03 -14.46
C VAL D 62 -4.54 -13.78 -15.83
N VAL D 63 -5.08 -14.83 -16.44
CA VAL D 63 -5.83 -14.62 -17.67
C VAL D 63 -7.22 -15.28 -17.72
N THR D 64 -8.24 -14.47 -17.92
CA THR D 64 -9.57 -14.93 -18.21
C THR D 64 -9.76 -14.78 -19.70
N ASP D 65 -9.41 -13.61 -20.23
CA ASP D 65 -9.53 -13.35 -21.65
C ASP D 65 -8.35 -13.81 -22.44
N ILE D 66 -8.42 -15.02 -22.93
CA ILE D 66 -7.32 -15.66 -23.64
C ILE D 66 -6.96 -15.01 -24.99
N LEU D 67 -7.97 -14.86 -25.85
CA LEU D 67 -7.73 -14.33 -27.18
C LEU D 67 -7.26 -12.91 -27.11
N GLY D 68 -7.81 -12.15 -26.16
CA GLY D 68 -7.43 -10.76 -25.95
C GLY D 68 -6.14 -10.46 -25.24
N TYR D 69 -5.49 -11.46 -24.65
CA TYR D 69 -4.26 -11.22 -23.92
C TYR D 69 -3.07 -10.86 -24.80
N ASP D 70 -2.42 -9.73 -24.57
CA ASP D 70 -1.25 -9.36 -25.39
C ASP D 70 0.04 -10.09 -25.08
N VAL D 71 0.45 -10.85 -26.07
CA VAL D 71 1.49 -11.79 -25.95
C VAL D 71 2.70 -11.11 -26.58
N ASN D 72 2.42 -10.06 -27.35
CA ASN D 72 3.44 -9.27 -28.07
C ASN D 72 3.79 -7.90 -27.44
N SER D 73 3.58 -7.79 -26.12
CA SER D 73 3.98 -6.60 -25.38
C SER D 73 5.48 -6.48 -25.53
N ALA D 74 5.97 -5.24 -25.47
CA ALA D 74 7.40 -4.94 -25.66
C ALA D 74 8.28 -5.70 -24.66
N ALA D 75 7.79 -5.84 -23.43
CA ALA D 75 8.55 -6.47 -22.39
C ALA D 75 8.85 -7.94 -22.70
N THR D 76 7.85 -8.62 -23.28
CA THR D 76 7.93 -10.05 -23.62
C THR D 76 8.80 -10.30 -24.85
N LEU D 77 8.68 -9.42 -25.83
CA LEU D 77 9.43 -9.64 -27.06
C LEU D 77 10.92 -9.39 -26.83
N LYS D 78 11.23 -8.42 -25.98
CA LYS D 78 12.60 -8.20 -25.57
C LYS D 78 13.15 -9.52 -25.06
N LEU D 79 12.34 -10.22 -24.26
CA LEU D 79 12.73 -11.54 -23.81
C LEU D 79 12.82 -12.57 -24.92
N ILE D 80 11.89 -12.56 -25.88
CA ILE D 80 12.03 -13.49 -27.02
C ILE D 80 13.30 -13.18 -27.84
N TYR D 81 13.52 -11.91 -28.15
CA TYR D 81 14.67 -11.54 -28.96
C TYR D 81 15.95 -12.01 -28.26
N GLY D 82 16.04 -11.74 -26.96
CA GLY D 82 17.16 -12.15 -26.13
C GLY D 82 17.54 -13.61 -26.35
N ASP D 83 16.54 -14.47 -26.36
CA ASP D 83 16.76 -15.87 -26.63
C ASP D 83 17.01 -16.17 -28.12
N LEU D 84 16.28 -15.49 -29.00
CA LEU D 84 16.47 -15.64 -30.43
C LEU D 84 17.90 -15.30 -30.87
N GLU D 85 18.44 -14.23 -30.27
CA GLU D 85 19.83 -13.79 -30.50
C GLU D 85 20.84 -14.78 -29.91
N ALA D 86 20.50 -15.38 -28.76
CA ALA D 86 21.25 -16.51 -28.22
C ALA D 86 21.15 -17.75 -29.11
N GLN D 87 19.95 -18.05 -29.59
CA GLN D 87 19.72 -19.17 -30.52
C GLN D 87 20.64 -19.08 -31.75
N LEU D 88 21.04 -17.86 -32.09
CA LEU D 88 21.88 -17.60 -33.24
C LEU D 88 23.37 -17.71 -32.86
N ASN D 89 23.73 -17.16 -31.70
CA ASN D 89 25.07 -17.36 -31.14
C ASN D 89 25.51 -18.82 -31.28
N ASP D 90 24.63 -19.75 -30.91
CA ASP D 90 24.90 -21.20 -30.95
C ASP D 90 25.12 -21.79 -32.33
N LYS D 91 24.66 -21.07 -33.36
CA LYS D 91 24.92 -21.46 -34.75
C LYS D 91 25.84 -20.40 -35.39
N PRO D 92 27.15 -20.45 -35.03
CA PRO D 92 28.13 -19.40 -35.32
C PRO D 92 28.33 -19.17 -36.81
N GLU D 93 28.16 -20.23 -37.60
CA GLU D 93 28.29 -20.21 -39.05
C GLU D 93 27.20 -19.37 -39.75
N VAL D 94 26.02 -19.32 -39.11
CA VAL D 94 24.91 -18.51 -39.62
C VAL D 94 25.13 -17.08 -39.15
N LYS D 95 25.31 -16.91 -37.84
CA LYS D 95 25.67 -15.61 -37.27
C LYS D 95 26.54 -14.81 -38.27
N SER D 96 27.70 -15.38 -38.63
CA SER D 96 28.60 -14.72 -39.55
C SER D 96 28.12 -14.69 -41.00
N MET D 97 27.29 -15.64 -41.40
CA MET D 97 26.72 -15.59 -42.74
C MET D 97 25.82 -14.33 -42.85
N ILE D 98 25.03 -14.11 -41.79
CA ILE D 98 24.20 -12.92 -41.64
C ILE D 98 25.08 -11.69 -41.59
N GLU D 99 26.10 -11.73 -40.73
CA GLU D 99 27.04 -10.62 -40.58
C GLU D 99 27.74 -10.19 -41.91
N LYS D 100 28.04 -11.13 -42.81
CA LYS D 100 28.63 -10.76 -44.11
C LYS D 100 27.62 -10.00 -44.97
N LEU D 101 26.35 -10.42 -44.88
CA LEU D 101 25.26 -9.81 -45.64
C LEU D 101 24.94 -8.38 -45.20
N THR D 102 24.83 -8.20 -43.88
CA THR D 102 24.54 -6.90 -43.32
C THR D 102 25.67 -5.96 -43.70
N GLY D 103 26.90 -6.41 -43.49
CA GLY D 103 28.07 -5.73 -44.02
C GLY D 103 27.90 -5.28 -45.46
N THR D 104 27.50 -6.19 -46.35
CA THR D 104 27.41 -5.83 -47.77
C THR D 104 26.29 -4.85 -48.03
N ILE D 105 25.24 -4.87 -47.20
CA ILE D 105 24.21 -3.83 -47.36
C ILE D 105 24.74 -2.47 -46.92
N SER D 106 25.48 -2.44 -45.82
CA SER D 106 26.13 -1.21 -45.35
C SER D 106 27.06 -0.68 -46.42
N GLN D 107 27.91 -1.56 -46.96
CA GLN D 107 28.78 -1.16 -48.05
C GLN D 107 28.00 -0.46 -49.13
N LEU D 108 26.99 -1.11 -49.70
CA LEU D 108 26.23 -0.55 -50.82
C LEU D 108 25.66 0.85 -50.58
N ILE D 109 25.07 1.02 -49.40
CA ILE D 109 24.45 2.27 -49.05
C ILE D 109 25.51 3.36 -48.82
N GLY D 110 26.58 3.04 -48.09
CA GLY D 110 27.70 3.97 -47.97
C GLY D 110 27.95 4.74 -49.28
N TYR D 111 28.20 4.02 -50.37
CA TYR D 111 28.41 4.67 -51.67
C TYR D 111 27.34 5.71 -52.04
N GLU D 112 26.08 5.55 -51.57
CA GLU D 112 24.98 6.52 -51.86
C GLU D 112 24.89 7.73 -50.91
N LEU D 113 25.45 7.54 -49.72
CA LEU D 113 25.68 8.59 -48.73
C LEU D 113 26.89 9.46 -49.08
N LEU D 114 28.04 8.84 -49.41
CA LEU D 114 29.19 9.59 -49.92
C LEU D 114 28.82 10.43 -51.13
N GLU D 115 28.46 9.77 -52.24
CA GLU D 115 28.02 10.47 -53.45
C GLU D 115 26.98 11.53 -53.13
N HIS D 116 26.29 11.34 -52.02
CA HIS D 116 25.24 12.25 -51.61
C HIS D 116 25.81 13.58 -51.18
N GLU D 117 25.03 14.62 -51.45
CA GLU D 117 25.42 16.03 -51.28
C GLU D 117 25.75 16.41 -49.84
N MET D 118 24.96 15.89 -48.89
CA MET D 118 25.14 16.23 -47.47
C MET D 118 26.25 15.41 -46.82
N ASP D 119 26.52 15.71 -45.54
CA ASP D 119 27.56 15.05 -44.77
C ASP D 119 26.89 13.91 -43.97
N LEU D 120 26.40 12.91 -44.70
CA LEU D 120 25.72 11.72 -44.14
C LEU D 120 26.63 10.59 -43.63
N GLU D 121 26.10 9.79 -42.73
CA GLU D 121 26.93 8.99 -41.86
C GLU D 121 26.08 7.76 -41.49
N GLU D 122 26.70 6.62 -41.20
CA GLU D 122 25.94 5.45 -40.75
C GLU D 122 26.69 4.61 -39.70
N ASP D 123 25.95 3.87 -38.89
CA ASP D 123 26.60 2.95 -37.95
C ASP D 123 26.47 1.54 -38.54
N GLY D 124 26.52 0.50 -37.71
CA GLY D 124 26.37 -0.85 -38.26
C GLY D 124 24.96 -1.39 -38.19
N ILE D 125 24.75 -2.58 -38.74
CA ILE D 125 23.52 -3.31 -38.48
C ILE D 125 23.78 -4.45 -37.52
N ILE D 126 23.25 -4.34 -36.31
CA ILE D 126 23.38 -5.41 -35.31
C ILE D 126 22.13 -6.29 -35.36
N VAL D 127 22.22 -7.50 -34.81
CA VAL D 127 21.14 -8.46 -34.94
C VAL D 127 19.77 -8.00 -34.42
N GLN D 128 19.72 -7.34 -33.26
CA GLN D 128 18.43 -6.88 -32.70
C GLN D 128 17.77 -5.80 -33.58
N GLU D 129 18.57 -5.17 -34.44
CA GLU D 129 18.04 -4.31 -35.46
C GLU D 129 17.43 -5.19 -36.57
N LEU D 130 18.15 -6.20 -37.03
CA LEU D 130 17.55 -7.17 -37.91
C LEU D 130 16.21 -7.68 -37.36
N PHE D 131 16.18 -8.16 -36.13
CA PHE D 131 14.95 -8.70 -35.57
C PHE D 131 13.84 -7.64 -35.62
N LYS D 132 14.19 -6.37 -35.48
CA LYS D 132 13.21 -5.32 -35.42
C LYS D 132 12.70 -5.02 -36.83
N ALA D 133 13.60 -4.86 -37.80
CA ALA D 133 13.24 -4.69 -39.20
C ALA D 133 12.31 -5.80 -39.76
N LEU D 134 12.71 -7.05 -39.50
CA LEU D 134 11.88 -8.23 -39.70
C LEU D 134 10.83 -8.21 -38.59
N GLY D 135 9.56 -7.99 -38.86
CA GLY D 135 8.69 -7.69 -37.74
C GLY D 135 8.45 -8.87 -36.80
N ILE D 136 9.52 -9.43 -36.23
CA ILE D 136 9.46 -10.75 -35.53
C ILE D 136 8.58 -10.68 -34.28
N LYS D 137 7.68 -11.64 -34.13
CA LYS D 137 6.69 -11.61 -33.07
C LYS D 137 5.95 -12.93 -33.04
N ILE D 138 5.08 -13.13 -32.03
CA ILE D 138 4.26 -14.35 -31.97
C ILE D 138 3.09 -14.14 -32.92
N GLU D 139 2.77 -15.16 -33.71
CA GLU D 139 1.67 -15.07 -34.64
C GLU D 139 0.37 -15.49 -33.97
N THR D 140 -0.54 -14.54 -33.88
CA THR D 140 -1.75 -14.73 -33.10
C THR D 140 -3.04 -14.56 -33.89
N THR D 141 -3.01 -13.71 -34.91
CA THR D 141 -4.23 -13.37 -35.64
C THR D 141 -5.13 -14.56 -36.05
N SER D 142 -4.51 -15.67 -36.49
CA SER D 142 -5.22 -16.88 -36.86
C SER D 142 -5.45 -17.87 -35.71
N ASP D 143 -5.20 -17.46 -34.46
CA ASP D 143 -5.19 -18.36 -33.30
C ASP D 143 -6.52 -18.96 -32.98
N THR D 144 -6.55 -20.26 -32.68
CA THR D 144 -7.64 -20.83 -31.87
C THR D 144 -7.30 -20.68 -30.37
N ILE D 145 -8.34 -20.66 -29.53
CA ILE D 145 -8.17 -20.54 -28.11
C ILE D 145 -7.07 -21.48 -27.66
N PHE D 146 -7.12 -22.70 -28.19
CA PHE D 146 -6.14 -23.70 -27.81
C PHE D 146 -4.72 -23.23 -28.12
N GLU D 147 -4.50 -22.73 -29.31
CA GLU D 147 -3.18 -22.26 -29.66
C GLU D 147 -2.73 -21.13 -28.75
N LYS D 148 -3.57 -20.13 -28.57
CA LYS D 148 -3.29 -19.06 -27.66
C LYS D 148 -2.96 -19.58 -26.26
N VAL D 149 -3.72 -20.54 -25.74
CA VAL D 149 -3.36 -21.10 -24.44
C VAL D 149 -1.95 -21.61 -24.45
N MET D 150 -1.57 -22.35 -25.49
CA MET D 150 -0.19 -22.80 -25.62
C MET D 150 0.69 -21.58 -25.65
N GLU D 151 0.32 -20.60 -26.47
CA GLU D 151 1.13 -19.41 -26.63
C GLU D 151 1.38 -18.68 -25.30
N ILE D 152 0.33 -18.40 -24.53
CA ILE D 152 0.42 -17.76 -23.24
C ILE D 152 1.28 -18.61 -22.31
N THR D 153 1.20 -19.92 -22.42
CA THR D 153 2.01 -20.80 -21.59
C THR D 153 3.51 -20.74 -21.91
N GLN D 154 3.86 -20.56 -23.18
CA GLN D 154 5.26 -20.48 -23.56
C GLN D 154 5.79 -19.17 -23.06
N VAL D 155 4.97 -18.13 -23.12
CA VAL D 155 5.31 -16.78 -22.66
C VAL D 155 5.57 -16.77 -21.17
N HIS D 156 4.82 -17.59 -20.43
CA HIS D 156 4.98 -17.70 -18.99
C HIS D 156 6.28 -18.41 -18.61
N ARG D 157 6.64 -19.46 -19.35
CA ARG D 157 7.95 -20.10 -19.14
C ARG D 157 9.09 -19.12 -19.48
N TYR D 158 8.82 -18.17 -20.36
CA TYR D 158 9.76 -17.10 -20.67
C TYR D 158 9.82 -16.00 -19.60
N LEU D 159 8.66 -15.47 -19.22
CA LEU D 159 8.55 -14.48 -18.17
C LEU D 159 8.79 -15.15 -16.83
N SER D 160 10.05 -15.33 -16.41
CA SER D 160 10.31 -16.13 -15.20
C SER D 160 10.15 -15.31 -13.92
N LYS D 161 10.09 -13.98 -14.06
CA LYS D 161 9.59 -13.11 -12.96
C LYS D 161 8.18 -13.47 -12.47
N LYS D 162 7.39 -14.12 -13.31
CA LYS D 162 6.07 -14.61 -12.92
C LYS D 162 6.20 -16.10 -12.58
N LYS D 163 5.81 -16.43 -11.35
CA LYS D 163 6.08 -17.75 -10.75
C LYS D 163 4.85 -18.64 -10.76
N LEU D 164 3.68 -18.00 -10.93
CA LEU D 164 2.40 -18.68 -11.11
C LEU D 164 1.54 -18.04 -12.18
N LEU D 165 1.02 -18.87 -13.10
CA LEU D 165 -0.03 -18.47 -14.04
C LEU D 165 -1.38 -19.07 -13.63
N ILE D 166 -2.39 -18.21 -13.54
CA ILE D 166 -3.74 -18.68 -13.31
C ILE D 166 -4.65 -18.44 -14.51
N PHE D 167 -5.32 -19.52 -14.94
CA PHE D 167 -6.38 -19.47 -15.95
C PHE D 167 -7.72 -19.61 -15.27
N ILE D 168 -8.68 -18.81 -15.70
CA ILE D 168 -10.02 -18.95 -15.20
C ILE D 168 -10.91 -19.33 -16.39
N ASN D 169 -11.50 -20.53 -16.33
CA ASN D 169 -12.40 -21.07 -17.35
C ASN D 169 -11.73 -21.41 -18.68
N ALA D 170 -10.41 -21.60 -18.70
CA ALA D 170 -9.75 -21.99 -19.95
C ALA D 170 -10.33 -23.26 -20.57
N CYS D 171 -10.66 -24.22 -19.71
CA CYS D 171 -11.11 -25.56 -20.14
C CYS D 171 -12.49 -25.63 -20.75
N THR D 172 -13.33 -24.65 -20.45
CA THR D 172 -14.59 -24.55 -21.14
C THR D 172 -14.43 -24.39 -22.65
N TYR D 173 -13.20 -24.16 -23.16
CA TYR D 173 -13.04 -24.00 -24.60
C TYR D 173 -12.19 -25.09 -25.19
N LEU D 174 -11.73 -26.01 -24.35
CA LEU D 174 -10.76 -26.99 -24.77
C LEU D 174 -11.30 -28.41 -24.72
N THR D 175 -11.05 -29.19 -25.78
CA THR D 175 -11.39 -30.61 -25.84
C THR D 175 -10.53 -31.40 -24.87
N GLU D 176 -10.97 -32.58 -24.47
CA GLU D 176 -10.16 -33.38 -23.55
C GLU D 176 -8.71 -33.61 -24.06
N ASP D 177 -8.54 -33.67 -25.38
CA ASP D 177 -7.23 -33.88 -25.98
C ASP D 177 -6.39 -32.63 -26.08
N GLU D 178 -7.04 -31.53 -26.41
CA GLU D 178 -6.39 -30.23 -26.34
C GLU D 178 -5.88 -29.95 -24.93
N VAL D 179 -6.62 -30.40 -23.91
CA VAL D 179 -6.18 -30.18 -22.54
C VAL D 179 -4.92 -30.98 -22.34
N GLN D 180 -4.93 -32.24 -22.78
CA GLN D 180 -3.79 -33.13 -22.57
C GLN D 180 -2.52 -32.46 -23.07
N GLN D 181 -2.57 -31.89 -24.26
CA GLN D 181 -1.37 -31.30 -24.80
C GLN D 181 -0.89 -30.15 -23.92
N VAL D 182 -1.81 -29.23 -23.62
CA VAL D 182 -1.49 -28.12 -22.74
C VAL D 182 -0.86 -28.66 -21.47
N VAL D 183 -1.38 -29.77 -20.95
CA VAL D 183 -0.83 -30.33 -19.73
C VAL D 183 0.57 -30.76 -20.04
N GLU D 184 0.75 -31.53 -21.13
CA GLU D 184 2.06 -32.10 -21.49
C GLU D 184 3.19 -31.10 -21.69
N TYR D 185 2.97 -30.05 -22.47
CA TYR D 185 3.98 -28.97 -22.52
C TYR D 185 4.30 -28.42 -21.13
N ILE D 186 3.29 -28.10 -20.32
CA ILE D 186 3.51 -27.54 -18.98
C ILE D 186 4.38 -28.42 -18.11
N SER D 187 4.31 -29.73 -18.32
CA SER D 187 5.16 -30.64 -17.54
C SER D 187 6.63 -30.58 -18.01
N LEU D 188 6.86 -30.91 -19.27
CA LEU D 188 8.20 -30.81 -19.86
C LEU D 188 8.95 -29.63 -19.27
N ASN D 189 8.31 -28.46 -19.27
CA ASN D 189 9.02 -27.21 -19.01
C ASN D 189 9.02 -26.79 -17.57
N ASN D 190 8.42 -27.60 -16.73
CA ASN D 190 8.36 -27.31 -15.30
C ASN D 190 7.92 -25.85 -15.00
N VAL D 191 6.71 -25.46 -15.46
CA VAL D 191 6.08 -24.26 -14.90
C VAL D 191 4.93 -24.58 -14.00
N ASP D 192 4.49 -23.57 -13.26
CA ASP D 192 3.40 -23.71 -12.32
C ASP D 192 2.20 -22.92 -12.83
N VAL D 193 1.13 -23.66 -13.15
CA VAL D 193 -0.12 -23.06 -13.61
C VAL D 193 -1.40 -23.73 -13.10
N LEU D 194 -2.31 -22.87 -12.61
CA LEU D 194 -3.53 -23.29 -11.96
C LEU D 194 -4.70 -23.00 -12.86
N PHE D 195 -5.45 -24.06 -13.13
CA PHE D 195 -6.66 -23.98 -13.87
C PHE D 195 -7.83 -23.93 -12.91
N LEU D 196 -8.42 -22.75 -12.84
CA LEU D 196 -9.55 -22.54 -11.98
C LEU D 196 -10.80 -22.63 -12.84
N GLU D 197 -11.68 -23.56 -12.44
CA GLU D 197 -12.89 -23.93 -13.17
C GLU D 197 -14.12 -24.04 -12.26
N GLN D 198 -15.30 -23.84 -12.81
CA GLN D 198 -16.54 -23.93 -12.06
C GLN D 198 -17.29 -25.24 -12.39
N ARG D 199 -16.84 -25.94 -13.45
CA ARG D 199 -17.37 -27.26 -13.86
C ARG D 199 -16.26 -28.29 -13.84
N VAL D 200 -16.52 -29.50 -13.33
CA VAL D 200 -15.52 -30.57 -13.37
C VAL D 200 -14.81 -30.66 -14.73
N VAL D 201 -13.47 -30.73 -14.68
CA VAL D 201 -12.63 -30.93 -15.87
C VAL D 201 -12.51 -32.41 -16.18
N GLN D 202 -13.03 -32.76 -17.34
CA GLN D 202 -13.22 -34.13 -17.83
C GLN D 202 -12.03 -35.06 -17.75
N ASN D 203 -12.21 -36.17 -17.04
CA ASN D 203 -11.30 -37.31 -17.12
C ASN D 203 -9.91 -37.11 -16.53
N ARG D 204 -9.65 -36.00 -15.87
CA ARG D 204 -8.38 -35.93 -15.15
C ARG D 204 -8.49 -35.90 -13.64
N PHE D 205 -7.35 -35.76 -12.98
CA PHE D 205 -7.30 -35.63 -11.57
C PHE D 205 -7.38 -34.18 -11.24
N GLN D 206 -8.24 -33.79 -10.28
CA GLN D 206 -8.37 -32.40 -9.86
C GLN D 206 -8.85 -32.18 -8.42
N TYR D 207 -8.55 -31.01 -7.87
CA TYR D 207 -9.16 -30.63 -6.62
C TYR D 207 -10.57 -30.16 -6.93
N ILE D 208 -11.55 -30.78 -6.27
CA ILE D 208 -12.95 -30.41 -6.38
C ILE D 208 -13.56 -30.00 -5.03
N LEU D 209 -14.09 -28.78 -4.97
CA LEU D 209 -14.91 -28.32 -3.86
C LEU D 209 -16.37 -28.31 -4.25
N ASP D 210 -17.15 -29.27 -3.75
CA ASP D 210 -18.53 -29.43 -4.23
C ASP D 210 -19.51 -28.58 -3.46
N GLU D 211 -20.78 -28.62 -3.86
CA GLU D 211 -21.85 -27.77 -3.32
C GLU D 211 -22.08 -27.95 -1.81
N ASN D 212 -21.44 -28.94 -1.19
CA ASN D 212 -21.49 -29.14 0.25
C ASN D 212 -20.16 -28.77 0.84
N PHE D 213 -19.32 -28.12 0.05
CA PHE D 213 -18.01 -27.63 0.49
C PHE D 213 -17.06 -28.69 0.97
N TYR D 214 -17.31 -29.91 0.50
CA TYR D 214 -16.41 -31.05 0.63
C TYR D 214 -15.35 -31.06 -0.47
N LEU D 215 -14.09 -30.94 -0.06
CA LEU D 215 -12.97 -30.90 -0.98
C LEU D 215 -12.30 -32.27 -1.16
N SER D 216 -12.31 -32.76 -2.39
CA SER D 216 -11.69 -34.05 -2.67
C SER D 216 -10.70 -33.95 -3.82
N TYR D 217 -9.72 -34.84 -3.86
CA TYR D 217 -8.86 -34.92 -5.03
C TYR D 217 -9.16 -36.19 -5.83
N GLU D 218 -9.71 -36.04 -7.04
CA GLU D 218 -10.37 -37.17 -7.74
C GLU D 218 -10.24 -37.15 -9.26
N LYS D 219 -10.44 -38.33 -9.87
CA LYS D 219 -10.60 -38.45 -11.31
C LYS D 219 -12.07 -38.23 -11.67
N ARG E 3 -28.85 -7.01 -33.37
CA ARG E 3 -30.20 -7.61 -33.66
C ARG E 3 -30.21 -8.99 -34.32
N VAL E 4 -29.59 -9.11 -35.51
CA VAL E 4 -29.64 -10.38 -36.27
C VAL E 4 -28.24 -10.97 -36.39
N ASN E 5 -28.12 -12.24 -36.01
CA ASN E 5 -26.86 -12.95 -35.99
C ASN E 5 -26.89 -14.12 -36.97
N PHE E 6 -25.96 -14.10 -37.93
CA PHE E 6 -25.78 -15.19 -38.90
C PHE E 6 -24.36 -15.74 -38.86
N SER E 7 -24.27 -17.04 -38.57
CA SER E 7 -23.02 -17.78 -38.59
C SER E 7 -23.20 -19.04 -39.48
N LEU E 8 -22.78 -20.20 -39.03
CA LEU E 8 -22.97 -21.40 -39.79
C LEU E 8 -24.03 -22.24 -39.13
N LEU E 9 -25.04 -21.54 -38.66
CA LEU E 9 -26.18 -22.21 -38.15
C LEU E 9 -27.46 -21.76 -38.81
N GLU E 10 -27.42 -21.01 -39.91
CA GLU E 10 -28.70 -20.48 -40.36
C GLU E 10 -29.52 -21.70 -40.37
N GLU E 11 -30.64 -21.64 -39.69
CA GLU E 11 -31.33 -20.44 -39.32
C GLU E 11 -30.57 -19.37 -38.59
N PRO E 12 -30.96 -18.14 -38.89
CA PRO E 12 -30.45 -16.94 -38.23
C PRO E 12 -31.00 -16.75 -36.84
N ILE E 13 -30.32 -15.96 -36.02
CA ILE E 13 -30.68 -15.78 -34.62
C ILE E 13 -31.03 -14.32 -34.35
N GLU E 14 -32.08 -14.09 -33.55
CA GLU E 14 -32.41 -12.71 -33.27
C GLU E 14 -32.06 -12.27 -31.86
N ILE E 15 -31.60 -11.03 -31.78
CA ILE E 15 -31.10 -10.46 -30.54
C ILE E 15 -31.95 -9.28 -30.10
N GLU E 16 -32.79 -9.54 -29.09
CA GLU E 16 -33.59 -8.49 -28.47
C GLU E 16 -33.34 -8.44 -26.98
N LYS E 17 -33.01 -7.25 -26.47
CA LYS E 17 -32.55 -7.09 -25.09
C LYS E 17 -31.58 -8.23 -24.77
N ALA E 18 -31.84 -8.94 -23.68
CA ALA E 18 -30.95 -9.99 -23.20
C ALA E 18 -31.40 -11.26 -23.84
N THR E 19 -30.45 -11.86 -24.57
CA THR E 19 -30.75 -12.98 -25.39
C THR E 19 -29.60 -13.97 -25.21
N PHE E 20 -29.91 -15.22 -24.90
CA PHE E 20 -28.90 -16.19 -24.55
C PHE E 20 -28.67 -17.22 -25.65
N LEU E 21 -27.40 -17.52 -25.93
CA LEU E 21 -27.06 -18.53 -26.94
C LEU E 21 -26.06 -19.51 -26.40
N THR E 22 -26.53 -20.73 -26.22
CA THR E 22 -25.74 -21.81 -25.69
C THR E 22 -25.30 -22.71 -26.83
N ILE E 23 -24.00 -22.96 -26.90
CA ILE E 23 -23.37 -23.85 -27.85
C ILE E 23 -22.78 -25.04 -27.13
N LYS E 24 -23.47 -26.18 -27.16
CA LYS E 24 -23.11 -27.36 -26.39
C LYS E 24 -21.80 -28.00 -26.76
N ASP E 25 -21.49 -28.01 -28.05
CA ASP E 25 -20.29 -28.65 -28.57
C ASP E 25 -19.06 -27.73 -28.38
N VAL E 26 -18.03 -28.22 -27.64
CA VAL E 26 -16.98 -27.31 -27.21
C VAL E 26 -16.19 -26.70 -28.34
N GLN E 27 -15.89 -27.48 -29.38
CA GLN E 27 -15.16 -26.92 -30.51
C GLN E 27 -16.01 -25.89 -31.21
N SER E 28 -17.27 -26.19 -31.45
CA SER E 28 -18.16 -25.18 -32.06
C SER E 28 -18.27 -23.93 -31.18
N PHE E 29 -18.26 -24.13 -29.86
CA PHE E 29 -18.32 -23.00 -28.94
C PHE E 29 -17.04 -22.20 -29.10
N ALA E 30 -15.87 -22.85 -29.00
CA ALA E 30 -14.57 -22.21 -29.22
C ALA E 30 -14.47 -21.47 -30.58
N HIS E 31 -14.94 -22.14 -31.64
CA HIS E 31 -14.94 -21.60 -33.01
C HIS E 31 -15.68 -20.26 -33.07
N LEU E 32 -16.92 -20.22 -32.59
CA LEU E 32 -17.72 -19.00 -32.59
C LEU E 32 -17.11 -17.88 -31.73
N VAL E 33 -16.53 -18.21 -30.57
CA VAL E 33 -15.80 -17.22 -29.81
C VAL E 33 -14.66 -16.63 -30.67
N LYS E 34 -13.74 -17.47 -31.18
CA LYS E 34 -12.75 -16.99 -32.18
C LYS E 34 -13.39 -16.10 -33.28
N LEU E 35 -14.43 -16.54 -33.96
CA LEU E 35 -15.03 -15.65 -34.99
C LEU E 35 -15.53 -14.34 -34.42
N ILE E 36 -15.95 -14.34 -33.15
CA ILE E 36 -16.44 -13.12 -32.50
C ILE E 36 -15.29 -12.14 -32.27
N TYR E 37 -14.11 -12.67 -31.97
CA TYR E 37 -13.00 -11.80 -31.63
C TYR E 37 -12.27 -11.25 -32.82
N GLN E 38 -12.60 -11.75 -33.99
CA GLN E 38 -12.04 -11.32 -35.25
C GLN E 38 -12.97 -10.51 -36.08
N TYR E 39 -14.16 -10.23 -35.60
CA TYR E 39 -15.20 -9.76 -36.46
C TYR E 39 -14.88 -8.50 -37.19
N ASP E 40 -14.99 -8.57 -38.50
CA ASP E 40 -14.74 -7.43 -39.36
C ASP E 40 -15.90 -7.22 -40.28
N GLY E 41 -16.90 -8.07 -40.19
CA GLY E 41 -17.97 -7.99 -41.15
C GLY E 41 -17.89 -8.97 -42.31
N GLU E 42 -17.02 -9.97 -42.22
CA GLU E 42 -16.92 -10.95 -43.30
C GLU E 42 -17.28 -12.41 -43.01
N ASN E 43 -16.49 -13.10 -42.19
CA ASN E 43 -16.67 -14.54 -42.01
C ASN E 43 -17.98 -14.89 -41.38
N GLU E 44 -18.36 -14.09 -40.40
CA GLU E 44 -19.64 -14.17 -39.78
C GLU E 44 -20.16 -12.77 -39.83
N LEU E 45 -21.40 -12.65 -40.21
CA LEU E 45 -22.01 -11.36 -40.49
C LEU E 45 -22.94 -11.05 -39.33
N LYS E 46 -23.07 -9.77 -39.03
CA LYS E 46 -24.09 -9.33 -38.09
C LYS E 46 -24.78 -8.11 -38.62
N LEU E 47 -26.12 -8.15 -38.58
CA LEU E 47 -26.93 -7.23 -39.37
C LEU E 47 -28.01 -6.55 -38.53
N GLN E 52 -30.61 -6.59 -42.22
CA GLN E 52 -30.81 -5.13 -42.20
C GLN E 52 -29.49 -4.38 -42.57
N LYS E 53 -28.95 -3.63 -41.60
CA LYS E 53 -27.96 -2.56 -41.84
C LYS E 53 -26.51 -3.03 -41.98
N GLY E 54 -25.91 -3.56 -40.91
CA GLY E 54 -24.60 -4.26 -41.05
C GLY E 54 -23.45 -3.84 -40.15
N LEU E 55 -23.47 -4.34 -38.92
CA LEU E 55 -22.58 -3.91 -37.83
C LEU E 55 -21.08 -3.76 -38.13
N LYS E 56 -20.58 -2.53 -37.99
CA LYS E 56 -19.16 -2.23 -38.20
C LYS E 56 -18.36 -2.72 -37.00
N PRO E 57 -17.08 -3.11 -37.22
CA PRO E 57 -16.29 -3.76 -36.17
C PRO E 57 -16.19 -2.89 -34.93
N THR E 58 -16.30 -1.56 -35.10
CA THR E 58 -16.23 -0.61 -33.98
C THR E 58 -17.57 -0.40 -33.24
N GLU E 59 -18.62 -1.07 -33.69
CA GLU E 59 -19.96 -0.95 -33.08
C GLU E 59 -20.25 -2.16 -32.21
N LEU E 60 -19.35 -3.14 -32.31
CA LEU E 60 -19.41 -4.38 -31.54
C LEU E 60 -18.43 -4.30 -30.34
N PHE E 61 -18.70 -5.12 -29.32
CA PHE E 61 -18.21 -4.86 -27.98
C PHE E 61 -18.37 -6.15 -27.21
N VAL E 62 -17.21 -6.79 -26.97
CA VAL E 62 -17.08 -8.10 -26.33
C VAL E 62 -16.42 -8.02 -24.95
N VAL E 63 -16.99 -8.69 -23.95
CA VAL E 63 -16.24 -8.88 -22.69
C VAL E 63 -16.21 -10.32 -22.21
N THR E 64 -14.98 -10.82 -22.02
CA THR E 64 -14.72 -12.13 -21.39
C THR E 64 -14.16 -11.97 -19.99
N ASP E 65 -13.21 -11.06 -19.83
CA ASP E 65 -12.63 -10.77 -18.53
C ASP E 65 -13.46 -9.67 -17.89
N ILE E 66 -14.45 -10.07 -17.11
CA ILE E 66 -15.36 -9.10 -16.49
C ILE E 66 -14.69 -8.11 -15.55
N LEU E 67 -13.91 -8.62 -14.58
CA LEU E 67 -13.27 -7.72 -13.61
C LEU E 67 -12.16 -6.92 -14.22
N GLY E 68 -11.47 -7.50 -15.20
CA GLY E 68 -10.37 -6.82 -15.90
C GLY E 68 -10.70 -5.70 -16.87
N TYR E 69 -11.96 -5.61 -17.27
CA TYR E 69 -12.39 -4.66 -18.27
C TYR E 69 -12.37 -3.24 -17.74
N ASP E 70 -11.56 -2.39 -18.38
CA ASP E 70 -11.48 -0.96 -18.07
C ASP E 70 -12.72 -0.17 -18.53
N VAL E 71 -13.63 -0.03 -17.58
CA VAL E 71 -14.89 0.64 -17.76
C VAL E 71 -14.59 2.13 -17.74
N ASN E 72 -13.40 2.47 -17.24
CA ASN E 72 -12.97 3.85 -17.00
C ASN E 72 -12.07 4.33 -18.14
N SER E 73 -12.43 3.88 -19.33
CA SER E 73 -11.76 4.25 -20.57
C SER E 73 -11.72 5.75 -20.72
N ALA E 74 -10.67 6.22 -21.39
CA ALA E 74 -10.57 7.62 -21.80
C ALA E 74 -11.88 8.17 -22.36
N ALA E 75 -12.45 7.48 -23.33
CA ALA E 75 -13.60 7.96 -24.10
C ALA E 75 -14.86 8.17 -23.28
N THR E 76 -14.96 7.43 -22.18
CA THR E 76 -16.21 7.33 -21.39
C THR E 76 -16.23 8.31 -20.22
N LEU E 77 -15.05 8.52 -19.64
CA LEU E 77 -14.86 9.51 -18.58
C LEU E 77 -15.29 10.85 -19.11
N LYS E 78 -14.84 11.16 -20.32
CA LYS E 78 -15.30 12.31 -21.09
C LYS E 78 -16.82 12.53 -20.99
N LEU E 79 -17.61 11.45 -21.20
CA LEU E 79 -19.08 11.58 -21.21
C LEU E 79 -19.72 11.79 -19.85
N ILE E 80 -19.17 11.14 -18.83
CA ILE E 80 -19.64 11.37 -17.48
C ILE E 80 -19.37 12.81 -17.15
N TYR E 81 -18.17 13.28 -17.48
CA TYR E 81 -17.74 14.65 -17.16
C TYR E 81 -18.66 15.67 -17.81
N GLY E 82 -18.83 15.55 -19.12
CA GLY E 82 -19.83 16.32 -19.86
C GLY E 82 -21.14 16.23 -19.11
N ASP E 83 -21.68 15.02 -19.04
CA ASP E 83 -22.85 14.73 -18.21
C ASP E 83 -22.74 15.39 -16.83
N LEU E 84 -21.55 15.33 -16.22
CA LEU E 84 -21.33 15.86 -14.87
C LEU E 84 -21.41 17.37 -14.82
N GLU E 85 -20.64 18.04 -15.68
CA GLU E 85 -20.70 19.50 -15.84
C GLU E 85 -22.15 19.94 -16.05
N ALA E 86 -22.87 19.20 -16.90
CA ALA E 86 -24.30 19.42 -17.18
C ALA E 86 -25.16 19.38 -15.92
N GLN E 87 -24.91 18.38 -15.07
CA GLN E 87 -25.61 18.26 -13.79
C GLN E 87 -25.40 19.52 -12.91
N LEU E 88 -24.17 20.03 -12.90
CA LEU E 88 -23.81 21.27 -12.21
C LEU E 88 -24.65 22.48 -12.63
N ASN E 89 -25.32 22.37 -13.78
CA ASN E 89 -26.17 23.48 -14.25
C ASN E 89 -27.52 23.65 -13.56
N ASP E 90 -28.39 22.62 -13.60
CA ASP E 90 -29.74 22.65 -12.97
C ASP E 90 -29.75 23.15 -11.51
N LYS E 91 -28.54 23.25 -10.95
CA LYS E 91 -28.35 23.88 -9.66
C LYS E 91 -27.38 25.05 -9.87
N PRO E 92 -27.92 26.21 -10.29
CA PRO E 92 -27.06 27.37 -10.54
C PRO E 92 -26.55 27.95 -9.24
N GLU E 93 -27.39 27.88 -8.22
CA GLU E 93 -27.01 28.28 -6.87
C GLU E 93 -25.83 27.47 -6.33
N VAL E 94 -25.60 26.27 -6.88
CA VAL E 94 -24.43 25.48 -6.52
C VAL E 94 -23.27 25.75 -7.49
N LYS E 95 -23.59 25.98 -8.75
CA LYS E 95 -22.57 26.31 -9.74
C LYS E 95 -21.79 27.58 -9.39
N SER E 96 -22.49 28.61 -8.92
CA SER E 96 -21.86 29.87 -8.62
C SER E 96 -21.03 29.84 -7.33
N MET E 97 -21.34 28.88 -6.44
CA MET E 97 -20.57 28.60 -5.22
C MET E 97 -19.17 28.07 -5.59
N ILE E 98 -19.10 27.24 -6.63
CA ILE E 98 -17.84 26.71 -7.15
C ILE E 98 -16.98 27.76 -7.85
N GLU E 99 -17.60 28.54 -8.73
CA GLU E 99 -16.97 29.69 -9.37
C GLU E 99 -16.40 30.64 -8.28
N LYS E 100 -17.18 30.88 -7.24
CA LYS E 100 -16.73 31.67 -6.13
C LYS E 100 -15.49 31.07 -5.48
N LEU E 101 -15.55 29.75 -5.23
CA LEU E 101 -14.50 29.00 -4.54
C LEU E 101 -13.17 28.90 -5.32
N THR E 102 -13.27 28.63 -6.62
CA THR E 102 -12.07 28.49 -7.44
C THR E 102 -11.47 29.87 -7.72
N GLY E 103 -12.35 30.84 -7.99
CA GLY E 103 -11.99 32.28 -8.02
C GLY E 103 -11.18 32.75 -6.82
N THR E 104 -11.52 32.27 -5.63
CA THR E 104 -10.79 32.64 -4.44
C THR E 104 -9.45 31.92 -4.44
N ILE E 105 -9.42 30.65 -4.82
CA ILE E 105 -8.16 29.92 -4.78
C ILE E 105 -7.16 30.55 -5.74
N SER E 106 -7.62 30.87 -6.94
CA SER E 106 -6.79 31.51 -7.94
C SER E 106 -6.22 32.81 -7.39
N GLN E 107 -7.00 33.49 -6.59
CA GLN E 107 -6.50 34.73 -6.04
C GLN E 107 -5.46 34.55 -4.93
N LEU E 108 -5.73 33.63 -4.01
CA LEU E 108 -4.78 33.38 -2.94
C LEU E 108 -3.43 33.00 -3.49
N ILE E 109 -3.41 32.00 -4.38
CA ILE E 109 -2.19 31.56 -5.03
C ILE E 109 -1.62 32.72 -5.84
N GLY E 110 -2.47 33.52 -6.45
CA GLY E 110 -2.01 34.69 -7.20
C GLY E 110 -1.08 35.60 -6.41
N TYR E 111 -1.46 35.96 -5.18
CA TYR E 111 -0.56 36.72 -4.32
C TYR E 111 0.76 35.99 -4.17
N GLU E 112 0.71 34.69 -3.90
CA GLU E 112 1.93 33.91 -3.74
C GLU E 112 2.90 34.01 -4.89
N LEU E 113 2.40 34.14 -6.12
CA LEU E 113 3.23 34.37 -7.28
C LEU E 113 3.93 35.74 -7.19
N LEU E 114 3.23 36.77 -6.70
CA LEU E 114 3.86 38.09 -6.61
C LEU E 114 4.99 38.01 -5.62
N GLU E 115 4.68 37.70 -4.37
CA GLU E 115 5.68 37.69 -3.29
C GLU E 115 6.85 36.73 -3.59
N HIS E 116 6.69 35.95 -4.66
CA HIS E 116 7.78 35.13 -5.16
C HIS E 116 8.62 36.00 -6.06
N GLU E 117 9.93 35.94 -5.82
CA GLU E 117 10.93 36.77 -6.51
C GLU E 117 11.02 36.62 -8.03
N MET E 118 10.42 35.56 -8.61
CA MET E 118 10.39 35.43 -10.07
C MET E 118 9.10 35.99 -10.63
N ASP E 119 8.98 36.00 -11.96
CA ASP E 119 7.88 36.60 -12.67
C ASP E 119 7.00 35.48 -13.19
N LEU E 120 6.20 34.89 -12.30
CA LEU E 120 5.33 33.73 -12.64
C LEU E 120 3.87 34.09 -13.01
N GLU E 121 3.41 33.53 -14.13
CA GLU E 121 2.09 33.78 -14.70
C GLU E 121 1.05 32.75 -14.15
N GLU E 122 -0.24 32.98 -14.39
CA GLU E 122 -1.26 31.95 -14.11
C GLU E 122 -2.53 32.28 -14.88
N ASP E 123 -3.30 31.25 -15.25
CA ASP E 123 -4.57 31.43 -15.94
C ASP E 123 -5.67 31.24 -14.91
N GLY E 124 -6.50 30.22 -15.11
CA GLY E 124 -7.58 29.92 -14.17
C GLY E 124 -7.93 28.44 -14.06
N ILE E 125 -8.97 28.18 -13.27
CA ILE E 125 -9.46 26.83 -13.06
C ILE E 125 -10.86 26.66 -13.65
N ILE E 126 -10.99 25.74 -14.58
CA ILE E 126 -12.30 25.44 -15.14
C ILE E 126 -12.79 24.08 -14.60
N VAL E 127 -14.12 23.87 -14.57
CA VAL E 127 -14.67 22.69 -13.88
C VAL E 127 -13.93 21.41 -14.23
N GLN E 128 -13.87 21.08 -15.51
CA GLN E 128 -13.11 19.92 -16.05
C GLN E 128 -11.81 19.67 -15.33
N GLU E 129 -11.09 20.74 -15.04
CA GLU E 129 -9.85 20.67 -14.33
C GLU E 129 -10.08 20.23 -12.90
N LEU E 130 -11.15 20.71 -12.27
CA LEU E 130 -11.52 20.20 -10.94
C LEU E 130 -11.77 18.67 -10.97
N PHE E 131 -12.47 18.21 -12.01
CA PHE E 131 -12.82 16.80 -12.16
C PHE E 131 -11.57 15.95 -12.32
N LYS E 132 -10.68 16.39 -13.17
CA LYS E 132 -9.43 15.69 -13.41
C LYS E 132 -8.60 15.63 -12.11
N ALA E 133 -8.58 16.74 -11.36
CA ALA E 133 -7.74 16.82 -10.15
C ALA E 133 -8.28 15.91 -9.06
N LEU E 134 -9.56 16.08 -8.78
CA LEU E 134 -10.40 15.05 -8.17
C LEU E 134 -10.25 13.78 -8.98
N GLY E 135 -10.52 12.62 -8.39
CA GLY E 135 -10.25 11.40 -9.19
C GLY E 135 -11.39 10.86 -10.05
N ILE E 136 -12.32 11.71 -10.48
CA ILE E 136 -13.60 11.19 -10.85
C ILE E 136 -13.52 10.06 -11.83
N LYS E 137 -14.07 8.93 -11.39
CA LYS E 137 -14.13 7.69 -12.13
C LYS E 137 -15.26 6.82 -11.57
N ILE E 138 -15.52 5.68 -12.19
CA ILE E 138 -16.47 4.71 -11.67
C ILE E 138 -15.69 3.85 -10.67
N GLU E 139 -16.26 3.65 -9.49
CA GLU E 139 -15.57 2.86 -8.46
C GLU E 139 -15.66 1.39 -8.86
N THR E 140 -14.52 0.70 -8.82
CA THR E 140 -14.49 -0.72 -9.23
C THR E 140 -13.66 -1.58 -8.29
N THR E 141 -12.77 -0.95 -7.57
CA THR E 141 -11.89 -1.69 -6.67
C THR E 141 -12.64 -2.74 -5.84
N SER E 142 -13.83 -2.38 -5.37
CA SER E 142 -14.64 -3.22 -4.48
C SER E 142 -15.63 -4.14 -5.18
N ASP E 143 -15.81 -3.98 -6.49
CA ASP E 143 -16.83 -4.72 -7.25
C ASP E 143 -16.80 -6.25 -7.06
N THR E 144 -17.97 -6.85 -6.97
CA THR E 144 -18.13 -8.27 -7.23
C THR E 144 -18.35 -8.45 -8.73
N ILE E 145 -18.33 -9.69 -9.21
CA ILE E 145 -18.60 -9.92 -10.62
C ILE E 145 -20.00 -9.48 -10.99
N PHE E 146 -20.98 -9.79 -10.15
CA PHE E 146 -22.32 -9.34 -10.43
C PHE E 146 -22.43 -7.80 -10.65
N GLU E 147 -21.80 -7.02 -9.76
CA GLU E 147 -21.96 -5.57 -9.83
C GLU E 147 -21.19 -4.99 -11.01
N LYS E 148 -20.03 -5.55 -11.33
CA LYS E 148 -19.31 -5.16 -12.55
C LYS E 148 -20.15 -5.36 -13.83
N VAL E 149 -20.73 -6.54 -14.01
CA VAL E 149 -21.64 -6.77 -15.10
C VAL E 149 -22.63 -5.62 -15.24
N MET E 150 -23.16 -5.15 -14.12
CA MET E 150 -24.21 -4.16 -14.13
C MET E 150 -23.65 -2.83 -14.62
N GLU E 151 -22.46 -2.50 -14.13
CA GLU E 151 -21.79 -1.26 -14.51
C GLU E 151 -21.47 -1.25 -15.99
N ILE E 152 -20.96 -2.38 -16.50
CA ILE E 152 -20.61 -2.53 -17.91
C ILE E 152 -21.89 -2.35 -18.73
N THR E 153 -23.00 -2.76 -18.15
CA THR E 153 -24.31 -2.62 -18.78
C THR E 153 -24.68 -1.15 -18.82
N GLN E 154 -24.55 -0.46 -17.68
CA GLN E 154 -24.82 0.98 -17.60
C GLN E 154 -24.02 1.70 -18.64
N VAL E 155 -22.73 1.46 -18.68
CA VAL E 155 -21.84 2.03 -19.69
C VAL E 155 -22.38 1.81 -21.08
N HIS E 156 -22.80 0.59 -21.37
CA HIS E 156 -23.26 0.22 -22.69
C HIS E 156 -24.35 1.16 -23.15
N ARG E 157 -25.27 1.49 -22.23
CA ARG E 157 -26.29 2.49 -22.47
C ARG E 157 -25.67 3.78 -22.96
N TYR E 158 -24.66 4.28 -22.26
CA TYR E 158 -23.97 5.49 -22.66
C TYR E 158 -23.33 5.34 -24.04
N LEU E 159 -22.31 4.49 -24.18
CA LEU E 159 -21.65 4.36 -25.49
C LEU E 159 -22.65 3.84 -26.49
N SER E 160 -23.40 4.77 -27.07
CA SER E 160 -24.54 4.46 -27.94
C SER E 160 -24.12 4.05 -29.34
N LYS E 161 -22.88 4.39 -29.70
CA LYS E 161 -22.26 3.91 -30.95
C LYS E 161 -21.84 2.44 -30.82
N LYS E 162 -22.00 1.89 -29.60
CA LYS E 162 -21.78 0.46 -29.38
C LYS E 162 -23.15 -0.16 -29.38
N LYS E 163 -23.48 -0.87 -30.45
CA LYS E 163 -24.83 -1.35 -30.60
C LYS E 163 -25.04 -2.70 -29.96
N LEU E 164 -24.05 -3.60 -30.09
CA LEU E 164 -24.14 -4.91 -29.46
C LEU E 164 -23.09 -5.14 -28.38
N LEU E 165 -23.55 -5.61 -27.21
CA LEU E 165 -22.66 -6.12 -26.18
C LEU E 165 -22.72 -7.66 -26.10
N ILE E 166 -21.54 -8.30 -26.09
CA ILE E 166 -21.50 -9.74 -25.95
C ILE E 166 -20.67 -10.15 -24.78
N PHE E 167 -21.28 -10.86 -23.85
CA PHE E 167 -20.51 -11.54 -22.80
C PHE E 167 -20.27 -13.00 -23.11
N ILE E 168 -19.10 -13.48 -22.76
CA ILE E 168 -18.79 -14.86 -22.96
C ILE E 168 -18.47 -15.51 -21.63
N ASN E 169 -19.23 -16.55 -21.27
CA ASN E 169 -19.06 -17.29 -19.99
C ASN E 169 -19.54 -16.57 -18.73
N ALA E 170 -20.33 -15.51 -18.88
CA ALA E 170 -20.83 -14.76 -17.74
C ALA E 170 -21.59 -15.60 -16.73
N CYS E 171 -22.23 -16.66 -17.18
CA CYS E 171 -23.10 -17.38 -16.30
C CYS E 171 -22.41 -18.41 -15.43
N THR E 172 -21.10 -18.50 -15.59
CA THR E 172 -20.25 -19.26 -14.72
C THR E 172 -20.07 -18.54 -13.39
N TYR E 173 -20.17 -17.22 -13.38
CA TYR E 173 -19.93 -16.47 -12.16
C TYR E 173 -21.17 -16.00 -11.40
N LEU E 174 -22.36 -16.15 -12.02
CA LEU E 174 -23.61 -15.58 -11.51
C LEU E 174 -24.65 -16.61 -11.10
N THR E 175 -25.20 -16.45 -9.89
CA THR E 175 -26.28 -17.32 -9.43
C THR E 175 -27.54 -17.09 -10.24
N GLU E 176 -28.45 -18.04 -10.18
CA GLU E 176 -29.71 -17.93 -10.88
C GLU E 176 -30.40 -16.54 -10.74
N ASP E 177 -30.59 -16.06 -9.51
CA ASP E 177 -31.22 -14.75 -9.31
C ASP E 177 -30.39 -13.58 -9.79
N GLU E 178 -29.07 -13.68 -9.69
CA GLU E 178 -28.19 -12.68 -10.25
C GLU E 178 -28.45 -12.53 -11.73
N VAL E 179 -28.55 -13.65 -12.46
CA VAL E 179 -28.82 -13.59 -13.89
C VAL E 179 -30.14 -12.90 -14.18
N GLN E 180 -31.21 -13.34 -13.52
CA GLN E 180 -32.52 -12.67 -13.61
C GLN E 180 -32.47 -11.16 -13.35
N GLN E 181 -31.67 -10.74 -12.39
CA GLN E 181 -31.50 -9.30 -12.14
C GLN E 181 -30.75 -8.55 -13.24
N VAL E 182 -29.75 -9.19 -13.85
CA VAL E 182 -28.98 -8.54 -14.89
C VAL E 182 -29.89 -8.35 -16.08
N VAL E 183 -30.75 -9.34 -16.30
CA VAL E 183 -31.66 -9.36 -17.44
C VAL E 183 -32.71 -8.26 -17.37
N GLU E 184 -33.36 -8.11 -16.22
CA GLU E 184 -34.31 -7.01 -16.00
C GLU E 184 -33.61 -5.67 -16.21
N TYR E 185 -32.41 -5.55 -15.63
CA TYR E 185 -31.59 -4.38 -15.80
C TYR E 185 -31.28 -4.12 -17.25
N ILE E 186 -31.01 -5.16 -18.03
CA ILE E 186 -30.71 -4.91 -19.42
C ILE E 186 -31.92 -4.27 -20.08
N SER E 187 -33.10 -4.83 -19.79
CA SER E 187 -34.38 -4.39 -20.35
C SER E 187 -34.76 -2.96 -19.93
N LEU E 188 -34.45 -2.62 -18.68
CA LEU E 188 -34.62 -1.28 -18.14
C LEU E 188 -33.66 -0.31 -18.81
N ASN E 189 -32.35 -0.58 -18.74
CA ASN E 189 -31.40 0.28 -19.44
C ASN E 189 -31.65 0.22 -20.96
N ASN E 190 -32.64 -0.57 -21.38
CA ASN E 190 -33.04 -0.68 -22.79
C ASN E 190 -32.01 -1.18 -23.87
N VAL E 191 -30.95 -1.89 -23.48
CA VAL E 191 -29.91 -2.24 -24.45
C VAL E 191 -29.94 -3.68 -24.96
N ASP E 192 -29.21 -3.95 -26.05
CA ASP E 192 -29.12 -5.30 -26.61
C ASP E 192 -27.80 -5.99 -26.24
N VAL E 193 -27.91 -7.19 -25.68
CA VAL E 193 -26.74 -7.95 -25.25
C VAL E 193 -26.91 -9.43 -25.44
N LEU E 194 -25.87 -10.08 -25.97
CA LEU E 194 -25.84 -11.54 -26.15
C LEU E 194 -24.97 -12.22 -25.08
N PHE E 195 -25.54 -13.20 -24.39
CA PHE E 195 -24.81 -14.04 -23.45
C PHE E 195 -24.49 -15.37 -24.10
N LEU E 196 -23.22 -15.55 -24.41
CA LEU E 196 -22.75 -16.76 -25.09
C LEU E 196 -22.20 -17.71 -24.05
N GLU E 197 -22.88 -18.85 -23.88
CA GLU E 197 -22.51 -19.83 -22.85
C GLU E 197 -22.25 -21.16 -23.53
N GLN E 198 -21.50 -22.03 -22.86
CA GLN E 198 -21.30 -23.38 -23.36
C GLN E 198 -22.23 -24.33 -22.62
N ARG E 199 -22.78 -23.91 -21.51
CA ARG E 199 -23.67 -24.78 -20.82
C ARG E 199 -24.99 -24.13 -20.61
N VAL E 200 -26.04 -24.91 -20.70
CA VAL E 200 -27.38 -24.40 -20.62
C VAL E 200 -27.61 -23.62 -19.35
N VAL E 201 -28.29 -22.50 -19.52
CA VAL E 201 -28.57 -21.56 -18.48
C VAL E 201 -29.86 -22.00 -17.93
N GLN E 202 -29.85 -22.46 -16.71
CA GLN E 202 -31.05 -23.08 -16.15
C GLN E 202 -32.25 -22.14 -15.99
N ASN E 203 -33.44 -22.72 -16.14
CA ASN E 203 -34.72 -22.02 -15.91
C ASN E 203 -35.03 -20.81 -16.79
N ARG E 204 -34.45 -20.75 -18.00
CA ARG E 204 -34.87 -19.71 -18.95
C ARG E 204 -34.98 -20.06 -20.44
N PHE E 205 -35.66 -19.20 -21.17
CA PHE E 205 -35.70 -19.30 -22.62
C PHE E 205 -34.42 -18.73 -23.24
N GLN E 206 -33.81 -19.56 -24.11
CA GLN E 206 -32.58 -19.28 -24.85
C GLN E 206 -32.55 -20.05 -26.20
N TYR E 207 -31.59 -19.70 -27.05
CA TYR E 207 -31.21 -20.54 -28.17
C TYR E 207 -30.25 -21.61 -27.67
N ILE E 208 -30.44 -22.87 -28.07
CA ILE E 208 -29.44 -23.88 -27.80
C ILE E 208 -29.05 -24.55 -29.10
N LEU E 209 -27.74 -24.72 -29.30
CA LEU E 209 -27.24 -25.48 -30.42
C LEU E 209 -26.69 -26.73 -29.86
N ASP E 210 -27.42 -27.84 -29.94
CA ASP E 210 -26.98 -29.06 -29.26
C ASP E 210 -25.84 -29.85 -29.94
N GLU E 211 -25.38 -30.91 -29.27
CA GLU E 211 -24.28 -31.79 -29.75
C GLU E 211 -24.49 -32.41 -31.16
N ASN E 212 -25.76 -32.60 -31.55
CA ASN E 212 -26.11 -33.15 -32.87
C ASN E 212 -26.41 -32.02 -33.86
N PHE E 213 -26.19 -30.78 -33.43
CA PHE E 213 -26.40 -29.55 -34.24
C PHE E 213 -27.85 -29.16 -34.51
N TYR E 214 -28.74 -29.62 -33.63
CA TYR E 214 -30.12 -29.17 -33.63
C TYR E 214 -30.17 -27.79 -33.01
N LEU E 215 -30.69 -26.81 -33.74
CA LEU E 215 -30.90 -25.46 -33.19
C LEU E 215 -32.33 -25.32 -32.74
N SER E 216 -32.54 -24.74 -31.56
CA SER E 216 -33.86 -24.55 -31.01
C SER E 216 -33.88 -23.46 -29.96
N TYR E 217 -35.03 -22.79 -29.84
CA TYR E 217 -35.29 -21.81 -28.79
C TYR E 217 -36.25 -22.48 -27.82
N GLU E 218 -35.91 -22.52 -26.54
CA GLU E 218 -36.60 -23.39 -25.58
C GLU E 218 -36.17 -23.10 -24.15
N LYS E 219 -36.91 -23.65 -23.18
CA LYS E 219 -36.49 -23.57 -21.77
C LYS E 219 -35.55 -24.72 -21.31
N ARG F 3 -28.35 -21.19 49.66
CA ARG F 3 -29.05 -22.07 50.66
C ARG F 3 -30.53 -22.26 50.32
N VAL F 4 -31.26 -21.17 50.18
CA VAL F 4 -32.70 -21.28 50.00
C VAL F 4 -33.11 -20.94 48.57
N ASN F 5 -34.14 -21.61 48.11
CA ASN F 5 -34.47 -21.60 46.70
C ASN F 5 -35.96 -21.46 46.40
N PHE F 6 -36.28 -20.64 45.40
CA PHE F 6 -37.65 -20.60 44.91
C PHE F 6 -37.85 -20.04 43.50
N SER F 7 -38.77 -20.67 42.73
CA SER F 7 -39.23 -20.20 41.39
C SER F 7 -40.71 -19.66 41.40
N PRO F 12 -40.63 -24.14 48.18
CA PRO F 12 -39.59 -23.22 48.71
C PRO F 12 -38.44 -24.02 49.35
N ILE F 13 -37.37 -24.28 48.59
CA ILE F 13 -36.44 -25.39 48.86
C ILE F 13 -35.13 -25.02 49.55
N GLU F 14 -34.80 -25.75 50.60
CA GLU F 14 -33.57 -25.54 51.39
C GLU F 14 -32.39 -26.34 50.82
N ILE F 15 -31.38 -25.65 50.29
CA ILE F 15 -30.14 -26.32 49.85
C ILE F 15 -29.13 -26.36 50.96
N GLU F 16 -28.78 -27.58 51.34
CA GLU F 16 -27.85 -27.83 52.42
C GLU F 16 -26.99 -28.97 51.91
N LYS F 17 -25.69 -28.93 52.17
CA LYS F 17 -24.75 -29.96 51.68
C LYS F 17 -25.12 -30.45 50.26
N ALA F 18 -25.17 -31.76 50.08
CA ALA F 18 -25.52 -32.33 48.78
C ALA F 18 -27.02 -32.51 48.70
N THR F 19 -27.66 -31.68 47.89
CA THR F 19 -29.10 -31.77 47.74
C THR F 19 -29.58 -31.88 46.27
N PHE F 20 -30.45 -32.87 46.06
CA PHE F 20 -30.96 -33.23 44.72
C PHE F 20 -32.38 -32.73 44.50
N LEU F 21 -32.69 -32.26 43.31
CA LEU F 21 -34.02 -31.80 43.02
C LEU F 21 -34.42 -32.33 41.65
N THR F 22 -35.47 -33.14 41.62
CA THR F 22 -35.90 -33.75 40.39
C THR F 22 -37.18 -33.12 39.90
N ILE F 23 -37.18 -32.74 38.62
CA ILE F 23 -38.33 -32.08 38.02
C ILE F 23 -38.87 -32.98 36.91
N LYS F 24 -40.05 -33.56 37.12
CA LYS F 24 -40.51 -34.64 36.25
C LYS F 24 -41.06 -34.25 34.87
N ASP F 25 -41.62 -33.05 34.75
CA ASP F 25 -42.15 -32.60 33.47
C ASP F 25 -41.05 -31.88 32.75
N VAL F 26 -40.71 -32.38 31.57
CA VAL F 26 -39.60 -31.82 30.80
C VAL F 26 -39.76 -30.32 30.56
N GLN F 27 -40.98 -29.85 30.36
CA GLN F 27 -41.15 -28.41 30.12
C GLN F 27 -40.76 -27.58 31.34
N SER F 28 -41.13 -28.06 32.52
CA SER F 28 -40.70 -27.45 33.75
C SER F 28 -39.18 -27.44 33.86
N PHE F 29 -38.57 -28.62 33.76
CA PHE F 29 -37.11 -28.75 33.75
C PHE F 29 -36.50 -27.72 32.84
N ALA F 30 -36.97 -27.70 31.60
CA ALA F 30 -36.34 -26.85 30.63
C ALA F 30 -36.44 -25.46 31.16
N HIS F 31 -37.62 -25.13 31.62
CA HIS F 31 -37.91 -23.75 31.99
C HIS F 31 -37.02 -23.34 33.15
N LEU F 32 -36.93 -24.17 34.17
CA LEU F 32 -36.05 -23.86 35.27
C LEU F 32 -34.57 -23.76 34.91
N VAL F 33 -34.10 -24.60 33.98
CA VAL F 33 -32.67 -24.59 33.60
C VAL F 33 -32.39 -23.24 33.00
N LYS F 34 -33.26 -22.82 32.07
CA LYS F 34 -33.15 -21.51 31.50
C LYS F 34 -33.13 -20.48 32.62
N LEU F 35 -34.00 -20.62 33.62
CA LEU F 35 -34.08 -19.58 34.64
C LEU F 35 -32.75 -19.46 35.37
N ILE F 36 -32.09 -20.60 35.55
CA ILE F 36 -30.79 -20.65 36.20
C ILE F 36 -29.74 -19.89 35.39
N TYR F 37 -29.77 -20.03 34.07
CA TYR F 37 -28.76 -19.38 33.19
C TYR F 37 -29.01 -17.88 33.02
N GLN F 38 -30.17 -17.42 33.45
CA GLN F 38 -30.50 -16.00 33.45
C GLN F 38 -30.38 -15.39 34.86
N TYR F 39 -29.98 -16.15 35.85
CA TYR F 39 -29.98 -15.61 37.20
C TYR F 39 -29.42 -14.21 37.33
N ASP F 40 -30.31 -13.29 37.71
CA ASP F 40 -30.02 -11.90 38.11
C ASP F 40 -30.72 -11.57 39.44
N GLY F 41 -31.91 -12.14 39.64
CA GLY F 41 -32.89 -11.64 40.63
C GLY F 41 -34.15 -11.18 39.90
N GLU F 42 -34.88 -12.14 39.29
CA GLU F 42 -36.06 -11.82 38.47
C GLU F 42 -37.31 -12.72 38.72
N ASN F 43 -37.31 -13.94 38.19
CA ASN F 43 -38.41 -14.93 38.40
C ASN F 43 -38.06 -15.87 39.55
N GLU F 44 -36.78 -16.22 39.64
CA GLU F 44 -36.34 -17.13 40.67
C GLU F 44 -35.20 -16.56 41.51
N LEU F 45 -35.12 -17.03 42.74
CA LEU F 45 -34.41 -16.31 43.78
C LEU F 45 -33.63 -17.29 44.67
N LYS F 46 -32.42 -16.88 45.09
CA LYS F 46 -31.64 -17.64 46.06
C LYS F 46 -31.13 -16.79 47.23
N LEU F 47 -31.36 -17.30 48.44
CA LEU F 47 -31.26 -16.53 49.68
C LEU F 47 -30.31 -17.24 50.66
N PHE F 48 -29.72 -16.46 51.59
CA PHE F 48 -28.87 -16.98 52.70
C PHE F 48 -29.68 -17.75 53.75
N LYS F 53 -31.17 -13.02 52.82
CA LYS F 53 -30.40 -12.14 51.93
C LYS F 53 -30.03 -12.79 50.55
N GLY F 54 -30.15 -12.01 49.47
CA GLY F 54 -29.97 -12.48 48.09
C GLY F 54 -28.56 -12.91 47.72
N LEU F 55 -28.46 -13.68 46.64
CA LEU F 55 -27.18 -14.14 46.04
C LEU F 55 -26.88 -13.35 44.78
N LYS F 56 -25.64 -12.87 44.65
CA LYS F 56 -25.21 -12.17 43.44
C LYS F 56 -24.85 -13.18 42.32
N PRO F 57 -25.01 -12.81 41.03
CA PRO F 57 -24.75 -13.77 39.93
C PRO F 57 -23.33 -14.31 39.91
N THR F 58 -22.41 -13.60 40.54
CA THR F 58 -21.03 -14.02 40.68
C THR F 58 -20.95 -14.98 41.87
N GLU F 59 -22.02 -15.08 42.66
CA GLU F 59 -22.05 -15.97 43.82
C GLU F 59 -22.56 -17.33 43.33
N LEU F 60 -22.98 -17.37 42.06
CA LEU F 60 -23.61 -18.56 41.48
C LEU F 60 -22.65 -19.22 40.54
N PHE F 61 -22.84 -20.52 40.33
CA PHE F 61 -21.82 -21.31 39.71
C PHE F 61 -22.50 -22.56 39.13
N VAL F 62 -22.71 -22.56 37.83
CA VAL F 62 -23.53 -23.59 37.21
C VAL F 62 -22.72 -24.48 36.29
N VAL F 63 -22.80 -25.79 36.45
CA VAL F 63 -22.22 -26.60 35.39
C VAL F 63 -23.11 -27.65 34.78
N THR F 64 -23.14 -27.65 33.44
CA THR F 64 -23.78 -28.66 32.64
C THR F 64 -22.71 -29.49 31.92
N ASP F 65 -21.74 -28.82 31.33
CA ASP F 65 -20.68 -29.52 30.62
C ASP F 65 -19.48 -29.75 31.49
N ILE F 66 -19.49 -30.89 32.15
CA ILE F 66 -18.48 -31.26 33.11
C ILE F 66 -17.08 -31.30 32.50
N LEU F 67 -16.87 -32.06 31.44
CA LEU F 67 -15.54 -32.15 30.87
C LEU F 67 -15.05 -30.87 30.21
N GLY F 68 -15.99 -30.08 29.67
CA GLY F 68 -15.62 -28.82 29.02
C GLY F 68 -15.22 -27.73 29.99
N TYR F 69 -15.76 -27.79 31.20
CA TYR F 69 -15.57 -26.76 32.19
C TYR F 69 -14.10 -26.47 32.49
N ASP F 70 -13.73 -25.19 32.43
CA ASP F 70 -12.36 -24.77 32.65
C ASP F 70 -12.04 -24.62 34.12
N VAL F 71 -11.37 -25.63 34.64
CA VAL F 71 -11.17 -25.68 36.05
C VAL F 71 -9.91 -24.88 36.31
N ASN F 72 -9.08 -24.78 35.27
CA ASN F 72 -7.78 -24.17 35.35
C ASN F 72 -7.74 -22.68 35.02
N SER F 73 -8.86 -21.99 35.23
CA SER F 73 -8.94 -20.57 34.95
C SER F 73 -8.03 -19.76 35.86
N ALA F 74 -7.50 -18.68 35.30
CA ALA F 74 -6.59 -17.75 35.96
C ALA F 74 -6.95 -17.40 37.42
N ALA F 75 -8.24 -17.24 37.71
CA ALA F 75 -8.68 -16.90 39.07
C ALA F 75 -8.69 -18.10 40.02
N THR F 76 -8.80 -19.30 39.47
CA THR F 76 -8.88 -20.47 40.29
C THR F 76 -7.45 -20.87 40.66
N LEU F 77 -6.58 -20.96 39.65
CA LEU F 77 -5.13 -21.15 39.84
C LEU F 77 -4.52 -20.21 40.89
N LYS F 78 -4.85 -18.92 40.80
CA LYS F 78 -4.47 -17.91 41.81
C LYS F 78 -4.67 -18.50 43.21
N LEU F 79 -5.87 -19.02 43.45
CA LEU F 79 -6.20 -19.63 44.73
C LEU F 79 -5.47 -20.95 45.09
N ILE F 80 -5.17 -21.81 44.11
CA ILE F 80 -4.43 -23.04 44.39
C ILE F 80 -3.01 -22.69 44.83
N TYR F 81 -2.34 -21.88 44.01
CA TYR F 81 -1.00 -21.36 44.27
C TYR F 81 -0.83 -20.79 45.67
N GLY F 82 -1.81 -20.01 46.12
CA GLY F 82 -1.78 -19.47 47.48
C GLY F 82 -1.85 -20.54 48.55
N ASP F 83 -2.64 -21.56 48.25
CA ASP F 83 -2.78 -22.68 49.14
C ASP F 83 -1.52 -23.55 49.07
N LEU F 84 -0.97 -23.72 47.88
CA LEU F 84 0.25 -24.47 47.74
C LEU F 84 1.39 -23.79 48.47
N GLU F 85 1.39 -22.46 48.37
CA GLU F 85 2.38 -21.63 49.03
C GLU F 85 2.25 -21.79 50.55
N ALA F 86 1.00 -21.71 51.02
CA ALA F 86 0.67 -21.91 52.43
C ALA F 86 1.23 -23.23 52.90
N GLN F 87 0.91 -24.31 52.20
CA GLN F 87 1.48 -25.65 52.43
C GLN F 87 3.02 -25.64 52.55
N LEU F 88 3.66 -24.98 51.58
CA LEU F 88 5.10 -24.92 51.56
C LEU F 88 5.60 -24.26 52.82
N ASN F 89 5.11 -23.06 53.12
CA ASN F 89 5.49 -22.33 54.36
C ASN F 89 5.43 -23.17 55.63
N ASP F 90 4.42 -24.04 55.74
CA ASP F 90 4.28 -24.98 56.86
C ASP F 90 5.27 -26.14 56.93
N LYS F 91 6.10 -26.32 55.89
CA LYS F 91 7.11 -27.36 55.87
C LYS F 91 8.42 -26.62 55.71
N PRO F 92 8.93 -26.02 56.81
CA PRO F 92 10.05 -25.09 56.70
C PRO F 92 11.37 -25.70 56.25
N GLU F 93 11.60 -26.99 56.53
CA GLU F 93 12.82 -27.65 56.05
C GLU F 93 12.83 -27.60 54.52
N VAL F 94 11.68 -27.95 53.90
CA VAL F 94 11.45 -27.84 52.44
C VAL F 94 11.52 -26.41 51.87
N LYS F 95 10.74 -25.50 52.42
CA LYS F 95 10.83 -24.12 51.99
C LYS F 95 12.28 -23.64 52.04
N SER F 96 12.94 -23.97 53.13
CA SER F 96 14.32 -23.58 53.30
C SER F 96 15.25 -24.19 52.20
N MET F 97 15.01 -25.44 51.82
CA MET F 97 15.75 -26.03 50.71
C MET F 97 15.49 -25.30 49.37
N ILE F 98 14.22 -25.06 49.06
CA ILE F 98 13.81 -24.33 47.86
C ILE F 98 14.43 -22.95 47.76
N GLU F 99 14.43 -22.21 48.85
CA GLU F 99 14.97 -20.87 48.78
C GLU F 99 16.48 -20.83 48.59
N LYS F 100 17.19 -21.79 49.16
CA LYS F 100 18.61 -22.00 48.93
C LYS F 100 18.84 -22.25 47.44
N LEU F 101 18.05 -23.17 46.87
CA LEU F 101 18.17 -23.51 45.47
C LEU F 101 17.94 -22.31 44.57
N THR F 102 16.82 -21.62 44.77
CA THR F 102 16.53 -20.44 43.97
C THR F 102 17.62 -19.40 44.21
N GLY F 103 17.99 -19.22 45.48
CA GLY F 103 19.10 -18.34 45.85
C GLY F 103 20.38 -18.60 45.09
N THR F 104 20.84 -19.85 45.08
CA THR F 104 22.09 -20.19 44.40
C THR F 104 21.94 -19.89 42.92
N ILE F 105 20.76 -20.17 42.37
CA ILE F 105 20.52 -19.92 40.96
C ILE F 105 20.64 -18.44 40.72
N SER F 106 20.01 -17.67 41.61
CA SER F 106 20.01 -16.22 41.46
C SER F 106 21.43 -15.68 41.30
N GLN F 107 22.32 -16.18 42.16
CA GLN F 107 23.70 -15.74 42.13
C GLN F 107 24.44 -16.21 40.88
N LEU F 108 24.20 -17.42 40.41
CA LEU F 108 24.93 -17.90 39.24
C LEU F 108 24.67 -17.01 38.05
N ILE F 109 23.39 -16.85 37.69
CA ILE F 109 22.95 -15.90 36.68
C ILE F 109 23.46 -14.54 37.10
N GLY F 110 23.43 -14.25 38.39
CA GLY F 110 23.96 -12.98 38.87
C GLY F 110 25.30 -12.63 38.23
N TYR F 111 26.30 -13.51 38.33
CA TYR F 111 27.65 -13.22 37.79
C TYR F 111 27.60 -13.04 36.28
N GLU F 112 26.64 -13.68 35.66
CA GLU F 112 26.63 -13.76 34.24
C GLU F 112 26.18 -12.38 33.73
N LEU F 113 25.37 -11.68 34.52
CA LEU F 113 24.89 -10.35 34.14
C LEU F 113 25.98 -9.32 34.33
N LEU F 114 26.74 -9.47 35.42
CA LEU F 114 27.86 -8.60 35.73
C LEU F 114 28.94 -8.67 34.64
N GLU F 115 29.12 -9.84 34.04
CA GLU F 115 30.13 -10.02 32.98
C GLU F 115 29.51 -9.73 31.62
N HIS F 116 28.19 -9.55 31.58
CA HIS F 116 27.57 -9.19 30.32
C HIS F 116 27.91 -7.76 29.98
N GLU F 117 28.07 -7.51 28.69
CA GLU F 117 28.43 -6.20 28.17
C GLU F 117 27.38 -5.12 28.49
N MET F 118 26.10 -5.47 28.46
CA MET F 118 25.02 -4.52 28.72
C MET F 118 24.77 -4.33 30.21
N ASP F 119 24.18 -3.20 30.60
CA ASP F 119 23.98 -2.89 32.01
C ASP F 119 22.79 -3.68 32.52
N LEU F 120 22.99 -4.98 32.81
CA LEU F 120 21.86 -5.93 33.02
C LEU F 120 21.46 -6.10 34.48
N GLU F 121 20.19 -6.29 34.74
CA GLU F 121 19.65 -6.12 36.09
C GLU F 121 18.73 -7.28 36.39
N GLU F 122 18.67 -7.75 37.64
CA GLU F 122 17.70 -8.81 38.01
C GLU F 122 17.02 -8.46 39.34
N ASP F 123 15.79 -8.97 39.59
CA ASP F 123 15.15 -8.74 40.91
C ASP F 123 15.28 -9.93 41.83
N GLY F 124 14.48 -10.97 41.63
CA GLY F 124 14.69 -12.24 42.31
C GLY F 124 13.59 -13.22 41.98
N ILE F 125 13.72 -14.42 42.53
CA ILE F 125 12.67 -15.42 42.39
C ILE F 125 11.89 -15.65 43.68
N ILE F 126 10.58 -15.48 43.64
CA ILE F 126 9.69 -15.84 44.76
C ILE F 126 8.91 -17.11 44.40
N VAL F 127 8.39 -17.85 45.37
CA VAL F 127 7.73 -19.14 45.03
C VAL F 127 6.64 -19.06 43.95
N GLN F 128 5.66 -18.17 44.08
CA GLN F 128 4.62 -17.95 43.03
C GLN F 128 5.12 -17.96 41.61
N GLU F 129 6.33 -17.47 41.41
CA GLU F 129 6.96 -17.43 40.10
C GLU F 129 7.48 -18.78 39.71
N LEU F 130 8.02 -19.49 40.69
CA LEU F 130 8.33 -20.85 40.54
C LEU F 130 7.13 -21.67 40.04
N PHE F 131 5.96 -21.53 40.67
CA PHE F 131 4.78 -22.32 40.29
C PHE F 131 4.38 -22.00 38.87
N LYS F 132 4.61 -20.77 38.47
CA LYS F 132 4.28 -20.30 37.16
C LYS F 132 5.20 -20.83 36.08
N ALA F 133 6.50 -20.96 36.38
CA ALA F 133 7.43 -21.47 35.39
C ALA F 133 7.25 -22.97 35.22
N LEU F 134 7.04 -23.67 36.33
CA LEU F 134 6.38 -24.96 36.26
C LEU F 134 5.01 -24.55 35.78
N GLY F 135 4.30 -25.42 35.12
CA GLY F 135 2.99 -24.96 34.75
C GLY F 135 1.98 -25.56 35.68
N ILE F 136 2.07 -25.18 36.95
CA ILE F 136 1.30 -25.91 37.94
C ILE F 136 -0.18 -25.77 37.64
N LYS F 137 -0.85 -26.89 37.47
CA LYS F 137 -2.27 -26.87 37.15
C LYS F 137 -2.96 -28.17 37.59
N ILE F 138 -4.28 -28.15 37.62
CA ILE F 138 -4.99 -29.39 37.80
C ILE F 138 -4.92 -30.18 36.50
N GLU F 139 -4.62 -31.47 36.60
CA GLU F 139 -4.57 -32.38 35.47
C GLU F 139 -5.98 -32.79 35.00
N THR F 140 -6.27 -32.62 33.72
CA THR F 140 -7.61 -32.93 33.22
C THR F 140 -7.65 -33.78 31.95
N THR F 141 -6.54 -33.89 31.23
CA THR F 141 -6.55 -34.55 29.92
C THR F 141 -7.08 -35.99 29.97
N SER F 142 -6.77 -36.67 31.07
CA SER F 142 -7.14 -38.04 31.28
C SER F 142 -8.43 -38.19 32.10
N ASP F 143 -9.11 -37.11 32.45
CA ASP F 143 -10.20 -37.23 33.42
C ASP F 143 -11.29 -38.12 32.91
N THR F 144 -11.89 -38.87 33.84
CA THR F 144 -13.24 -39.38 33.64
C THR F 144 -14.20 -38.31 34.12
N ILE F 145 -15.46 -38.44 33.76
CA ILE F 145 -16.46 -37.50 34.18
C ILE F 145 -16.52 -37.47 35.69
N PHE F 146 -16.37 -38.62 36.33
CA PHE F 146 -16.36 -38.71 37.79
C PHE F 146 -15.21 -37.91 38.37
N GLU F 147 -14.02 -38.15 37.83
CA GLU F 147 -12.85 -37.48 38.33
C GLU F 147 -13.02 -35.99 38.20
N LYS F 148 -13.55 -35.56 37.07
CA LYS F 148 -13.69 -34.13 36.82
C LYS F 148 -14.67 -33.58 37.80
N VAL F 149 -15.71 -34.34 38.06
CA VAL F 149 -16.71 -33.92 39.04
C VAL F 149 -16.09 -33.73 40.42
N MET F 150 -15.11 -34.55 40.80
CA MET F 150 -14.43 -34.32 42.07
C MET F 150 -13.64 -33.00 41.98
N GLU F 151 -12.83 -32.84 40.94
CA GLU F 151 -12.06 -31.61 40.80
C GLU F 151 -12.91 -30.34 40.90
N ILE F 152 -14.09 -30.32 40.30
CA ILE F 152 -14.91 -29.11 40.28
C ILE F 152 -15.45 -28.83 41.64
N THR F 153 -16.00 -29.84 42.28
CA THR F 153 -16.31 -29.82 43.70
C THR F 153 -15.17 -29.30 44.61
N GLN F 154 -13.96 -29.75 44.35
CA GLN F 154 -12.80 -29.15 44.98
C GLN F 154 -12.68 -27.67 44.67
N VAL F 155 -12.77 -27.29 43.41
CA VAL F 155 -12.63 -25.90 43.04
C VAL F 155 -13.65 -25.06 43.79
N HIS F 156 -14.88 -25.57 43.90
CA HIS F 156 -15.94 -24.89 44.63
C HIS F 156 -15.50 -24.69 46.06
N ARG F 157 -14.79 -25.67 46.61
CA ARG F 157 -14.35 -25.59 47.99
C ARG F 157 -13.35 -24.43 48.20
N TYR F 158 -12.63 -24.07 47.16
CA TYR F 158 -11.69 -22.96 47.24
C TYR F 158 -12.31 -21.63 46.96
N LEU F 159 -13.32 -21.61 46.13
CA LEU F 159 -13.90 -20.33 45.81
C LEU F 159 -14.89 -20.05 46.89
N SER F 160 -14.49 -19.26 47.86
CA SER F 160 -15.35 -18.85 48.95
C SER F 160 -16.45 -18.00 48.38
N LYS F 161 -16.11 -17.28 47.33
CA LYS F 161 -17.00 -16.37 46.65
C LYS F 161 -18.24 -16.99 46.04
N LYS F 162 -18.14 -18.20 45.52
CA LYS F 162 -19.32 -18.85 45.00
C LYS F 162 -19.96 -19.53 46.17
N LYS F 163 -21.19 -19.20 46.43
CA LYS F 163 -21.88 -19.70 47.59
C LYS F 163 -22.58 -20.97 47.21
N LEU F 164 -22.89 -21.10 45.93
CA LEU F 164 -23.65 -22.25 45.45
C LEU F 164 -23.18 -22.83 44.11
N LEU F 165 -23.10 -24.17 44.09
CA LEU F 165 -22.79 -24.95 42.88
C LEU F 165 -24.03 -25.73 42.40
N ILE F 166 -24.40 -25.55 41.15
CA ILE F 166 -25.50 -26.29 40.57
C ILE F 166 -24.99 -27.15 39.44
N PHE F 167 -25.08 -28.48 39.61
CA PHE F 167 -24.79 -29.48 38.55
C PHE F 167 -26.09 -29.88 37.94
N ILE F 168 -26.13 -29.92 36.60
CA ILE F 168 -27.36 -30.24 35.86
C ILE F 168 -27.13 -31.51 35.05
N ASN F 169 -27.87 -32.58 35.33
CA ASN F 169 -27.74 -33.85 34.58
C ASN F 169 -26.46 -34.56 34.91
N ALA F 170 -25.84 -34.19 36.01
CA ALA F 170 -24.63 -34.85 36.45
C ALA F 170 -24.85 -36.33 36.54
N CYS F 171 -26.00 -36.75 37.05
CA CYS F 171 -26.29 -38.17 37.38
C CYS F 171 -26.69 -39.05 36.20
N THR F 172 -26.67 -38.52 34.99
CA THR F 172 -26.69 -39.36 33.79
C THR F 172 -25.30 -39.91 33.45
N TYR F 173 -24.25 -39.34 34.06
CA TYR F 173 -22.90 -39.80 33.79
C TYR F 173 -22.33 -40.61 34.91
N LEU F 174 -23.01 -40.63 36.05
CA LEU F 174 -22.48 -41.24 37.28
C LEU F 174 -23.27 -42.46 37.81
N THR F 175 -22.53 -43.54 38.12
CA THR F 175 -23.06 -44.72 38.80
C THR F 175 -23.54 -44.34 40.20
N GLU F 176 -24.45 -45.13 40.77
CA GLU F 176 -24.94 -44.94 42.17
C GLU F 176 -23.80 -44.87 43.20
N ASP F 177 -22.78 -45.70 43.03
CA ASP F 177 -21.63 -45.70 43.93
C ASP F 177 -20.75 -44.44 43.85
N GLU F 178 -20.64 -43.82 42.67
CA GLU F 178 -19.80 -42.63 42.47
C GLU F 178 -20.48 -41.41 43.01
N VAL F 179 -21.77 -41.27 42.72
CA VAL F 179 -22.56 -40.19 43.26
C VAL F 179 -22.38 -40.20 44.76
N GLN F 180 -22.34 -41.40 45.30
CA GLN F 180 -22.23 -41.62 46.72
C GLN F 180 -20.88 -41.12 47.20
N GLN F 181 -19.82 -41.34 46.43
CA GLN F 181 -18.54 -40.76 46.80
C GLN F 181 -18.50 -39.22 46.70
N VAL F 182 -19.30 -38.66 45.82
CA VAL F 182 -19.29 -37.22 45.64
C VAL F 182 -19.99 -36.65 46.84
N VAL F 183 -21.10 -37.27 47.21
CA VAL F 183 -21.93 -36.81 48.34
C VAL F 183 -21.18 -36.95 49.67
N GLU F 184 -20.44 -38.05 49.85
CA GLU F 184 -19.59 -38.20 51.01
C GLU F 184 -18.58 -37.05 51.06
N TYR F 185 -17.82 -36.84 49.99
CA TYR F 185 -16.91 -35.68 49.93
C TYR F 185 -17.59 -34.34 50.32
N ILE F 186 -18.69 -34.00 49.70
CA ILE F 186 -19.31 -32.74 50.00
C ILE F 186 -19.83 -32.62 51.39
N SER F 187 -20.47 -33.63 51.90
CA SER F 187 -21.06 -33.45 53.18
C SER F 187 -19.91 -33.17 54.06
N LEU F 188 -18.87 -33.92 53.87
CA LEU F 188 -17.71 -33.85 54.71
C LEU F 188 -17.04 -32.50 54.67
N ASN F 189 -16.84 -31.93 53.51
CA ASN F 189 -16.16 -30.66 53.44
C ASN F 189 -17.16 -29.55 53.57
N ASN F 190 -18.40 -29.95 53.75
CA ASN F 190 -19.49 -29.02 54.03
C ASN F 190 -19.62 -27.87 53.00
N VAL F 191 -20.08 -28.18 51.78
CA VAL F 191 -20.43 -27.09 50.84
C VAL F 191 -21.87 -27.24 50.35
N ASP F 192 -22.38 -26.25 49.65
CA ASP F 192 -23.74 -26.38 49.08
C ASP F 192 -23.68 -26.58 47.59
N VAL F 193 -24.12 -27.76 47.15
CA VAL F 193 -24.25 -28.03 45.70
C VAL F 193 -25.60 -28.69 45.44
N LEU F 194 -26.37 -28.10 44.52
CA LEU F 194 -27.67 -28.60 44.13
C LEU F 194 -27.53 -29.45 42.87
N PHE F 195 -28.03 -30.69 42.91
CA PHE F 195 -28.09 -31.53 41.72
C PHE F 195 -29.49 -31.48 41.08
N LEU F 196 -29.60 -30.77 39.97
CA LEU F 196 -30.84 -30.66 39.25
C LEU F 196 -30.95 -31.70 38.12
N GLU F 197 -32.00 -32.54 38.19
CA GLU F 197 -32.18 -33.70 37.31
C GLU F 197 -33.62 -33.71 36.81
N GLN F 198 -33.89 -34.58 35.83
CA GLN F 198 -35.22 -34.73 35.24
C GLN F 198 -35.70 -36.18 35.43
N ARG F 199 -34.82 -37.01 35.98
CA ARG F 199 -35.17 -38.36 36.36
C ARG F 199 -34.57 -38.67 37.73
N VAL F 200 -35.38 -39.40 38.49
CA VAL F 200 -35.15 -39.75 39.88
C VAL F 200 -33.81 -40.43 40.07
N VAL F 201 -33.08 -40.04 41.10
CA VAL F 201 -31.77 -40.61 41.31
C VAL F 201 -31.94 -41.71 42.31
N GLN F 202 -31.55 -42.92 41.94
CA GLN F 202 -31.87 -44.04 42.78
C GLN F 202 -31.18 -43.96 44.13
N ASN F 203 -31.87 -44.45 45.15
CA ASN F 203 -31.32 -44.72 46.47
C ASN F 203 -30.93 -43.50 47.28
N ARG F 204 -31.69 -42.41 47.14
CA ARG F 204 -31.50 -41.27 48.03
C ARG F 204 -32.69 -40.33 48.09
N PHE F 205 -32.69 -39.49 49.13
CA PHE F 205 -33.74 -38.53 49.36
C PHE F 205 -33.51 -37.37 48.41
N GLN F 206 -34.60 -36.82 47.87
CA GLN F 206 -34.55 -35.75 46.88
C GLN F 206 -35.89 -35.01 46.80
N TYR F 207 -35.87 -33.72 46.48
CA TYR F 207 -37.15 -33.07 46.26
C TYR F 207 -37.65 -33.47 44.88
N ILE F 208 -38.97 -33.58 44.73
CA ILE F 208 -39.54 -33.97 43.45
C ILE F 208 -40.74 -33.11 43.07
N LEU F 209 -40.71 -32.59 41.87
CA LEU F 209 -41.81 -31.88 41.29
C LEU F 209 -42.43 -32.88 40.41
N ASP F 210 -43.71 -33.09 40.60
CA ASP F 210 -44.45 -34.11 39.95
C ASP F 210 -44.82 -33.56 38.63
N GLU F 211 -45.64 -34.28 37.91
CA GLU F 211 -45.96 -33.92 36.58
C GLU F 211 -46.92 -32.81 36.85
N ASN F 212 -46.65 -32.16 37.97
CA ASN F 212 -47.27 -30.90 38.28
C ASN F 212 -48.40 -31.11 39.24
N PHE F 213 -48.46 -30.24 40.24
CA PHE F 213 -47.39 -29.29 40.48
C PHE F 213 -46.78 -29.61 41.84
N TYR F 214 -47.08 -30.82 42.34
CA TYR F 214 -46.84 -31.17 43.76
C TYR F 214 -45.38 -31.46 44.17
N LEU F 215 -44.90 -30.68 45.14
CA LEU F 215 -43.59 -30.85 45.71
C LEU F 215 -43.59 -31.81 46.88
N SER F 216 -42.69 -32.77 46.83
CA SER F 216 -42.58 -33.81 47.84
C SER F 216 -41.12 -34.17 48.05
N TYR F 217 -40.76 -34.60 49.25
CA TYR F 217 -39.36 -34.88 49.57
C TYR F 217 -39.15 -36.35 50.01
N GLU F 218 -38.90 -37.26 49.05
CA GLU F 218 -38.90 -38.72 49.30
C GLU F 218 -37.55 -39.40 49.08
N LYS F 219 -37.44 -40.66 49.49
CA LYS F 219 -36.30 -41.53 49.15
C LYS F 219 -36.65 -42.51 48.01
N ALA F 220 -35.88 -42.43 46.91
CA ALA F 220 -36.14 -43.27 45.75
C ALA F 220 -35.05 -44.32 45.53
N ARG G 3 4.81 26.95 35.08
CA ARG G 3 5.19 28.40 35.01
C ARG G 3 6.47 28.80 35.73
N VAL G 4 6.66 28.35 36.97
CA VAL G 4 7.94 28.61 37.67
C VAL G 4 8.79 27.34 37.71
N ASN G 5 10.02 27.41 37.20
CA ASN G 5 10.89 26.24 37.33
C ASN G 5 12.35 26.56 37.69
N PHE G 6 12.93 25.71 38.54
CA PHE G 6 14.40 25.72 38.83
C PHE G 6 14.91 24.34 39.36
N GLU G 10 19.48 25.94 39.40
CA GLU G 10 20.14 27.27 39.28
C GLU G 10 19.20 28.37 38.74
N GLU G 11 18.88 29.30 39.65
CA GLU G 11 17.88 30.38 39.49
C GLU G 11 16.43 30.19 38.93
N PRO G 12 15.43 30.86 39.56
CA PRO G 12 14.06 30.53 39.25
C PRO G 12 13.66 31.25 37.99
N ILE G 13 13.05 30.51 37.09
CA ILE G 13 12.75 30.99 35.78
C ILE G 13 11.24 30.98 35.60
N GLU G 14 10.71 32.00 34.92
CA GLU G 14 9.26 32.12 34.77
C GLU G 14 8.91 31.76 33.34
N ILE G 15 8.05 30.76 33.18
CA ILE G 15 7.61 30.29 31.87
C ILE G 15 6.22 30.78 31.66
N GLU G 16 6.04 31.62 30.64
CA GLU G 16 4.71 32.05 30.20
C GLU G 16 4.69 32.40 28.71
N LYS G 17 3.61 32.02 28.03
CA LYS G 17 3.60 31.86 26.58
C LYS G 17 4.85 31.08 26.13
N ALA G 18 5.42 31.43 24.97
CA ALA G 18 6.58 30.68 24.49
C ALA G 18 7.80 31.24 25.18
N THR G 19 8.38 30.51 26.11
CA THR G 19 9.65 30.96 26.67
C THR G 19 10.82 30.06 26.30
N PHE G 20 11.99 30.68 26.10
CA PHE G 20 13.16 29.97 25.60
C PHE G 20 14.21 29.85 26.70
N LEU G 21 14.77 28.65 26.88
CA LEU G 21 15.92 28.45 27.78
C LEU G 21 17.09 27.78 27.03
N THR G 22 18.17 28.52 26.81
CA THR G 22 19.36 27.94 26.23
C THR G 22 20.36 27.54 27.32
N ILE G 23 21.00 26.39 27.13
CA ILE G 23 22.10 25.94 27.99
C ILE G 23 23.28 25.55 27.11
N LYS G 24 24.38 26.32 27.14
CA LYS G 24 25.43 26.07 26.16
C LYS G 24 26.52 25.12 26.60
N ASP G 25 26.66 24.89 27.89
CA ASP G 25 27.54 23.82 28.32
C ASP G 25 26.86 22.44 28.13
N VAL G 26 27.26 21.68 27.11
CA VAL G 26 26.58 20.41 26.81
C VAL G 26 26.26 19.54 28.05
N GLN G 27 27.23 19.36 28.96
CA GLN G 27 26.99 18.49 30.13
C GLN G 27 25.74 18.90 30.93
N SER G 28 25.62 20.20 31.20
CA SER G 28 24.47 20.77 31.92
C SER G 28 23.18 20.76 31.08
N PHE G 29 23.32 20.68 29.76
CA PHE G 29 22.19 20.47 28.90
C PHE G 29 21.75 19.04 29.06
N ALA G 30 22.67 18.10 28.90
CA ALA G 30 22.38 16.70 29.11
C ALA G 30 21.72 16.49 30.46
N HIS G 31 22.43 16.93 31.51
CA HIS G 31 21.92 16.78 32.87
C HIS G 31 20.49 17.32 33.01
N LEU G 32 20.20 18.47 32.40
CA LEU G 32 18.86 19.00 32.58
C LEU G 32 17.87 18.12 31.86
N VAL G 33 18.16 17.71 30.63
CA VAL G 33 17.25 16.90 29.85
C VAL G 33 16.97 15.61 30.61
N LYS G 34 18.02 14.99 31.14
CA LYS G 34 17.78 13.85 32.01
C LYS G 34 16.77 14.20 33.05
N LEU G 35 17.02 15.27 33.81
CA LEU G 35 16.13 15.63 34.90
C LEU G 35 14.73 15.86 34.40
N ILE G 36 14.60 16.24 33.13
CA ILE G 36 13.29 16.46 32.58
C ILE G 36 12.51 15.18 32.36
N TYR G 37 13.21 14.15 31.91
CA TYR G 37 12.65 12.81 31.74
C TYR G 37 12.50 12.06 33.06
N GLN G 38 13.34 12.36 34.04
CA GLN G 38 13.26 11.73 35.35
C GLN G 38 12.18 12.31 36.26
N TYR G 39 11.53 13.41 35.86
CA TYR G 39 10.73 14.26 36.78
C TYR G 39 9.72 13.50 37.60
N ASP G 40 9.50 13.94 38.85
CA ASP G 40 8.47 13.29 39.71
C ASP G 40 7.63 14.20 40.61
N GLU G 44 14.06 16.53 42.97
CA GLU G 44 15.36 16.93 42.43
C GLU G 44 15.34 18.27 41.65
N LEU G 45 14.52 18.33 40.60
CA LEU G 45 14.22 19.56 39.84
C LEU G 45 12.73 19.84 40.03
N LYS G 46 12.39 21.09 40.38
CA LYS G 46 11.03 21.42 40.84
C LYS G 46 10.25 22.39 39.93
N LEU G 47 8.99 22.06 39.68
CA LEU G 47 8.14 22.85 38.79
C LEU G 47 6.90 23.35 39.53
N PHE G 48 6.61 24.64 39.42
CA PHE G 48 5.54 25.22 40.22
C PHE G 48 4.44 25.93 39.43
N ASP G 49 3.27 26.03 40.08
CA ASP G 49 2.17 26.89 39.66
C ASP G 49 2.23 28.28 40.32
N ALA G 50 1.13 29.02 40.17
CA ALA G 50 0.85 30.12 41.07
C ALA G 50 0.69 29.55 42.51
N GLN G 51 1.84 29.39 43.20
CA GLN G 51 1.98 28.91 44.61
C GLN G 51 2.12 27.39 44.80
N GLY G 54 3.12 23.38 42.81
CA GLY G 54 3.43 21.95 42.87
C GLY G 54 2.88 21.25 41.65
N LEU G 55 3.75 20.70 40.81
CA LEU G 55 3.29 20.13 39.57
C LEU G 55 3.47 18.61 39.62
N LYS G 56 2.36 17.91 39.36
CA LYS G 56 2.35 16.46 39.33
C LYS G 56 2.78 15.97 37.94
N PRO G 57 3.63 14.94 37.87
CA PRO G 57 4.14 14.38 36.61
C PRO G 57 3.13 14.31 35.46
N THR G 58 1.90 13.88 35.72
CA THR G 58 0.89 13.73 34.68
C THR G 58 0.46 15.08 34.08
N GLU G 59 0.83 16.17 34.76
CA GLU G 59 0.56 17.55 34.30
C GLU G 59 1.74 18.15 33.47
N LEU G 60 2.80 17.36 33.32
CA LEU G 60 3.95 17.74 32.50
C LEU G 60 3.98 16.91 31.23
N PHE G 61 4.55 17.44 30.15
CA PHE G 61 4.45 16.85 28.82
C PHE G 61 5.65 17.28 27.95
N VAL G 62 6.36 16.30 27.38
CA VAL G 62 7.69 16.52 26.81
C VAL G 62 7.86 15.93 25.42
N VAL G 63 8.41 16.69 24.48
CA VAL G 63 8.74 16.09 23.20
C VAL G 63 10.11 16.46 22.66
N THR G 64 10.85 15.44 22.25
CA THR G 64 12.13 15.57 21.61
C THR G 64 11.87 15.12 20.20
N ASP G 65 11.18 13.99 20.08
CA ASP G 65 10.93 13.42 18.77
C ASP G 65 9.61 13.91 18.25
N ILE G 66 9.66 15.03 17.56
CA ILE G 66 8.51 15.73 17.04
C ILE G 66 7.69 14.91 16.03
N LEU G 67 8.34 14.30 15.03
CA LEU G 67 7.65 13.47 14.04
C LEU G 67 7.14 12.12 14.56
N GLY G 68 7.77 11.62 15.62
CA GLY G 68 7.41 10.33 16.19
C GLY G 68 6.27 10.41 17.17
N TYR G 69 6.00 11.60 17.71
CA TYR G 69 5.00 11.76 18.75
C TYR G 69 3.64 11.47 18.17
N ASP G 70 2.86 10.67 18.86
CA ASP G 70 1.54 10.29 18.39
C ASP G 70 0.52 11.32 18.82
N VAL G 71 0.10 12.12 17.87
CA VAL G 71 -0.86 13.12 18.16
C VAL G 71 -2.24 12.43 18.20
N ASN G 72 -2.34 11.28 17.53
CA ASN G 72 -3.58 10.52 17.47
C ASN G 72 -3.84 9.46 18.55
N SER G 73 -3.13 9.54 19.67
CA SER G 73 -3.31 8.64 20.80
C SER G 73 -4.76 8.63 21.32
N ALA G 74 -5.22 7.48 21.80
CA ALA G 74 -6.63 7.32 22.23
C ALA G 74 -7.16 8.39 23.22
N ALA G 75 -6.34 8.81 24.18
CA ALA G 75 -6.81 9.81 25.14
C ALA G 75 -7.07 11.13 24.44
N THR G 76 -6.29 11.42 23.40
CA THR G 76 -6.45 12.65 22.64
C THR G 76 -7.57 12.54 21.59
N LEU G 77 -7.66 11.40 20.94
CA LEU G 77 -8.77 11.14 20.07
C LEU G 77 -10.11 11.27 20.81
N LYS G 78 -10.18 10.77 22.03
CA LYS G 78 -11.37 11.00 22.86
C LYS G 78 -11.73 12.47 22.96
N LEU G 79 -10.75 13.32 23.22
CA LEU G 79 -11.01 14.73 23.47
C LEU G 79 -11.47 15.48 22.22
N ILE G 80 -10.93 15.07 21.09
CA ILE G 80 -11.32 15.68 19.81
C ILE G 80 -12.72 15.26 19.42
N TYR G 81 -13.02 13.97 19.62
CA TYR G 81 -14.34 13.39 19.31
C TYR G 81 -15.39 14.09 20.14
N GLY G 82 -15.16 14.14 21.45
CA GLY G 82 -15.98 14.90 22.38
C GLY G 82 -16.24 16.28 21.81
N ASP G 83 -15.18 17.00 21.48
CA ASP G 83 -15.26 18.34 20.91
C ASP G 83 -15.96 18.36 19.54
N LEU G 84 -15.69 17.38 18.69
CA LEU G 84 -16.36 17.30 17.40
C LEU G 84 -17.86 17.08 17.55
N GLU G 85 -18.25 16.26 18.54
CA GLU G 85 -19.67 16.05 18.78
C GLU G 85 -20.38 17.29 19.33
N ALA G 86 -19.71 17.99 20.24
CA ALA G 86 -20.19 19.26 20.75
C ALA G 86 -20.42 20.26 19.63
N GLN G 87 -19.59 20.20 18.60
CA GLN G 87 -19.67 21.15 17.51
C GLN G 87 -20.85 20.77 16.63
N LEU G 88 -21.12 19.47 16.55
CA LEU G 88 -22.30 18.95 15.87
C LEU G 88 -23.53 19.44 16.59
N ASN G 89 -23.64 19.04 17.87
CA ASN G 89 -24.71 19.44 18.77
C ASN G 89 -25.17 20.87 18.64
N ASP G 90 -24.22 21.78 18.40
CA ASP G 90 -24.45 23.23 18.29
C ASP G 90 -24.72 23.64 16.84
N LYS G 91 -25.14 22.70 16.01
CA LYS G 91 -25.56 23.00 14.63
C LYS G 91 -26.78 22.09 14.36
N PRO G 92 -27.90 22.41 15.03
CA PRO G 92 -29.03 21.48 15.32
C PRO G 92 -29.63 20.88 14.06
N GLU G 93 -29.68 21.66 12.99
CA GLU G 93 -30.24 21.19 11.72
C GLU G 93 -29.34 20.12 11.11
N VAL G 94 -28.02 20.29 11.22
CA VAL G 94 -27.10 19.30 10.70
C VAL G 94 -27.16 18.00 11.49
N LYS G 95 -27.23 18.11 12.82
CA LYS G 95 -27.24 16.91 13.63
C LYS G 95 -28.47 16.05 13.34
N SER G 96 -29.59 16.74 13.20
CA SER G 96 -30.87 16.15 12.88
C SER G 96 -30.80 15.40 11.55
N MET G 97 -30.20 16.02 10.54
CA MET G 97 -29.93 15.38 9.27
C MET G 97 -29.17 14.05 9.51
N ILE G 98 -28.05 14.10 10.24
CA ILE G 98 -27.26 12.90 10.54
C ILE G 98 -28.06 11.87 11.31
N GLU G 99 -28.85 12.31 12.25
CA GLU G 99 -29.64 11.40 13.10
C GLU G 99 -30.57 10.53 12.26
N LYS G 100 -31.23 11.16 11.30
CA LYS G 100 -32.24 10.51 10.49
C LYS G 100 -31.62 9.66 9.39
N LEU G 101 -30.48 10.10 8.85
CA LEU G 101 -29.73 9.27 7.94
C LEU G 101 -29.21 7.96 8.62
N THR G 102 -28.73 8.03 9.86
CA THR G 102 -28.32 6.78 10.50
C THR G 102 -29.50 5.92 10.92
N GLY G 103 -30.57 6.57 11.36
CA GLY G 103 -31.84 5.91 11.57
C GLY G 103 -32.28 5.14 10.34
N THR G 104 -32.30 5.78 9.17
CA THR G 104 -32.73 5.09 7.95
C THR G 104 -31.87 3.86 7.64
N ILE G 105 -30.55 3.99 7.72
CA ILE G 105 -29.61 2.87 7.64
C ILE G 105 -30.02 1.76 8.62
N SER G 106 -30.22 2.08 9.92
CA SER G 106 -30.57 1.05 10.89
C SER G 106 -31.84 0.32 10.51
N GLN G 107 -32.84 1.06 10.01
CA GLN G 107 -34.02 0.42 9.46
C GLN G 107 -33.69 -0.53 8.31
N LEU G 108 -32.96 -0.07 7.28
CA LEU G 108 -32.66 -0.91 6.12
C LEU G 108 -31.95 -2.19 6.49
N ILE G 109 -30.85 -2.08 7.23
CA ILE G 109 -30.13 -3.25 7.67
C ILE G 109 -31.01 -4.14 8.49
N GLY G 110 -31.82 -3.54 9.35
CA GLY G 110 -32.76 -4.30 10.17
C GLY G 110 -33.76 -5.15 9.38
N TYR G 111 -34.02 -4.76 8.13
CA TYR G 111 -34.92 -5.54 7.32
C TYR G 111 -34.19 -6.77 6.87
N GLU G 112 -33.01 -6.55 6.30
CA GLU G 112 -32.04 -7.56 5.97
C GLU G 112 -31.84 -8.59 7.07
N LEU G 113 -31.95 -8.15 8.32
CA LEU G 113 -31.80 -9.06 9.46
C LEU G 113 -32.97 -10.01 9.55
N LEU G 114 -34.15 -9.45 9.38
CA LEU G 114 -35.38 -10.22 9.32
C LEU G 114 -35.36 -11.20 8.13
N GLU G 115 -34.84 -10.79 6.95
CA GLU G 115 -34.87 -11.72 5.82
C GLU G 115 -33.88 -12.86 6.01
N HIS G 116 -32.85 -12.64 6.84
CA HIS G 116 -31.82 -13.66 7.04
C HIS G 116 -32.39 -14.71 7.93
N GLU G 117 -32.02 -15.94 7.62
CA GLU G 117 -32.58 -17.10 8.32
C GLU G 117 -32.42 -17.14 9.85
N MET G 118 -31.33 -16.61 10.39
CA MET G 118 -31.08 -16.72 11.85
C MET G 118 -31.74 -15.60 12.68
N ASP G 119 -31.90 -15.85 13.98
CA ASP G 119 -32.49 -14.81 14.86
C ASP G 119 -31.43 -13.72 15.10
N LEU G 120 -31.50 -12.69 14.24
CA LEU G 120 -30.50 -11.61 14.27
C LEU G 120 -31.03 -10.35 14.88
N GLU G 121 -30.13 -9.67 15.57
CA GLU G 121 -30.38 -8.54 16.47
C GLU G 121 -29.36 -7.45 16.11
N GLU G 122 -29.70 -6.19 16.37
CA GLU G 122 -28.80 -5.06 16.18
C GLU G 122 -29.12 -4.07 17.27
N ASP G 123 -28.18 -3.20 17.63
CA ASP G 123 -28.51 -2.13 18.58
C ASP G 123 -28.81 -0.84 17.81
N GLY G 124 -27.90 0.13 17.80
CA GLY G 124 -28.09 1.36 17.04
C GLY G 124 -26.77 2.02 16.73
N ILE G 125 -26.84 3.08 15.93
CA ILE G 125 -25.63 3.82 15.58
C ILE G 125 -25.66 5.17 16.23
N ILE G 126 -24.70 5.42 17.11
CA ILE G 126 -24.52 6.76 17.70
C ILE G 126 -23.37 7.51 17.03
N VAL G 127 -23.33 8.83 17.13
CA VAL G 127 -22.31 9.56 16.37
C VAL G 127 -20.84 9.23 16.64
N GLN G 128 -20.46 8.87 17.87
CA GLN G 128 -19.08 8.42 18.16
C GLN G 128 -18.70 7.18 17.36
N GLU G 129 -19.66 6.30 17.12
CA GLU G 129 -19.46 5.14 16.26
C GLU G 129 -19.24 5.53 14.80
N LEU G 130 -19.89 6.61 14.36
CA LEU G 130 -19.67 7.12 13.03
C LEU G 130 -18.30 7.72 12.89
N PHE G 131 -17.87 8.46 13.92
CA PHE G 131 -16.53 9.01 13.99
C PHE G 131 -15.50 7.91 13.89
N LYS G 132 -15.66 6.83 14.62
CA LYS G 132 -14.71 5.73 14.56
C LYS G 132 -14.74 4.98 13.20
N ALA G 133 -15.90 4.92 12.56
CA ALA G 133 -16.06 4.25 11.28
C ALA G 133 -15.45 5.08 10.16
N LEU G 134 -15.73 6.37 10.14
CA LEU G 134 -14.97 7.29 9.33
C LEU G 134 -13.72 7.19 10.12
N GLY G 135 -12.57 7.52 9.59
CA GLY G 135 -11.42 7.23 10.41
C GLY G 135 -10.87 8.51 10.93
N ILE G 136 -11.71 9.29 11.62
CA ILE G 136 -11.30 10.65 11.99
C ILE G 136 -10.04 10.66 12.84
N LYS G 137 -9.00 11.28 12.29
CA LYS G 137 -7.74 11.57 12.98
C LYS G 137 -7.13 12.90 12.51
N ILE G 138 -6.09 13.34 13.21
CA ILE G 138 -5.29 14.49 12.78
C ILE G 138 -4.42 13.93 11.70
N GLU G 139 -4.36 14.60 10.55
CA GLU G 139 -3.51 14.16 9.43
C GLU G 139 -2.02 14.40 9.73
N THR G 140 -1.19 13.37 9.58
CA THR G 140 0.21 13.59 9.89
C THR G 140 1.19 13.15 8.84
N THR G 141 0.77 12.24 7.97
CA THR G 141 1.61 11.69 6.89
C THR G 141 2.35 12.78 6.10
N SER G 142 1.63 13.82 5.69
CA SER G 142 2.25 14.94 4.95
C SER G 142 2.98 16.04 5.80
N ASP G 143 2.93 15.94 7.13
CA ASP G 143 3.52 16.92 8.02
C ASP G 143 4.99 17.29 7.69
N THR G 144 5.36 18.53 7.94
CA THR G 144 6.78 18.93 7.99
C THR G 144 7.01 19.21 9.46
N ILE G 145 8.26 19.13 9.92
CA ILE G 145 8.49 19.36 11.32
C ILE G 145 7.72 20.59 11.75
N PHE G 146 7.64 21.59 10.88
CA PHE G 146 7.01 22.83 11.27
C PHE G 146 5.55 22.60 11.64
N GLU G 147 4.81 22.03 10.69
CA GLU G 147 3.41 21.65 10.87
C GLU G 147 3.16 20.80 12.10
N LYS G 148 4.02 19.81 12.32
CA LYS G 148 3.82 18.95 13.47
C LYS G 148 3.92 19.71 14.81
N VAL G 149 4.78 20.72 14.84
CA VAL G 149 4.91 21.54 16.03
C VAL G 149 3.60 22.30 16.32
N MET G 150 3.04 22.92 15.27
CA MET G 150 1.71 23.58 15.30
C MET G 150 0.64 22.60 15.85
N GLU G 151 0.53 21.42 15.24
CA GLU G 151 -0.40 20.39 15.69
C GLU G 151 -0.19 20.05 17.17
N ILE G 152 1.02 19.67 17.53
CA ILE G 152 1.34 19.35 18.91
C ILE G 152 0.93 20.45 19.90
N THR G 153 1.05 21.70 19.45
CA THR G 153 0.69 22.89 20.26
C THR G 153 -0.82 23.00 20.55
N GLN G 154 -1.63 22.86 19.50
CA GLN G 154 -3.07 22.78 19.61
C GLN G 154 -3.42 21.65 20.56
N VAL G 155 -2.92 20.46 20.25
CA VAL G 155 -3.14 19.32 21.12
C VAL G 155 -2.79 19.69 22.56
N HIS G 156 -1.86 20.61 22.77
CA HIS G 156 -1.54 21.07 24.13
C HIS G 156 -2.64 21.96 24.72
N ARG G 157 -3.37 22.68 23.88
CA ARG G 157 -4.51 23.48 24.37
C ARG G 157 -5.60 22.56 24.92
N TYR G 158 -5.87 21.47 24.20
CA TYR G 158 -6.85 20.45 24.61
C TYR G 158 -6.44 19.65 25.82
N LEU G 159 -5.19 19.24 25.89
CA LEU G 159 -4.77 18.45 27.02
C LEU G 159 -4.56 19.35 28.24
N SER G 160 -5.66 19.92 28.75
CA SER G 160 -5.59 20.95 29.80
C SER G 160 -5.22 20.41 31.20
N LYS G 161 -5.22 19.10 31.34
CA LYS G 161 -4.54 18.49 32.48
C LYS G 161 -2.99 18.53 32.32
N LYS G 162 -2.50 19.02 31.17
CA LYS G 162 -1.06 19.21 30.88
C LYS G 162 -0.77 20.70 30.92
N LYS G 163 -0.20 21.16 32.03
CA LYS G 163 -0.04 22.58 32.31
C LYS G 163 1.12 23.19 31.53
N LEU G 164 2.14 22.36 31.31
CA LEU G 164 3.38 22.79 30.65
C LEU G 164 3.85 21.74 29.64
N LEU G 165 4.23 22.23 28.47
CA LEU G 165 4.83 21.46 27.40
C LEU G 165 6.29 21.87 27.18
N ILE G 166 7.20 20.88 27.20
CA ILE G 166 8.62 21.12 26.94
C ILE G 166 9.05 20.49 25.62
N PHE G 167 9.58 21.28 24.71
CA PHE G 167 10.20 20.76 23.50
C PHE G 167 11.68 20.80 23.73
N ILE G 168 12.43 19.84 23.20
CA ILE G 168 13.86 19.87 23.37
C ILE G 168 14.48 19.80 22.01
N ASN G 169 15.37 20.77 21.70
CA ASN G 169 16.02 20.90 20.39
C ASN G 169 15.10 21.13 19.17
N ALA G 170 13.88 21.63 19.40
CA ALA G 170 12.94 21.98 18.34
C ALA G 170 13.51 23.00 17.34
N CYS G 171 14.21 23.99 17.88
CA CYS G 171 14.64 25.16 17.15
C CYS G 171 15.85 24.90 16.29
N THR G 172 16.19 23.64 16.12
CA THR G 172 17.27 23.25 15.23
C THR G 172 16.68 22.71 13.98
N TYR G 173 15.35 22.66 13.91
CA TYR G 173 14.67 22.09 12.76
C TYR G 173 13.94 23.19 12.01
N LEU G 174 13.96 24.37 12.60
CA LEU G 174 13.00 25.42 12.31
C LEU G 174 13.67 26.75 11.93
N THR G 175 13.22 27.35 10.83
CA THR G 175 13.68 28.66 10.41
C THR G 175 13.23 29.72 11.40
N GLU G 176 13.99 30.81 11.51
CA GLU G 176 13.73 31.84 12.52
C GLU G 176 12.33 32.45 12.36
N ASP G 177 11.80 32.35 11.13
CA ASP G 177 10.47 32.80 10.74
C ASP G 177 9.38 31.82 11.17
N GLU G 178 9.67 30.52 11.00
CA GLU G 178 8.79 29.50 11.55
C GLU G 178 8.74 29.62 13.06
N VAL G 179 9.86 29.95 13.69
CA VAL G 179 9.89 30.00 15.15
C VAL G 179 8.89 31.04 15.66
N GLN G 180 8.85 32.14 14.90
CA GLN G 180 8.06 33.31 15.31
C GLN G 180 6.56 33.00 15.06
N GLN G 181 6.27 32.28 13.97
CA GLN G 181 4.94 31.76 13.70
C GLN G 181 4.42 31.05 14.93
N VAL G 182 5.28 30.15 15.44
CA VAL G 182 4.97 29.20 16.49
C VAL G 182 4.85 29.92 17.78
N VAL G 183 5.73 30.89 17.99
CA VAL G 183 5.73 31.71 19.21
C VAL G 183 4.44 32.51 19.35
N GLU G 184 3.98 33.05 18.23
CA GLU G 184 2.71 33.73 18.13
C GLU G 184 1.59 32.71 18.35
N TYR G 185 1.53 31.69 17.51
CA TYR G 185 0.44 30.70 17.62
C TYR G 185 0.18 30.25 19.04
N ILE G 186 1.26 30.11 19.81
CA ILE G 186 1.22 29.78 21.25
C ILE G 186 0.56 30.87 22.10
N SER G 187 0.76 32.13 21.67
CA SER G 187 0.24 33.31 22.34
C SER G 187 -1.27 33.37 22.19
N LEU G 188 -1.76 33.07 20.98
CA LEU G 188 -3.20 33.05 20.71
C LEU G 188 -3.94 31.96 21.47
N ASN G 189 -3.23 31.01 22.05
CA ASN G 189 -3.87 29.91 22.77
C ASN G 189 -3.58 29.94 24.27
N ASN G 190 -2.80 30.92 24.73
CA ASN G 190 -2.45 31.05 26.15
C ASN G 190 -2.15 29.67 26.74
N VAL G 191 -1.05 29.10 26.24
CA VAL G 191 -0.52 27.84 26.73
C VAL G 191 0.94 28.12 27.11
N ASP G 192 1.38 27.61 28.25
CA ASP G 192 2.77 27.79 28.66
C ASP G 192 3.69 26.68 28.12
N VAL G 193 4.59 27.02 27.20
CA VAL G 193 5.57 26.06 26.69
C VAL G 193 7.02 26.53 26.80
N LEU G 194 7.87 25.66 27.36
CA LEU G 194 9.31 25.89 27.46
C LEU G 194 10.03 25.25 26.30
N PHE G 195 10.90 26.01 25.64
CA PHE G 195 11.75 25.47 24.58
C PHE G 195 13.20 25.38 25.09
N LEU G 196 13.69 24.16 25.25
CA LEU G 196 15.03 23.95 25.76
C LEU G 196 16.00 23.67 24.62
N GLU G 197 16.97 24.56 24.44
CA GLU G 197 17.96 24.43 23.38
C GLU G 197 19.38 24.42 23.94
N GLN G 198 20.36 24.09 23.09
CA GLN G 198 21.76 24.11 23.48
C GLN G 198 22.55 25.13 22.65
N ARG G 199 22.06 25.42 21.44
CA ARG G 199 22.57 26.52 20.61
C ARG G 199 21.62 27.71 20.74
N VAL G 200 22.16 28.90 20.95
CA VAL G 200 21.36 30.12 21.15
C VAL G 200 20.35 30.26 20.02
N VAL G 201 19.13 30.73 20.32
CA VAL G 201 18.13 30.93 19.26
C VAL G 201 18.24 32.34 18.69
N GLN G 202 18.48 32.45 17.39
CA GLN G 202 18.87 33.75 16.86
C GLN G 202 17.77 34.81 16.92
N ASN G 203 18.19 36.05 17.22
CA ASN G 203 17.35 37.23 17.03
C ASN G 203 16.09 37.19 17.92
N ARG G 204 16.24 36.87 19.21
CA ARG G 204 15.11 36.96 20.14
C ARG G 204 15.53 36.79 21.58
N PHE G 205 14.62 37.12 22.49
CA PHE G 205 14.89 37.10 23.92
C PHE G 205 14.77 35.68 24.46
N GLN G 206 15.82 35.25 25.17
CA GLN G 206 15.88 33.91 25.71
C GLN G 206 16.68 33.96 26.94
N TYR G 207 16.29 33.16 27.91
CA TYR G 207 17.18 32.88 28.99
C TYR G 207 18.37 32.15 28.37
N ILE G 208 19.55 32.51 28.86
CA ILE G 208 20.81 31.89 28.48
C ILE G 208 21.57 31.53 29.75
N LEU G 209 22.11 30.32 29.76
CA LEU G 209 23.06 29.94 30.78
C LEU G 209 24.33 29.59 30.01
N ASP G 210 25.31 30.49 30.08
CA ASP G 210 26.56 30.43 29.28
C ASP G 210 27.53 29.40 29.83
N GLU G 211 28.62 29.13 29.08
CA GLU G 211 29.62 28.12 29.49
C GLU G 211 30.03 28.34 30.92
N ASN G 212 30.26 29.61 31.25
CA ASN G 212 30.71 30.00 32.60
C ASN G 212 29.56 30.14 33.61
N PHE G 213 28.41 29.53 33.28
CA PHE G 213 27.21 29.47 34.14
C PHE G 213 26.55 30.80 34.59
N TYR G 214 26.63 31.80 33.71
CA TYR G 214 25.95 33.08 33.92
C TYR G 214 24.53 33.19 33.26
N LEU G 215 23.51 33.25 34.13
CA LEU G 215 22.10 33.37 33.71
C LEU G 215 21.75 34.75 33.12
N SER G 216 21.49 34.76 31.83
CA SER G 216 21.29 35.99 31.11
C SER G 216 19.89 35.98 30.51
N TYR G 217 19.31 37.15 30.28
CA TYR G 217 18.06 37.26 29.53
C TYR G 217 18.35 38.19 28.37
N GLU G 218 18.89 37.61 27.29
CA GLU G 218 19.66 38.36 26.32
C GLU G 218 18.97 38.54 24.95
N LYS G 219 19.65 38.08 23.88
CA LYS G 219 19.19 38.28 22.51
C LYS G 219 20.28 37.88 21.50
N VAL H 4 26.54 0.25 3.59
CA VAL H 4 25.18 0.84 3.33
C VAL H 4 25.28 2.24 2.67
N ASN H 5 24.23 2.67 1.97
CA ASN H 5 24.33 3.84 1.09
C ASN H 5 23.06 4.69 1.06
N PHE H 6 23.19 6.02 0.99
CA PHE H 6 22.04 6.91 0.73
C PHE H 6 22.30 7.81 -0.40
N SER H 7 21.28 7.98 -1.20
CA SER H 7 21.26 9.05 -2.11
C SER H 7 19.95 9.74 -1.85
N LEU H 8 19.95 11.04 -2.07
CA LEU H 8 18.73 11.87 -2.06
C LEU H 8 18.98 12.98 -3.09
N LEU H 9 20.24 13.04 -3.56
CA LEU H 9 20.83 14.13 -4.37
C LEU H 9 22.19 13.72 -4.98
N GLU H 11 26.96 11.76 -5.55
CA GLU H 11 25.57 11.90 -5.00
C GLU H 11 25.44 11.16 -3.69
N PRO H 12 26.03 9.93 -3.66
CA PRO H 12 25.75 8.89 -2.65
C PRO H 12 26.85 8.80 -1.61
N ILE H 13 26.44 8.69 -0.35
CA ILE H 13 27.39 8.61 0.73
C ILE H 13 27.35 7.20 1.34
N GLU H 14 28.50 6.55 1.40
CA GLU H 14 28.55 5.24 2.01
C GLU H 14 28.55 5.49 3.51
N ILE H 15 27.70 4.76 4.22
CA ILE H 15 27.74 4.77 5.68
C ILE H 15 28.40 3.48 6.18
N GLU H 16 29.67 3.57 6.53
CA GLU H 16 30.33 2.44 7.14
C GLU H 16 30.72 2.79 8.56
N LYS H 17 30.34 1.89 9.48
CA LYS H 17 30.56 2.09 10.89
C LYS H 17 29.93 3.40 11.39
N ALA H 18 30.71 4.17 12.13
CA ALA H 18 30.20 5.41 12.70
C ALA H 18 30.48 6.54 11.74
N THR H 19 29.46 6.89 10.98
CA THR H 19 29.62 7.95 10.03
C THR H 19 28.67 9.14 10.29
N PHE H 20 29.25 10.33 10.15
CA PHE H 20 28.59 11.56 10.49
C PHE H 20 28.17 12.38 9.25
N LEU H 21 27.02 13.04 9.37
CA LEU H 21 26.57 13.85 8.28
C LEU H 21 25.98 15.12 8.83
N THR H 22 26.63 16.24 8.54
CA THR H 22 26.14 17.55 8.98
C THR H 22 25.48 18.25 7.80
N ILE H 23 24.19 18.59 7.96
CA ILE H 23 23.47 19.37 6.97
C ILE H 23 23.29 20.78 7.48
N LYS H 24 24.09 21.68 6.94
CA LYS H 24 24.35 22.99 7.56
C LYS H 24 23.22 23.96 7.34
N ASP H 25 22.42 23.75 6.29
CA ASP H 25 21.20 24.52 6.05
C ASP H 25 20.01 23.91 6.74
N VAL H 26 19.27 24.71 7.49
CA VAL H 26 18.15 24.23 8.32
C VAL H 26 16.94 23.75 7.54
N GLN H 27 16.69 24.36 6.41
CA GLN H 27 15.65 23.89 5.52
C GLN H 27 15.97 22.46 5.14
N SER H 28 17.22 22.19 4.74
CA SER H 28 17.58 20.88 4.20
C SER H 28 17.71 19.82 5.26
N PHE H 29 18.07 20.24 6.49
CA PHE H 29 18.18 19.34 7.62
C PHE H 29 16.79 18.82 7.93
N ALA H 30 15.85 19.75 8.07
CA ALA H 30 14.45 19.43 8.29
C ALA H 30 13.88 18.59 7.17
N HIS H 31 14.13 18.95 5.92
CA HIS H 31 13.61 18.15 4.82
C HIS H 31 14.04 16.68 5.01
N LEU H 32 15.33 16.44 5.24
CA LEU H 32 15.87 15.08 5.30
C LEU H 32 15.32 14.27 6.47
N VAL H 33 15.14 14.95 7.60
CA VAL H 33 14.56 14.29 8.76
C VAL H 33 13.18 13.80 8.36
N LYS H 34 12.34 14.69 7.84
CA LYS H 34 11.05 14.28 7.29
C LYS H 34 11.17 13.08 6.34
N LEU H 35 12.15 13.07 5.44
CA LEU H 35 12.32 11.92 4.54
C LEU H 35 12.60 10.67 5.31
N ILE H 36 13.45 10.76 6.33
CA ILE H 36 13.76 9.58 7.13
C ILE H 36 12.48 9.08 7.80
N TYR H 37 11.75 9.95 8.48
CA TYR H 37 10.55 9.52 9.15
C TYR H 37 9.44 9.06 8.18
N GLN H 38 9.46 9.52 6.94
CA GLN H 38 8.51 9.06 5.93
C GLN H 38 9.09 7.93 5.09
N TYR H 39 10.12 7.25 5.57
CA TYR H 39 10.79 6.29 4.70
C TYR H 39 10.00 5.01 4.47
N ASP H 40 9.88 4.66 3.19
CA ASP H 40 9.19 3.43 2.74
C ASP H 40 9.97 2.65 1.66
N GLY H 41 10.59 3.37 0.72
CA GLY H 41 11.34 2.74 -0.37
C GLY H 41 10.92 3.28 -1.73
N GLU H 42 9.62 3.50 -1.87
CA GLU H 42 8.99 4.09 -3.07
C GLU H 42 9.19 5.62 -3.12
N ASN H 43 9.44 6.22 -1.96
CA ASN H 43 9.60 7.67 -1.87
C ASN H 43 11.06 8.09 -2.14
N GLU H 44 11.32 9.37 -1.93
CA GLU H 44 12.42 10.09 -2.56
C GLU H 44 13.78 9.92 -1.86
N LEU H 45 13.79 9.30 -0.68
CA LEU H 45 15.04 8.95 -0.01
C LEU H 45 15.34 7.51 -0.39
N LYS H 46 16.61 7.23 -0.64
CA LYS H 46 16.99 5.90 -1.09
C LYS H 46 18.15 5.36 -0.26
N LEU H 47 17.92 4.21 0.38
CA LEU H 47 18.93 3.54 1.23
C LEU H 47 19.20 2.10 0.70
N PHE H 48 20.48 1.71 0.67
CA PHE H 48 20.93 0.50 -0.05
C PHE H 48 21.59 -0.59 0.81
N ASP H 49 22.38 -1.42 0.14
CA ASP H 49 23.19 -2.49 0.75
C ASP H 49 24.65 -2.36 0.30
N LYS H 53 22.34 -4.11 -3.11
CA LYS H 53 21.10 -3.31 -3.04
C LYS H 53 20.02 -3.88 -2.10
N GLY H 54 19.07 -3.04 -1.67
CA GLY H 54 17.86 -3.51 -0.93
C GLY H 54 17.13 -2.53 -0.01
N LEU H 55 16.97 -2.96 1.26
CA LEU H 55 16.62 -2.15 2.47
C LEU H 55 15.17 -1.82 2.82
N LYS H 56 14.50 -2.79 3.45
CA LYS H 56 13.13 -2.66 3.98
C LYS H 56 13.00 -1.61 5.10
N PRO H 57 11.83 -0.94 5.19
CA PRO H 57 11.50 -0.05 6.31
C PRO H 57 11.53 -0.76 7.68
N THR H 58 11.15 -2.02 7.69
CA THR H 58 11.21 -2.86 8.88
C THR H 58 12.65 -3.02 9.36
N GLU H 59 13.60 -2.84 8.45
CA GLU H 59 15.03 -3.01 8.72
C GLU H 59 15.68 -1.71 9.16
N LEU H 60 14.91 -0.64 9.17
CA LEU H 60 15.43 0.69 9.51
C LEU H 60 15.22 1.05 10.99
N PHE H 61 16.05 1.92 11.51
CA PHE H 61 16.03 2.13 12.92
C PHE H 61 16.58 3.55 13.22
N VAL H 62 15.65 4.42 13.63
CA VAL H 62 15.85 5.86 13.75
C VAL H 62 15.58 6.33 15.15
N VAL H 63 16.54 6.95 15.82
CA VAL H 63 16.14 7.55 17.07
C VAL H 63 16.49 9.01 17.29
N THR H 64 15.47 9.78 17.61
CA THR H 64 15.67 11.16 17.97
C THR H 64 15.63 11.25 19.46
N ASP H 65 14.60 10.71 20.07
CA ASP H 65 14.44 10.79 21.50
C ASP H 65 15.08 9.61 22.16
N ILE H 66 16.18 9.87 22.84
CA ILE H 66 17.07 8.86 23.37
C ILE H 66 16.63 8.34 24.76
N LEU H 67 16.44 9.22 25.74
CA LEU H 67 15.91 8.81 27.04
C LEU H 67 14.59 8.06 26.92
N GLY H 68 13.78 8.48 25.95
CA GLY H 68 12.46 7.93 25.74
C GLY H 68 12.36 6.62 25.03
N TYR H 69 13.39 6.24 24.28
CA TYR H 69 13.39 4.95 23.57
C TYR H 69 13.24 3.72 24.48
N ASP H 70 12.27 2.86 24.17
CA ASP H 70 12.05 1.62 24.94
C ASP H 70 12.94 0.43 24.54
N VAL H 71 14.10 0.39 25.18
CA VAL H 71 15.13 -0.62 25.02
C VAL H 71 14.72 -1.99 25.61
N ASN H 72 13.72 -1.99 26.47
CA ASN H 72 13.27 -3.20 27.15
C ASN H 72 11.91 -3.65 26.68
N SER H 73 11.73 -3.68 25.37
CA SER H 73 10.50 -4.16 24.78
C SER H 73 10.62 -5.67 24.75
N ALA H 74 9.50 -6.35 24.56
CA ALA H 74 9.50 -7.81 24.51
C ALA H 74 10.41 -8.44 23.42
N ALA H 75 10.39 -7.82 22.25
CA ALA H 75 11.11 -8.33 21.09
C ALA H 75 12.60 -8.09 21.22
N THR H 76 12.96 -6.99 21.90
CA THR H 76 14.36 -6.75 22.21
C THR H 76 14.81 -7.71 23.30
N LEU H 77 14.02 -7.81 24.37
CA LEU H 77 14.39 -8.69 25.45
C LEU H 77 14.51 -10.15 25.01
N LYS H 78 13.71 -10.57 24.04
CA LYS H 78 13.82 -11.96 23.55
C LYS H 78 15.18 -12.23 22.94
N LEU H 79 15.76 -11.22 22.32
CA LEU H 79 17.05 -11.37 21.70
C LEU H 79 18.15 -11.35 22.71
N ILE H 80 17.98 -10.51 23.72
CA ILE H 80 18.99 -10.36 24.77
C ILE H 80 19.05 -11.60 25.66
N TYR H 81 17.89 -12.15 26.00
CA TYR H 81 17.78 -13.38 26.74
C TYR H 81 18.43 -14.52 25.95
N GLY H 82 18.30 -14.47 24.62
CA GLY H 82 18.86 -15.50 23.73
C GLY H 82 20.37 -15.51 23.78
N ASP H 83 20.94 -14.33 23.68
CA ASP H 83 22.38 -14.12 23.85
C ASP H 83 22.84 -14.58 25.20
N LEU H 84 22.01 -14.28 26.21
CA LEU H 84 22.36 -14.54 27.57
C LEU H 84 22.36 -16.03 27.84
N GLU H 85 21.42 -16.73 27.21
CA GLU H 85 21.44 -18.17 27.26
C GLU H 85 22.76 -18.72 26.72
N ALA H 86 23.25 -18.15 25.63
CA ALA H 86 24.43 -18.69 24.94
C ALA H 86 25.71 -18.48 25.75
N GLN H 87 25.93 -17.25 26.18
CA GLN H 87 26.96 -16.95 27.17
C GLN H 87 27.03 -17.98 28.33
N LEU H 88 25.92 -18.67 28.59
CA LEU H 88 25.77 -19.61 29.70
C LEU H 88 26.19 -20.99 29.27
N ASN H 89 25.79 -21.35 28.05
CA ASN H 89 26.30 -22.54 27.40
C ASN H 89 27.82 -22.51 27.13
N ASP H 90 28.41 -21.31 27.06
CA ASP H 90 29.87 -21.17 27.02
C ASP H 90 30.55 -21.37 28.38
N LYS H 91 29.81 -21.64 29.44
CA LYS H 91 30.43 -21.97 30.76
C LYS H 91 29.71 -23.16 31.37
N PRO H 92 29.94 -24.37 30.80
CA PRO H 92 29.12 -25.57 31.01
C PRO H 92 29.01 -26.03 32.46
N GLU H 93 30.03 -25.78 33.25
CA GLU H 93 29.95 -26.17 34.62
C GLU H 93 28.85 -25.35 35.35
N VAL H 94 28.73 -24.05 35.03
CA VAL H 94 27.62 -23.24 35.55
C VAL H 94 26.29 -23.74 35.02
N LYS H 95 26.28 -24.03 33.72
CA LYS H 95 25.09 -24.52 33.03
C LYS H 95 24.52 -25.75 33.72
N SER H 96 25.35 -26.77 33.90
CA SER H 96 24.87 -28.01 34.50
C SER H 96 24.40 -27.80 35.95
N MET H 97 25.11 -26.94 36.68
CA MET H 97 24.69 -26.56 38.02
C MET H 97 23.26 -25.96 38.00
N ILE H 98 22.96 -25.09 37.03
CA ILE H 98 21.57 -24.60 36.85
C ILE H 98 20.64 -25.75 36.56
N GLU H 99 20.91 -26.55 35.54
CA GLU H 99 20.04 -27.73 35.29
C GLU H 99 19.80 -28.61 36.55
N LYS H 100 20.87 -28.92 37.28
CA LYS H 100 20.79 -29.78 38.46
C LYS H 100 19.97 -29.11 39.57
N LEU H 101 20.15 -27.80 39.73
CA LEU H 101 19.40 -27.00 40.71
C LEU H 101 17.94 -26.74 40.36
N THR H 102 17.60 -26.67 39.09
CA THR H 102 16.20 -26.52 38.73
C THR H 102 15.57 -27.88 38.82
N GLY H 103 16.32 -28.90 38.47
CA GLY H 103 15.86 -30.27 38.61
C GLY H 103 15.41 -30.55 40.04
N THR H 104 16.27 -30.24 41.01
CA THR H 104 15.98 -30.44 42.43
C THR H 104 14.74 -29.65 42.87
N ILE H 105 14.67 -28.38 42.49
CA ILE H 105 13.45 -27.59 42.64
C ILE H 105 12.21 -28.35 42.21
N SER H 106 12.22 -28.89 41.00
CA SER H 106 11.04 -29.50 40.38
C SER H 106 10.54 -30.78 41.07
N GLN H 107 11.48 -31.64 41.46
CA GLN H 107 11.22 -32.80 42.33
C GLN H 107 10.51 -32.40 43.61
N LEU H 108 11.09 -31.44 44.32
CA LEU H 108 10.54 -31.00 45.60
C LEU H 108 9.10 -30.46 45.47
N ILE H 109 8.89 -29.51 44.56
CA ILE H 109 7.56 -29.01 44.33
C ILE H 109 6.68 -30.13 43.83
N GLY H 110 7.25 -31.06 43.08
CA GLY H 110 6.51 -32.25 42.62
C GLY H 110 5.89 -33.07 43.75
N TYR H 111 6.69 -33.35 44.77
CA TYR H 111 6.26 -34.09 45.95
C TYR H 111 5.17 -33.33 46.67
N GLU H 112 5.21 -32.00 46.55
CA GLU H 112 4.18 -31.16 47.10
C GLU H 112 2.89 -31.24 46.28
N LEU H 113 2.99 -31.50 44.98
CA LEU H 113 1.79 -31.71 44.12
C LEU H 113 1.11 -33.03 44.42
N LEU H 114 1.91 -34.03 44.80
CA LEU H 114 1.44 -35.36 45.18
C LEU H 114 0.73 -35.34 46.49
N GLU H 115 1.29 -34.64 47.46
CA GLU H 115 0.74 -34.68 48.81
C GLU H 115 -0.52 -33.84 48.93
N HIS H 116 -0.70 -32.89 48.03
CA HIS H 116 -1.89 -32.01 48.00
C HIS H 116 -3.12 -32.82 47.59
N GLU H 117 -4.24 -32.49 48.21
CA GLU H 117 -5.52 -33.18 47.96
C GLU H 117 -5.87 -33.37 46.48
N MET H 118 -5.62 -32.33 45.69
CA MET H 118 -6.03 -32.25 44.29
C MET H 118 -5.02 -32.90 43.38
N ASP H 119 -5.52 -33.30 42.24
CA ASP H 119 -4.71 -33.96 41.27
C ASP H 119 -3.93 -32.88 40.51
N LEU H 120 -2.69 -32.65 40.96
CA LEU H 120 -1.84 -31.59 40.38
C LEU H 120 -0.68 -32.08 39.55
N GLU H 121 -0.34 -31.25 38.58
CA GLU H 121 0.56 -31.58 37.50
C GLU H 121 1.46 -30.38 37.24
N GLU H 122 2.71 -30.65 36.90
CA GLU H 122 3.69 -29.64 36.52
C GLU H 122 4.43 -30.08 35.24
N ASP H 123 5.18 -29.20 34.60
CA ASP H 123 6.05 -29.59 33.49
C ASP H 123 7.49 -29.32 33.89
N GLY H 124 8.13 -28.31 33.34
CA GLY H 124 9.51 -28.04 33.77
C GLY H 124 9.90 -26.60 33.88
N ILE H 125 11.08 -26.37 34.45
CA ILE H 125 11.68 -25.04 34.37
C ILE H 125 12.79 -25.04 33.34
N ILE H 126 12.66 -24.21 32.32
CA ILE H 126 13.74 -24.01 31.35
C ILE H 126 14.39 -22.63 31.56
N VAL H 127 15.65 -22.46 31.16
CA VAL H 127 16.39 -21.22 31.48
C VAL H 127 15.62 -19.91 31.20
N GLN H 128 15.02 -19.79 30.00
CA GLN H 128 14.20 -18.62 29.69
C GLN H 128 13.21 -18.29 30.80
N GLU H 129 12.57 -19.32 31.35
CA GLU H 129 11.56 -19.11 32.34
C GLU H 129 12.20 -18.54 33.61
N LEU H 130 13.43 -18.99 33.89
CA LEU H 130 14.27 -18.41 34.93
C LEU H 130 14.61 -16.97 34.64
N PHE H 131 15.03 -16.65 33.42
CA PHE H 131 15.27 -15.24 33.09
C PHE H 131 14.08 -14.37 33.34
N LYS H 132 12.91 -14.89 33.02
CA LYS H 132 11.69 -14.11 33.08
C LYS H 132 11.24 -13.99 34.52
N ALA H 133 11.48 -15.02 35.33
CA ALA H 133 11.17 -15.00 36.75
C ALA H 133 12.15 -14.10 37.49
N LEU H 134 13.42 -14.17 37.09
CA LEU H 134 14.40 -13.15 37.43
C LEU H 134 13.87 -11.92 36.70
N GLY H 135 14.01 -10.72 37.18
CA GLY H 135 13.28 -9.71 36.37
C GLY H 135 14.12 -9.16 35.23
N ILE H 136 14.70 -10.05 34.42
CA ILE H 136 15.89 -9.65 33.66
C ILE H 136 15.62 -8.61 32.57
N LYS H 137 16.26 -7.46 32.76
CA LYS H 137 16.14 -6.30 31.86
C LYS H 137 17.38 -5.40 31.89
N ILE H 138 17.39 -4.40 31.00
CA ILE H 138 18.40 -3.36 30.98
C ILE H 138 18.05 -2.25 32.00
N GLU H 139 18.98 -1.91 32.88
CA GLU H 139 18.76 -0.84 33.86
C GLU H 139 18.76 0.50 33.16
N THR H 140 17.68 1.26 33.29
CA THR H 140 17.56 2.52 32.55
C THR H 140 17.16 3.70 33.42
N THR H 141 16.58 3.43 34.59
CA THR H 141 16.17 4.51 35.49
C THR H 141 17.28 5.56 35.72
N SER H 142 18.48 5.12 36.03
CA SER H 142 19.55 6.05 36.36
C SER H 142 20.39 6.52 35.14
N ASP H 143 19.95 6.18 33.92
CA ASP H 143 20.71 6.54 32.71
C ASP H 143 21.00 8.02 32.55
N THR H 144 22.19 8.30 32.05
CA THR H 144 22.52 9.57 31.46
C THR H 144 22.22 9.38 29.98
N ILE H 145 22.09 10.49 29.26
CA ILE H 145 21.94 10.38 27.83
C ILE H 145 23.09 9.54 27.29
N PHE H 146 24.30 9.75 27.81
CA PHE H 146 25.41 9.00 27.26
C PHE H 146 25.18 7.51 27.40
N GLU H 147 24.92 7.10 28.64
CA GLU H 147 24.69 5.71 28.97
C GLU H 147 23.64 5.10 28.09
N LYS H 148 22.49 5.78 27.97
CA LYS H 148 21.40 5.32 27.10
C LYS H 148 21.82 5.16 25.62
N VAL H 149 22.67 6.07 25.13
CA VAL H 149 23.20 5.96 23.77
C VAL H 149 24.05 4.69 23.60
N MET H 150 24.83 4.33 24.61
CA MET H 150 25.56 3.10 24.55
C MET H 150 24.57 1.94 24.43
N GLU H 151 23.59 1.88 25.34
CA GLU H 151 22.56 0.84 25.34
C GLU H 151 21.84 0.70 23.98
N ILE H 152 21.53 1.83 23.33
CA ILE H 152 20.85 1.77 22.04
C ILE H 152 21.77 1.19 21.00
N THR H 153 23.02 1.61 21.03
CA THR H 153 24.01 1.06 20.14
C THR H 153 24.04 -0.43 20.44
N GLN H 154 24.30 -0.78 21.70
CA GLN H 154 24.37 -2.20 22.09
C GLN H 154 23.17 -3.00 21.59
N VAL H 155 21.97 -2.45 21.70
CA VAL H 155 20.78 -3.14 21.26
C VAL H 155 20.75 -3.24 19.74
N HIS H 156 21.32 -2.26 19.07
CA HIS H 156 21.38 -2.31 17.61
C HIS H 156 22.18 -3.52 17.17
N ARG H 157 23.29 -3.77 17.85
CA ARG H 157 24.12 -4.92 17.56
C ARG H 157 23.37 -6.26 17.62
N TYR H 158 22.56 -6.49 18.66
CA TYR H 158 21.87 -7.79 18.85
C TYR H 158 20.71 -8.02 17.91
N LEU H 159 20.14 -6.93 17.39
CA LEU H 159 19.05 -7.01 16.43
C LEU H 159 19.69 -7.20 15.08
N SER H 160 19.84 -8.45 14.66
CA SER H 160 20.42 -8.74 13.34
C SER H 160 19.60 -8.13 12.19
N LYS H 161 18.28 -8.06 12.39
CA LYS H 161 17.35 -7.53 11.36
C LYS H 161 17.49 -6.03 11.14
N LYS H 162 18.08 -5.35 12.11
CA LYS H 162 18.33 -3.92 11.99
C LYS H 162 19.70 -3.69 11.39
N LYS H 163 19.71 -3.24 10.15
CA LYS H 163 20.96 -3.03 9.42
C LYS H 163 21.50 -1.59 9.59
N LEU H 164 20.61 -0.61 9.59
CA LEU H 164 21.01 0.78 9.81
C LEU H 164 20.38 1.43 11.03
N LEU H 165 21.21 1.80 12.00
CA LEU H 165 20.80 2.71 13.07
C LEU H 165 21.00 4.17 12.64
N ILE H 166 20.04 5.05 12.95
CA ILE H 166 20.25 6.48 12.75
C ILE H 166 19.91 7.37 13.96
N PHE H 167 20.89 8.09 14.47
CA PHE H 167 20.67 9.12 15.50
C PHE H 167 20.61 10.49 14.89
N ILE H 168 19.68 11.30 15.36
CA ILE H 168 19.47 12.65 14.93
C ILE H 168 19.72 13.56 16.14
N ASN H 169 20.70 14.43 16.02
CA ASN H 169 21.05 15.35 17.07
C ASN H 169 21.60 14.71 18.34
N ALA H 170 22.04 13.45 18.27
CA ALA H 170 22.69 12.78 19.40
C ALA H 170 23.90 13.55 19.92
N CYS H 171 24.68 14.10 19.00
CA CYS H 171 25.86 14.87 19.39
C CYS H 171 25.59 16.21 20.10
N THR H 172 24.34 16.59 20.28
CA THR H 172 24.12 17.81 21.02
C THR H 172 24.12 17.56 22.52
N TYR H 173 24.01 16.29 22.92
CA TYR H 173 23.94 15.95 24.36
C TYR H 173 25.26 15.42 24.87
N LEU H 174 26.16 15.17 23.93
CA LEU H 174 27.34 14.37 24.17
C LEU H 174 28.65 15.14 24.01
N THR H 175 29.48 15.10 25.05
CA THR H 175 30.82 15.69 25.02
C THR H 175 31.68 14.98 24.01
N GLU H 176 32.74 15.65 23.60
CA GLU H 176 33.72 15.11 22.64
C GLU H 176 34.35 13.74 23.05
N ASP H 177 34.66 13.56 24.35
CA ASP H 177 35.07 12.26 24.92
C ASP H 177 33.99 11.20 24.66
N GLU H 178 32.79 11.52 25.12
CA GLU H 178 31.69 10.60 25.05
C GLU H 178 31.49 10.11 23.63
N VAL H 179 31.53 11.01 22.63
CA VAL H 179 31.36 10.64 21.20
C VAL H 179 32.36 9.59 20.80
N GLN H 180 33.61 9.82 21.15
CA GLN H 180 34.68 8.90 20.81
C GLN H 180 34.37 7.46 21.19
N GLN H 181 33.90 7.28 22.42
CA GLN H 181 33.60 5.95 22.94
C GLN H 181 32.49 5.23 22.23
N VAL H 182 31.51 6.00 21.76
CA VAL H 182 30.40 5.44 21.04
C VAL H 182 30.96 4.93 19.72
N VAL H 183 31.83 5.74 19.11
CA VAL H 183 32.47 5.37 17.88
C VAL H 183 33.38 4.19 18.18
N GLU H 184 34.10 4.29 19.30
CA GLU H 184 35.01 3.22 19.67
C GLU H 184 34.24 1.89 19.81
N TYR H 185 33.14 1.91 20.57
CA TYR H 185 32.27 0.74 20.62
C TYR H 185 31.75 0.34 19.25
N ILE H 186 31.26 1.29 18.47
CA ILE H 186 30.60 0.98 17.19
C ILE H 186 31.50 0.23 16.22
N SER H 187 32.76 0.64 16.17
CA SER H 187 33.71 0.03 15.24
C SER H 187 34.01 -1.41 15.59
N LEU H 188 34.31 -1.63 16.87
CA LEU H 188 34.57 -2.94 17.42
C LEU H 188 33.55 -3.98 16.93
N ASN H 189 32.30 -3.56 16.80
CA ASN H 189 31.21 -4.50 16.63
C ASN H 189 30.59 -4.53 15.24
N ASN H 190 31.24 -3.88 14.28
CA ASN H 190 30.81 -3.96 12.88
C ASN H 190 29.34 -3.52 12.60
N VAL H 191 28.84 -2.54 13.35
CA VAL H 191 27.49 -2.04 13.11
C VAL H 191 27.46 -0.65 12.49
N ASP H 192 26.60 -0.48 11.48
CA ASP H 192 26.58 0.73 10.69
C ASP H 192 25.54 1.70 11.23
N VAL H 193 26.03 2.77 11.83
CA VAL H 193 25.19 3.80 12.42
C VAL H 193 25.55 5.18 11.87
N LEU H 194 24.52 5.93 11.44
CA LEU H 194 24.68 7.26 10.87
C LEU H 194 24.27 8.30 11.87
N PHE H 195 25.15 9.24 12.18
CA PHE H 195 24.78 10.34 13.05
C PHE H 195 24.43 11.53 12.17
N LEU H 196 23.20 12.01 12.29
CA LEU H 196 22.73 13.14 11.48
C LEU H 196 22.62 14.44 12.30
N GLU H 197 23.32 15.48 11.86
CA GLU H 197 23.46 16.72 12.64
C GLU H 197 23.24 17.98 11.79
N GLN H 198 23.04 19.10 12.45
CA GLN H 198 22.83 20.37 11.78
C GLN H 198 24.07 21.25 12.02
N ARG H 199 24.67 21.06 13.19
CA ARG H 199 25.93 21.66 13.58
C ARG H 199 27.07 20.71 13.33
N VAL H 200 28.22 21.28 13.07
CA VAL H 200 29.44 20.53 12.86
C VAL H 200 29.91 19.82 14.13
N VAL H 201 30.38 18.59 14.01
CA VAL H 201 30.84 17.86 15.16
C VAL H 201 32.30 18.11 15.43
N GLN H 202 32.61 18.55 16.62
CA GLN H 202 33.93 18.97 16.93
C GLN H 202 34.95 17.88 16.76
N ASN H 203 36.01 18.23 16.04
CA ASN H 203 37.22 17.43 15.83
C ASN H 203 37.19 16.05 15.23
N ARG H 204 36.38 15.84 14.22
CA ARG H 204 36.40 14.56 13.50
C ARG H 204 35.94 14.67 12.07
N PHE H 205 36.17 13.59 11.34
CA PHE H 205 35.81 13.48 9.96
C PHE H 205 34.30 13.36 9.75
N GLN H 206 33.73 14.27 8.97
CA GLN H 206 32.31 14.17 8.64
C GLN H 206 31.99 14.50 7.19
N TYR H 207 30.81 14.11 6.71
CA TYR H 207 30.28 14.67 5.48
C TYR H 207 29.56 15.97 5.79
N ILE H 208 29.73 16.97 4.92
CA ILE H 208 29.11 18.27 5.06
C ILE H 208 28.41 18.70 3.80
N LEU H 209 27.18 19.17 3.96
CA LEU H 209 26.45 19.83 2.93
C LEU H 209 26.38 21.26 3.41
N ASP H 210 27.00 22.18 2.65
CA ASP H 210 27.07 23.57 3.07
C ASP H 210 25.85 24.35 2.61
N GLU H 211 25.75 25.61 3.04
CA GLU H 211 24.59 26.45 2.74
C GLU H 211 24.31 26.60 1.24
N ASN H 212 25.30 26.28 0.41
CA ASN H 212 25.16 26.31 -1.05
C ASN H 212 25.24 24.92 -1.70
N PHE H 213 25.01 23.89 -0.89
CA PHE H 213 24.84 22.48 -1.32
C PHE H 213 26.03 21.75 -1.95
N TYR H 214 27.26 22.15 -1.62
CA TYR H 214 28.45 21.36 -1.95
C TYR H 214 28.55 20.28 -0.92
N LEU H 215 28.82 19.06 -1.36
CA LEU H 215 29.12 17.96 -0.44
C LEU H 215 30.64 17.78 -0.31
N SER H 216 31.13 17.64 0.91
CA SER H 216 32.56 17.32 1.13
C SER H 216 32.83 16.46 2.37
N TYR H 217 34.00 15.82 2.40
CA TYR H 217 34.42 14.97 3.51
C TYR H 217 35.67 15.53 4.22
N GLU H 218 35.48 16.10 5.40
CA GLU H 218 36.47 16.97 6.00
C GLU H 218 36.59 16.65 7.48
N LYS H 219 37.72 17.02 8.09
CA LYS H 219 37.81 17.12 9.54
C LYS H 219 37.15 18.46 9.89
N ALA H 220 36.76 18.64 11.14
CA ALA H 220 36.11 19.89 11.54
C ALA H 220 36.56 20.35 12.92
#